data_9B7T
#
_entry.id   9B7T
#
_cell.length_a   1.00
_cell.length_b   1.00
_cell.length_c   1.00
_cell.angle_alpha   90.00
_cell.angle_beta   90.00
_cell.angle_gamma   90.00
#
_symmetry.space_group_name_H-M   'P 1'
#
loop_
_entity.id
_entity.type
_entity.pdbx_description
1 polymer 'Capsid protein VP1'
2 polymer 'Fab3-3 heavy chain'
3 polymer 'Fab3-3 light chain'
#
loop_
_entity_poly.entity_id
_entity_poly.type
_entity_poly.pdbx_seq_one_letter_code
_entity_poly.pdbx_strand_id
1 'polypeptide(L)'
;MAADGYLPDWLEDNLSEGIREWWALKPGAPQPKANQQHQDNARGLVLPGYKYLGPGNGLDKGEPVNAADAAALEHDKAYD
QQLKAGDNPYLKYNHADAEFQERLKEDTSFGGNLGRAVFQAKKRLLEPLGLVEEAAKTAPGKKRPVEQSPQEPDSSAGIG
KSGAQPAKKRLNFGQTGDTESVPDPQPIGEPPAAPSGVGSLTMASGGGAPVADNNEGADGVGSSSGNWHCDSQWLGDRVI
TTSTRTWALPTYNNHLYKQISNSTSGGSSNDNAYFGYSTPWGYFDFNRFHCHFSPRDWQRLINNNWGFRPKRLNFKLFNI
QVKEVTDNNGVKTIANNLTSTVQVFTDSDYQLPYVLGSAHEGCLPPFPADVFMIPQYGYLTLNDGSQAVGRSSFYCLEYF
PSQMLRTGNNFQFSYEFENVPFHSSYAHSQSLDRLMNPLIDQYLYYLSKTINGSGQNQQTLKFSVAGPSNMAVQGRNYIP
GPSYRQQRVSTTVTQNNNSEFAWPGASSWALNGRNSLMNPGPAMASHKEGEDRFFPLSGSLIFGKQGTGRDNVDADKVMI
TNEEEIKTTNPVATESYGQVATNHQSAQAQAQTGWVQNQGILPGMVWQDRDVYLQGPIWAKIPHTDGNFHPSPLMGGFGM
KHPPPQILIKNTPVPADPPTAFNKDKLNSFITQYSTGQVSVEIEWELQKENSKRWNPEIQYTSNYYKSNNVEFAVNTEGV
YSEPRPIGTRYLTRNL
;
A,B,C,D,E,F
2 'polypeptide(L)'
;QVQLQESGPGLVKSSETLSLTCTVSGESISSSSHYWGWIRQPPGKGLEFLGNVYYLGSTYYNPSLESRVTILLDTSKNQF
SLKVNSVTVADTAVYYCARHGAGSYSGLFFDYWGQGARVIVSS
;
H
3 'polypeptide(L)'
;DIQMTQSPSFVSASVGDRVNITCRASQGINSWLAWYQQKPGKAPKLLIYSASSLQSGVPSRFSGSGSGTDFTLTISTLQP
EDFATYYCQQANSFPYTFGQGTKVD
;
L
#
# COMPACT_ATOMS: atom_id res chain seq x y z
N VAL A 239 46.09 -10.91 -26.14
CA VAL A 239 45.66 -9.99 -27.20
C VAL A 239 44.96 -8.79 -26.62
N ILE A 240 45.62 -7.63 -26.69
CA ILE A 240 45.06 -6.38 -26.19
C ILE A 240 44.62 -5.56 -27.40
N THR A 241 43.32 -5.43 -27.57
CA THR A 241 42.73 -4.65 -28.65
C THR A 241 42.33 -3.28 -28.15
N THR A 242 42.87 -2.26 -28.80
CA THR A 242 42.54 -0.88 -28.48
C THR A 242 41.84 -0.24 -29.67
N SER A 243 40.86 0.60 -29.41
CA SER A 243 40.21 1.36 -30.46
C SER A 243 39.91 2.77 -29.97
N THR A 244 40.32 3.76 -30.77
CA THR A 244 40.03 5.15 -30.49
C THR A 244 39.09 5.67 -31.57
N ARG A 245 38.17 6.55 -31.20
CA ARG A 245 37.23 7.12 -32.16
C ARG A 245 36.97 8.58 -31.85
N THR A 246 36.38 9.26 -32.82
CA THR A 246 35.92 10.64 -32.67
C THR A 246 34.40 10.64 -32.70
N TRP A 247 33.78 11.37 -31.78
CA TRP A 247 32.34 11.33 -31.59
C TRP A 247 31.77 12.74 -31.56
N ALA A 248 30.54 12.87 -32.03
CA ALA A 248 29.79 14.12 -31.97
C ALA A 248 28.50 13.87 -31.22
N LEU A 249 28.21 14.72 -30.25
CA LEU A 249 27.03 14.54 -29.41
C LEU A 249 26.07 15.70 -29.63
N PRO A 250 24.90 15.47 -30.21
CA PRO A 250 23.96 16.54 -30.45
C PRO A 250 23.11 16.84 -29.20
N THR A 251 22.09 17.65 -29.40
CA THR A 251 21.10 17.98 -28.38
C THR A 251 19.79 17.28 -28.71
N TYR A 252 19.37 16.35 -27.85
CA TYR A 252 18.18 15.55 -28.10
C TYR A 252 16.98 16.14 -27.39
N ASN A 253 15.83 16.11 -28.07
CA ASN A 253 14.56 16.47 -27.49
C ASN A 253 14.53 17.91 -26.97
N ASN A 254 15.44 18.75 -27.46
CA ASN A 254 15.59 20.11 -26.97
C ASN A 254 15.72 20.13 -25.44
N HIS A 255 16.56 19.25 -24.92
CA HIS A 255 16.84 19.15 -23.49
C HIS A 255 15.60 18.83 -22.67
N LEU A 256 14.92 17.75 -23.03
CA LEU A 256 13.61 17.47 -22.48
C LEU A 256 13.33 15.97 -22.51
N TYR A 257 12.46 15.51 -21.61
CA TYR A 257 12.01 14.13 -21.57
C TYR A 257 10.63 14.03 -22.20
N LYS A 258 10.41 13.01 -23.02
CA LYS A 258 9.15 12.88 -23.72
C LYS A 258 8.65 11.44 -23.63
N GLN A 259 7.45 11.28 -23.10
CA GLN A 259 6.75 10.00 -23.20
C GLN A 259 6.62 9.58 -24.65
N ILE A 260 6.83 8.29 -24.92
CA ILE A 260 6.57 7.74 -26.24
C ILE A 260 5.76 6.47 -26.11
N SER A 261 4.75 6.36 -26.94
CA SER A 261 3.97 5.14 -27.11
C SER A 261 3.72 5.00 -28.59
N ASN A 262 3.20 3.85 -29.00
CA ASN A 262 2.95 3.64 -30.42
C ASN A 262 1.98 4.68 -30.96
N SER A 263 1.12 5.21 -30.08
CA SER A 263 0.07 6.13 -30.50
C SER A 263 0.65 7.43 -31.04
N THR A 264 1.70 7.95 -30.42
CA THR A 264 2.38 9.10 -31.02
C THR A 264 2.99 8.73 -32.36
N SER A 265 3.28 7.44 -32.56
CA SER A 265 3.86 6.93 -33.81
C SER A 265 2.83 6.36 -34.75
N GLY A 266 1.54 6.39 -34.38
CA GLY A 266 0.48 5.88 -35.20
C GLY A 266 -0.08 4.52 -34.78
N GLY A 267 0.70 3.72 -34.07
CA GLY A 267 0.18 2.59 -33.32
C GLY A 267 0.34 1.22 -33.94
N SER A 268 0.44 1.12 -35.27
CA SER A 268 0.56 -0.16 -35.99
C SER A 268 -0.47 -1.13 -35.41
N SER A 269 -0.08 -2.33 -34.98
CA SER A 269 -1.00 -3.30 -34.42
C SER A 269 -0.61 -3.65 -33.00
N ASN A 270 -1.33 -4.57 -32.37
CA ASN A 270 -1.09 -4.88 -30.96
C ASN A 270 0.27 -5.52 -30.73
N ASP A 271 0.70 -6.44 -31.59
CA ASP A 271 2.04 -7.01 -31.49
C ASP A 271 3.12 -5.94 -31.44
N ASN A 272 2.92 -4.81 -32.11
CA ASN A 272 3.91 -3.76 -32.17
C ASN A 272 3.71 -2.69 -31.12
N ALA A 273 2.72 -2.83 -30.24
CA ALA A 273 2.44 -1.81 -29.26
C ALA A 273 3.59 -1.68 -28.28
N TYR A 274 3.78 -0.46 -27.77
CA TYR A 274 4.82 -0.25 -26.79
C TYR A 274 4.51 1.00 -25.98
N PHE A 275 5.19 1.11 -24.85
CA PHE A 275 5.12 2.30 -24.01
C PHE A 275 6.50 2.52 -23.42
N GLY A 276 6.90 3.78 -23.29
CA GLY A 276 8.19 4.07 -22.73
C GLY A 276 8.51 5.53 -22.87
N TYR A 277 9.72 5.91 -22.46
CA TYR A 277 10.12 7.30 -22.44
C TYR A 277 11.37 7.47 -23.27
N SER A 278 11.67 8.70 -23.63
CA SER A 278 12.90 9.05 -24.32
C SER A 278 13.62 10.12 -23.53
N THR A 279 14.94 10.08 -23.56
CA THR A 279 15.76 10.95 -22.73
C THR A 279 16.71 11.75 -23.61
N PRO A 280 17.13 12.93 -23.16
CA PRO A 280 18.19 13.65 -23.88
C PRO A 280 19.54 12.98 -23.81
N TRP A 281 19.76 12.08 -22.88
CA TRP A 281 21.05 11.44 -22.73
C TRP A 281 21.36 10.51 -23.90
N GLY A 282 22.56 10.65 -24.46
CA GLY A 282 23.09 9.70 -25.40
C GLY A 282 23.97 8.68 -24.69
N TYR A 283 24.10 7.51 -25.29
CA TYR A 283 24.91 6.47 -24.66
C TYR A 283 25.95 5.95 -25.63
N PHE A 284 27.10 5.58 -25.10
CA PHE A 284 28.20 5.04 -25.90
C PHE A 284 28.04 3.55 -26.01
N ASP A 285 27.68 3.05 -27.19
CA ASP A 285 27.53 1.62 -27.36
C ASP A 285 28.67 1.10 -28.22
N PHE A 286 29.56 0.33 -27.61
CA PHE A 286 30.69 -0.24 -28.30
C PHE A 286 30.58 -1.76 -28.29
N ASN A 287 29.34 -2.24 -28.17
CA ASN A 287 29.07 -3.67 -28.10
C ASN A 287 29.00 -4.33 -29.47
N ARG A 288 30.12 -4.35 -30.19
CA ARG A 288 30.22 -5.00 -31.49
C ARG A 288 31.63 -5.55 -31.63
N PHE A 289 31.80 -6.65 -32.34
CA PHE A 289 33.12 -7.24 -32.53
C PHE A 289 34.12 -6.39 -33.32
N HIS A 290 33.67 -5.77 -34.40
CA HIS A 290 34.57 -4.99 -35.25
C HIS A 290 35.13 -3.70 -34.64
N CYS A 291 34.48 -3.16 -33.62
CA CYS A 291 35.03 -2.00 -32.94
C CYS A 291 36.46 -2.27 -32.48
N HIS A 292 36.72 -3.48 -31.99
CA HIS A 292 38.00 -3.83 -31.40
C HIS A 292 38.98 -4.52 -32.35
N PHE A 293 38.54 -4.94 -33.54
CA PHE A 293 39.33 -5.84 -34.36
C PHE A 293 39.46 -5.33 -35.79
N SER A 294 40.67 -5.43 -36.32
CA SER A 294 40.87 -5.32 -37.76
C SER A 294 40.78 -6.71 -38.40
N PRO A 295 40.32 -6.78 -39.64
CA PRO A 295 40.22 -8.06 -40.37
C PRO A 295 41.58 -8.71 -40.61
N GLY A 307 39.47 -20.55 -28.95
CA GLY A 307 38.81 -20.09 -27.74
C GLY A 307 39.27 -18.72 -27.29
N PHE A 308 38.32 -17.89 -26.85
CA PHE A 308 38.64 -16.56 -26.38
C PHE A 308 37.54 -16.07 -25.45
N ARG A 309 37.84 -15.02 -24.70
CA ARG A 309 36.90 -14.41 -23.77
C ARG A 309 37.53 -13.17 -23.13
N PRO A 310 36.76 -12.11 -22.90
CA PRO A 310 37.34 -10.89 -22.34
C PRO A 310 37.67 -11.04 -20.87
N LYS A 311 38.79 -10.44 -20.49
CA LYS A 311 39.21 -10.40 -19.08
C LYS A 311 39.02 -9.02 -18.48
N ARG A 312 39.70 -8.01 -19.00
CA ARG A 312 39.67 -6.67 -18.48
C ARG A 312 39.13 -5.73 -19.54
N LEU A 313 38.64 -4.58 -19.09
CA LEU A 313 38.16 -3.52 -19.98
C LEU A 313 38.78 -2.21 -19.53
N ASN A 314 38.92 -1.28 -20.47
CA ASN A 314 39.38 0.06 -20.14
C ASN A 314 38.54 1.03 -20.95
N PHE A 315 38.38 2.25 -20.44
CA PHE A 315 37.57 3.25 -21.13
C PHE A 315 38.15 4.63 -20.88
N LYS A 316 38.19 5.45 -21.92
CA LYS A 316 38.74 6.80 -21.83
C LYS A 316 37.92 7.75 -22.70
N LEU A 317 37.55 8.88 -22.11
CA LEU A 317 36.78 9.92 -22.79
C LEU A 317 37.45 11.26 -22.52
N PHE A 318 37.95 11.91 -23.56
CA PHE A 318 38.77 13.11 -23.34
C PHE A 318 38.69 14.02 -24.55
N ASN A 319 39.44 15.13 -24.46
CA ASN A 319 39.44 16.19 -25.45
C ASN A 319 38.03 16.72 -25.69
N ILE A 320 37.39 17.14 -24.60
CA ILE A 320 36.03 17.67 -24.71
C ILE A 320 36.07 19.02 -25.40
N GLN A 321 35.32 19.13 -26.50
CA GLN A 321 35.26 20.35 -27.29
C GLN A 321 33.81 20.71 -27.49
N VAL A 322 33.41 21.89 -27.05
CA VAL A 322 32.02 22.30 -27.08
C VAL A 322 31.82 23.33 -28.18
N LYS A 323 30.73 23.17 -28.93
CA LYS A 323 30.39 24.05 -30.02
C LYS A 323 29.01 24.63 -29.77
N GLU A 324 28.67 25.65 -30.52
CA GLU A 324 27.31 26.17 -30.59
C GLU A 324 27.03 26.75 -31.96
N VAL A 325 25.81 26.57 -32.45
CA VAL A 325 25.42 27.05 -33.77
C VAL A 325 24.48 28.23 -33.58
N THR A 326 24.77 29.33 -34.26
CA THR A 326 23.94 30.53 -34.24
C THR A 326 23.60 30.92 -35.67
N ASP A 327 22.32 30.84 -36.01
CA ASP A 327 21.83 31.26 -37.32
C ASP A 327 21.44 32.72 -37.26
N ASN A 328 22.17 33.55 -37.99
CA ASN A 328 21.84 34.96 -38.18
C ASN A 328 21.30 35.12 -39.60
N ASN A 329 20.01 35.44 -39.71
CA ASN A 329 19.32 35.52 -41.00
C ASN A 329 19.46 34.15 -41.65
N GLY A 330 20.15 34.02 -42.78
CA GLY A 330 20.26 32.75 -43.45
C GLY A 330 21.51 31.93 -43.23
N VAL A 331 22.50 32.46 -42.52
CA VAL A 331 23.79 31.80 -42.36
C VAL A 331 24.00 31.46 -40.89
N LYS A 332 24.80 30.44 -40.61
CA LYS A 332 25.10 30.03 -39.23
C LYS A 332 26.58 30.19 -38.93
N THR A 333 26.89 30.33 -37.65
CA THR A 333 28.24 30.59 -37.17
C THR A 333 28.53 29.74 -35.96
N ILE A 334 29.62 28.96 -36.03
CA ILE A 334 29.97 28.04 -34.95
C ILE A 334 31.14 28.62 -34.18
N ALA A 335 30.92 28.85 -32.89
CA ALA A 335 31.93 29.45 -32.03
C ALA A 335 32.08 28.62 -30.76
N ASN A 336 33.32 28.26 -30.46
CA ASN A 336 33.62 27.48 -29.27
C ASN A 336 33.12 28.19 -28.03
N ASN A 337 32.37 27.48 -27.20
CA ASN A 337 31.96 27.94 -25.88
C ASN A 337 32.87 27.24 -24.88
N LEU A 338 33.76 28.01 -24.24
CA LEU A 338 34.78 27.40 -23.41
C LEU A 338 34.29 26.98 -22.04
N THR A 339 33.31 27.68 -21.48
CA THR A 339 32.83 27.39 -20.14
C THR A 339 31.70 26.37 -20.09
N SER A 340 31.35 25.77 -21.22
CA SER A 340 30.30 24.77 -21.24
C SER A 340 30.77 23.46 -20.59
N THR A 341 29.80 22.65 -20.19
CA THR A 341 30.05 21.42 -19.45
C THR A 341 29.29 20.26 -20.07
N VAL A 342 29.97 19.14 -20.21
CA VAL A 342 29.40 17.89 -20.69
C VAL A 342 29.35 16.92 -19.53
N GLN A 343 28.24 16.21 -19.39
CA GLN A 343 28.03 15.28 -18.29
C GLN A 343 28.20 13.85 -18.77
N VAL A 344 28.89 13.03 -18.00
CA VAL A 344 29.05 11.63 -18.32
C VAL A 344 29.03 10.83 -17.03
N PHE A 345 28.31 9.72 -17.03
CA PHE A 345 28.33 8.82 -15.89
C PHE A 345 28.05 7.42 -16.40
N THR A 346 28.53 6.44 -15.66
CA THR A 346 28.25 5.04 -15.94
C THR A 346 27.24 4.56 -14.91
N ASP A 347 26.37 3.65 -15.33
CA ASP A 347 25.46 3.02 -14.39
C ASP A 347 26.09 1.67 -14.05
N SER A 348 26.75 1.60 -12.91
CA SER A 348 27.45 0.38 -12.53
C SER A 348 26.65 -0.48 -11.57
N ASP A 349 25.50 -0.01 -11.09
CA ASP A 349 24.61 -0.81 -10.27
C ASP A 349 23.47 -1.41 -11.07
N TYR A 350 23.44 -1.19 -12.37
CA TYR A 350 22.46 -1.83 -13.24
C TYR A 350 21.05 -1.43 -12.83
N GLN A 351 20.92 -0.21 -12.33
CA GLN A 351 19.66 0.33 -11.85
C GLN A 351 18.76 0.83 -12.97
N LEU A 352 19.32 1.25 -14.09
CA LEU A 352 18.58 1.62 -15.29
C LEU A 352 18.28 0.40 -16.14
N PRO A 353 17.35 0.50 -17.09
CA PRO A 353 17.19 -0.57 -18.07
C PRO A 353 18.45 -0.72 -18.90
N TYR A 354 18.65 -1.91 -19.48
CA TYR A 354 19.89 -2.21 -20.18
C TYR A 354 19.58 -2.43 -21.65
N VAL A 355 19.93 -1.45 -22.48
CA VAL A 355 19.64 -1.50 -23.91
C VAL A 355 20.84 -1.91 -24.75
N LEU A 356 21.98 -2.21 -24.14
CA LEU A 356 23.13 -2.58 -24.96
C LEU A 356 23.03 -4.00 -25.51
N GLY A 357 22.01 -4.76 -25.13
CA GLY A 357 21.93 -6.13 -25.59
C GLY A 357 21.06 -6.34 -26.80
N SER A 358 20.45 -5.29 -27.33
CA SER A 358 19.48 -5.42 -28.42
C SER A 358 20.10 -5.23 -29.80
N ALA A 359 21.42 -5.05 -29.88
CA ALA A 359 22.14 -5.02 -31.16
C ALA A 359 21.74 -3.83 -32.02
N HIS A 360 21.44 -2.71 -31.38
CA HIS A 360 21.07 -1.51 -32.11
C HIS A 360 22.25 -0.92 -32.85
N GLU A 361 21.93 -0.06 -33.81
CA GLU A 361 22.96 0.66 -34.54
C GLU A 361 23.56 1.69 -33.59
N GLY A 362 24.53 2.46 -34.09
CA GLY A 362 25.15 3.50 -33.28
C GLY A 362 26.43 3.08 -32.60
N CYS A 363 26.94 1.89 -32.91
CA CYS A 363 28.19 1.40 -32.36
C CYS A 363 29.35 2.22 -32.88
N LEU A 364 30.47 2.13 -32.18
CA LEU A 364 31.72 2.69 -32.69
C LEU A 364 32.00 2.13 -34.07
N PRO A 365 32.46 2.94 -35.03
CA PRO A 365 32.57 2.46 -36.40
C PRO A 365 33.74 1.51 -36.55
N PRO A 366 33.67 0.57 -37.49
CA PRO A 366 34.81 -0.32 -37.71
C PRO A 366 36.01 0.37 -38.32
N PHE A 367 35.82 1.53 -38.97
CA PHE A 367 36.96 2.12 -39.68
C PHE A 367 37.46 3.36 -38.96
N PRO A 368 38.74 3.39 -38.58
CA PRO A 368 39.21 4.36 -37.59
C PRO A 368 39.08 5.82 -37.98
N ALA A 369 38.88 6.13 -39.27
CA ALA A 369 38.77 7.54 -39.65
C ALA A 369 37.38 8.11 -39.40
N ASP A 370 36.38 7.28 -39.18
CA ASP A 370 34.99 7.74 -39.15
C ASP A 370 34.66 8.48 -37.86
N VAL A 371 33.75 9.44 -37.99
CA VAL A 371 33.23 10.22 -36.87
C VAL A 371 31.75 9.89 -36.74
N PHE A 372 31.34 9.44 -35.56
CA PHE A 372 30.01 8.89 -35.38
C PHE A 372 29.18 9.78 -34.46
N MET A 373 27.87 9.67 -34.61
CA MET A 373 26.89 10.39 -33.82
C MET A 373 26.42 9.52 -32.66
N ILE A 374 26.44 10.06 -31.46
CA ILE A 374 26.07 9.28 -30.27
C ILE A 374 24.57 9.05 -30.27
N PRO A 375 24.11 7.80 -30.28
CA PRO A 375 22.68 7.53 -30.34
C PRO A 375 21.95 7.94 -29.07
N GLN A 376 20.67 8.21 -29.21
CA GLN A 376 19.83 8.64 -28.11
C GLN A 376 19.48 7.45 -27.23
N TYR A 377 19.13 7.74 -25.97
CA TYR A 377 18.82 6.71 -25.00
C TYR A 377 17.34 6.81 -24.57
N GLY A 378 16.59 5.75 -24.81
CA GLY A 378 15.23 5.66 -24.34
C GLY A 378 14.91 4.21 -24.06
N TYR A 379 13.84 3.99 -23.30
CA TYR A 379 13.59 2.65 -22.78
C TYR A 379 12.11 2.34 -22.81
N LEU A 380 11.78 1.05 -22.85
CA LEU A 380 10.40 0.64 -22.86
C LEU A 380 10.02 0.02 -21.53
N THR A 381 8.78 0.26 -21.10
CA THR A 381 8.29 -0.26 -19.84
C THR A 381 6.97 -0.97 -20.10
N LEU A 382 6.33 -1.40 -19.02
CA LEU A 382 5.09 -2.15 -19.13
C LEU A 382 4.00 -1.28 -19.73
N ASN A 383 3.12 -1.92 -20.51
CA ASN A 383 2.08 -1.21 -21.22
C ASN A 383 0.85 -2.09 -21.36
N ASP A 384 -0.27 -1.45 -21.64
CA ASP A 384 -1.46 -2.15 -22.09
C ASP A 384 -2.02 -1.36 -23.27
N GLY A 385 -1.98 -1.96 -24.45
CA GLY A 385 -2.21 -1.16 -25.65
C GLY A 385 -1.11 -0.13 -25.78
N SER A 386 -1.50 1.13 -25.93
CA SER A 386 -0.56 2.24 -25.82
C SER A 386 -0.52 2.84 -24.41
N GLN A 387 -1.45 2.47 -23.54
CA GLN A 387 -1.55 3.01 -22.21
C GLN A 387 -0.58 2.33 -21.26
N ALA A 388 -0.24 3.04 -20.18
CA ALA A 388 0.70 2.57 -19.18
C ALA A 388 -0.06 1.99 -18.00
N VAL A 389 0.36 0.81 -17.55
CA VAL A 389 -0.16 0.29 -16.30
C VAL A 389 0.59 0.94 -15.14
N GLY A 390 -0.07 0.97 -13.98
CA GLY A 390 0.51 1.58 -12.79
C GLY A 390 1.89 1.04 -12.47
N ARG A 391 2.14 -0.19 -12.88
CA ARG A 391 3.43 -0.86 -12.65
C ARG A 391 4.59 -0.27 -13.47
N SER A 392 4.28 0.40 -14.57
CA SER A 392 5.29 0.97 -15.44
C SER A 392 6.16 1.96 -14.70
N SER A 393 7.45 1.91 -14.98
CA SER A 393 8.43 2.76 -14.32
C SER A 393 8.90 3.94 -15.14
N PHE A 394 9.32 4.98 -14.44
CA PHE A 394 9.88 6.17 -15.04
C PHE A 394 11.22 6.47 -14.42
N TYR A 395 12.27 6.47 -15.23
CA TYR A 395 13.62 6.75 -14.76
C TYR A 395 14.04 8.13 -15.23
N CYS A 396 14.38 8.99 -14.29
CA CYS A 396 14.97 10.28 -14.59
C CYS A 396 16.47 10.17 -14.39
N LEU A 397 17.22 10.16 -15.48
CA LEU A 397 18.66 9.96 -15.39
C LEU A 397 19.37 11.11 -14.69
N GLU A 398 18.74 12.29 -14.63
CA GLU A 398 19.33 13.41 -13.92
C GLU A 398 19.52 13.11 -12.44
N TYR A 399 18.96 12.02 -11.96
CA TYR A 399 18.88 11.71 -10.54
C TYR A 399 19.98 10.76 -10.10
N PHE A 400 20.92 10.41 -10.99
CA PHE A 400 22.19 9.73 -10.79
C PHE A 400 23.31 10.76 -10.67
N PRO A 401 24.27 10.54 -9.78
CA PRO A 401 25.44 11.44 -9.73
C PRO A 401 26.32 11.25 -10.95
N SER A 402 26.72 12.36 -11.55
CA SER A 402 27.45 12.32 -12.81
C SER A 402 28.55 13.37 -12.80
N GLN A 403 29.45 13.26 -13.77
CA GLN A 403 30.66 14.06 -13.81
C GLN A 403 30.60 15.09 -14.93
N MET A 404 30.69 16.37 -14.56
CA MET A 404 30.55 17.48 -15.49
C MET A 404 31.91 17.91 -16.00
N LEU A 405 32.08 17.89 -17.32
CA LEU A 405 33.38 18.07 -17.96
C LEU A 405 33.40 19.34 -18.79
N ARG A 406 34.21 20.31 -18.37
CA ARG A 406 34.57 21.41 -19.24
C ARG A 406 35.66 20.94 -20.19
N THR A 407 36.21 21.86 -20.99
CA THR A 407 37.06 21.45 -22.10
C THR A 407 38.36 20.81 -21.64
N GLY A 408 38.84 21.11 -20.43
CA GLY A 408 40.11 20.57 -19.99
C GLY A 408 40.03 19.25 -19.29
N ASN A 409 38.86 18.86 -18.78
CA ASN A 409 38.69 17.66 -17.99
C ASN A 409 38.62 16.41 -18.87
N ASN A 410 38.89 15.27 -18.26
CA ASN A 410 38.80 13.97 -18.93
C ASN A 410 38.03 12.99 -18.06
N PHE A 411 37.64 11.87 -18.67
CA PHE A 411 36.87 10.84 -17.99
C PHE A 411 37.46 9.48 -18.33
N GLN A 412 37.73 8.68 -17.29
CA GLN A 412 38.26 7.34 -17.51
C GLN A 412 37.88 6.46 -16.33
N PHE A 413 37.68 5.18 -16.62
CA PHE A 413 37.41 4.19 -15.60
C PHE A 413 37.83 2.83 -16.13
N SER A 414 37.97 1.87 -15.22
CA SER A 414 38.30 0.50 -15.60
C SER A 414 37.14 -0.41 -15.24
N TYR A 415 37.07 -1.53 -15.95
CA TYR A 415 36.04 -2.54 -15.71
C TYR A 415 36.69 -3.92 -15.68
N GLU A 416 36.11 -4.80 -14.88
CA GLU A 416 36.59 -6.16 -14.70
C GLU A 416 35.49 -7.13 -15.13
N PHE A 417 35.71 -7.82 -16.25
CA PHE A 417 34.76 -8.84 -16.68
C PHE A 417 34.68 -9.96 -15.66
N GLU A 418 33.47 -10.47 -15.43
CA GLU A 418 33.33 -11.66 -14.62
C GLU A 418 33.60 -12.91 -15.46
N ASN A 419 33.99 -13.98 -14.77
CA ASN A 419 34.40 -15.21 -15.45
C ASN A 419 33.27 -15.77 -16.30
N VAL A 420 33.56 -16.02 -17.57
CA VAL A 420 32.62 -16.59 -18.53
C VAL A 420 33.33 -17.70 -19.27
N PRO A 421 32.57 -18.62 -19.86
CA PRO A 421 33.10 -19.77 -20.59
C PRO A 421 33.83 -19.38 -21.87
N PHE A 422 34.86 -20.12 -22.23
CA PHE A 422 35.62 -19.84 -23.43
C PHE A 422 34.72 -19.98 -24.64
N HIS A 423 34.77 -19.03 -25.56
CA HIS A 423 33.98 -19.12 -26.75
C HIS A 423 34.59 -20.20 -27.63
N SER A 424 33.76 -20.98 -28.31
CA SER A 424 34.25 -22.04 -29.16
C SER A 424 34.20 -21.59 -30.61
N SER A 425 35.35 -21.59 -31.27
CA SER A 425 35.42 -21.19 -32.66
C SER A 425 36.20 -22.25 -33.42
N TYR A 426 35.59 -23.42 -33.55
CA TYR A 426 36.18 -24.54 -34.24
C TYR A 426 35.10 -25.50 -34.70
N ALA A 427 35.42 -26.37 -35.63
CA ALA A 427 34.46 -27.34 -36.14
C ALA A 427 35.01 -28.77 -36.00
N VAL A 473 22.02 -47.74 -36.00
CA VAL A 473 21.03 -48.24 -35.04
C VAL A 473 21.69 -48.58 -33.72
N GLN A 474 23.02 -48.56 -33.71
CA GLN A 474 23.77 -48.96 -32.53
C GLN A 474 23.53 -47.99 -31.38
N GLY A 475 23.52 -48.54 -30.17
CA GLY A 475 23.27 -47.71 -29.00
C GLY A 475 24.36 -46.68 -28.79
N ARG A 476 23.94 -45.43 -28.68
CA ARG A 476 24.85 -44.31 -28.50
C ARG A 476 24.63 -43.68 -27.13
N ASN A 477 25.67 -43.04 -26.62
CA ASN A 477 25.68 -42.53 -25.26
C ASN A 477 25.14 -41.12 -25.14
N TYR A 478 24.93 -40.42 -26.24
CA TYR A 478 24.45 -39.04 -26.20
C TYR A 478 23.56 -38.78 -27.40
N ILE A 479 22.71 -37.77 -27.27
CA ILE A 479 21.76 -37.43 -28.32
C ILE A 479 21.98 -35.98 -28.72
N PRO A 480 21.54 -35.58 -29.91
CA PRO A 480 21.69 -34.19 -30.32
C PRO A 480 20.68 -33.28 -29.63
N GLY A 481 21.06 -32.00 -29.54
CA GLY A 481 20.40 -31.07 -28.66
C GLY A 481 19.02 -30.65 -29.12
N PRO A 482 18.46 -29.64 -28.46
CA PRO A 482 17.07 -29.26 -28.70
C PRO A 482 16.88 -28.60 -30.05
N SER A 483 15.64 -28.56 -30.49
CA SER A 483 15.29 -27.87 -31.71
C SER A 483 13.86 -27.35 -31.62
N TYR A 484 13.64 -26.19 -32.23
CA TYR A 484 12.32 -25.59 -32.36
C TYR A 484 12.21 -25.27 -33.84
N ARG A 485 11.40 -26.02 -34.59
CA ARG A 485 11.59 -26.05 -36.03
C ARG A 485 11.21 -24.71 -36.66
N GLN A 486 11.98 -24.32 -37.67
CA GLN A 486 11.75 -23.09 -38.43
C GLN A 486 11.33 -23.42 -39.86
N GLN A 487 10.61 -22.48 -40.47
CA GLN A 487 10.21 -22.63 -41.87
C GLN A 487 11.43 -22.52 -42.77
N ARG A 488 11.32 -23.05 -43.98
CA ARG A 488 12.47 -23.17 -44.87
C ARG A 488 12.25 -22.33 -46.13
N VAL A 489 13.14 -21.36 -46.36
CA VAL A 489 13.04 -20.44 -47.49
C VAL A 489 14.26 -20.64 -48.37
N SER A 490 14.05 -20.62 -49.68
CA SER A 490 15.11 -20.82 -50.66
C SER A 490 15.47 -19.51 -51.35
N THR A 491 16.76 -19.30 -51.55
CA THR A 491 17.21 -18.08 -52.21
C THR A 491 16.80 -18.02 -53.68
N THR A 492 16.33 -19.13 -54.24
CA THR A 492 15.82 -19.15 -55.61
C THR A 492 14.31 -19.00 -55.57
N VAL A 493 13.81 -17.86 -56.06
CA VAL A 493 12.44 -17.46 -55.79
C VAL A 493 11.42 -18.45 -56.37
N THR A 494 11.79 -19.17 -57.42
CA THR A 494 10.85 -20.09 -58.04
C THR A 494 10.27 -21.11 -57.06
N GLN A 495 11.11 -21.62 -56.17
CA GLN A 495 10.65 -22.63 -55.21
C GLN A 495 9.59 -22.15 -54.21
N ASN A 496 9.72 -20.93 -53.71
CA ASN A 496 8.73 -20.40 -52.76
C ASN A 496 7.40 -20.16 -53.46
N ASN A 497 6.29 -20.50 -52.80
CA ASN A 497 4.95 -20.33 -53.39
C ASN A 497 4.42 -18.89 -53.40
N ASN A 498 3.42 -18.66 -54.23
CA ASN A 498 2.79 -17.36 -54.39
C ASN A 498 2.13 -16.85 -53.12
N SER A 499 1.50 -17.74 -52.37
CA SER A 499 0.83 -17.33 -51.15
C SER A 499 1.83 -16.76 -50.17
N GLU A 500 1.44 -15.69 -49.48
CA GLU A 500 2.32 -15.05 -48.50
C GLU A 500 2.60 -16.02 -47.36
N PHE A 501 3.84 -16.03 -46.89
CA PHE A 501 4.20 -16.96 -45.82
C PHE A 501 5.27 -16.40 -44.89
N ALA A 502 5.71 -15.17 -45.11
CA ALA A 502 6.74 -14.60 -44.24
C ALA A 502 6.24 -14.59 -42.80
N TRP A 503 4.99 -14.17 -42.63
CA TRP A 503 4.33 -14.15 -41.34
C TRP A 503 2.87 -14.12 -41.69
N PRO A 504 2.16 -15.25 -41.70
CA PRO A 504 1.88 -16.48 -40.94
C PRO A 504 2.98 -17.55 -40.70
N GLY A 505 3.83 -17.80 -41.68
CA GLY A 505 4.81 -18.87 -41.56
C GLY A 505 5.84 -18.91 -40.45
N ALA A 506 6.43 -17.78 -40.09
CA ALA A 506 7.46 -17.79 -39.05
C ALA A 506 6.98 -18.25 -37.67
N SER A 507 7.81 -19.03 -36.99
CA SER A 507 7.52 -19.52 -35.66
C SER A 507 7.62 -18.37 -34.66
N SER A 508 6.71 -18.32 -33.69
CA SER A 508 6.73 -17.24 -32.72
C SER A 508 6.32 -17.68 -31.33
N TRP A 509 6.75 -16.93 -30.32
CA TRP A 509 6.39 -17.26 -28.94
C TRP A 509 5.51 -16.19 -28.31
N ALA A 510 4.32 -16.61 -27.87
CA ALA A 510 3.34 -15.73 -27.29
C ALA A 510 3.68 -15.41 -25.84
N LEU A 511 3.73 -14.12 -25.52
CA LEU A 511 3.98 -13.67 -24.17
C LEU A 511 2.99 -12.57 -23.82
N ASN A 512 2.10 -12.86 -22.88
CA ASN A 512 0.99 -11.97 -22.52
C ASN A 512 0.12 -11.66 -23.74
N GLY A 513 -0.04 -12.64 -24.62
CA GLY A 513 -0.88 -12.48 -25.78
C GLY A 513 -0.35 -11.54 -26.84
N ARG A 514 0.97 -11.44 -26.99
CA ARG A 514 1.57 -10.72 -28.10
C ARG A 514 2.59 -11.60 -28.79
N ASN A 515 2.28 -12.01 -30.00
CA ASN A 515 3.11 -12.93 -30.76
C ASN A 515 4.34 -12.19 -31.28
N SER A 516 5.52 -12.67 -30.90
CA SER A 516 6.77 -12.12 -31.37
C SER A 516 7.47 -13.18 -32.19
N LEU A 517 8.04 -12.76 -33.32
CA LEU A 517 8.77 -13.68 -34.18
C LEU A 517 9.90 -14.32 -33.40
N MET A 518 10.22 -15.57 -33.76
CA MET A 518 11.37 -16.25 -33.14
C MET A 518 12.58 -15.92 -33.98
N ASN A 519 13.46 -15.10 -33.42
CA ASN A 519 14.64 -14.66 -34.12
C ASN A 519 15.75 -14.48 -33.08
N PRO A 520 16.97 -14.92 -33.40
CA PRO A 520 17.38 -15.88 -34.42
C PRO A 520 16.93 -17.30 -34.10
N GLY A 521 16.58 -17.53 -32.84
CA GLY A 521 16.15 -18.84 -32.41
C GLY A 521 17.27 -19.60 -31.74
N PRO A 522 16.93 -20.70 -31.07
CA PRO A 522 17.97 -21.54 -30.48
C PRO A 522 18.93 -22.01 -31.55
N ALA A 523 20.20 -22.13 -31.17
CA ALA A 523 21.25 -22.49 -32.11
C ALA A 523 20.92 -23.81 -32.77
N MET A 524 20.88 -23.81 -34.11
CA MET A 524 20.50 -24.98 -34.88
C MET A 524 21.22 -24.91 -36.22
N ALA A 525 21.38 -26.07 -36.85
CA ALA A 525 21.98 -26.11 -38.18
C ALA A 525 21.06 -25.44 -39.19
N SER A 526 21.65 -24.59 -40.03
CA SER A 526 20.84 -23.80 -40.95
C SER A 526 20.26 -24.64 -42.07
N HIS A 527 21.00 -25.64 -42.55
CA HIS A 527 20.53 -26.43 -43.68
C HIS A 527 21.26 -27.77 -43.69
N LYS A 528 20.66 -28.72 -44.40
CA LYS A 528 21.30 -30.02 -44.58
C LYS A 528 22.56 -29.89 -45.42
N GLU A 529 23.45 -30.86 -45.28
CA GLU A 529 24.65 -30.89 -46.11
C GLU A 529 24.27 -31.07 -47.58
N GLY A 530 24.94 -30.30 -48.44
CA GLY A 530 24.77 -30.40 -49.87
C GLY A 530 23.89 -29.35 -50.51
N GLU A 531 23.00 -28.72 -49.75
CA GLU A 531 22.11 -27.67 -50.27
C GLU A 531 22.34 -26.41 -49.46
N ASP A 532 22.98 -25.42 -50.09
CA ASP A 532 23.28 -24.14 -49.47
C ASP A 532 22.30 -23.04 -49.86
N ARG A 533 21.32 -23.33 -50.72
CA ARG A 533 20.39 -22.32 -51.20
C ARG A 533 19.21 -22.11 -50.27
N PHE A 534 19.04 -23.00 -49.30
CA PHE A 534 17.95 -22.92 -48.35
C PHE A 534 18.38 -22.26 -47.04
N PHE A 535 17.61 -21.28 -46.59
CA PHE A 535 17.90 -20.63 -45.32
C PHE A 535 16.63 -20.60 -44.46
N PRO A 536 16.75 -20.86 -43.15
CA PRO A 536 15.57 -20.86 -42.28
C PRO A 536 14.95 -19.48 -42.30
N LEU A 537 13.63 -19.40 -42.31
CA LEU A 537 13.00 -18.09 -42.44
C LEU A 537 13.35 -17.11 -41.32
N SER A 538 13.34 -17.57 -40.08
CA SER A 538 13.69 -16.69 -38.97
C SER A 538 14.86 -17.23 -38.16
N GLY A 539 15.61 -18.15 -38.74
CA GLY A 539 16.73 -18.78 -38.06
C GLY A 539 18.15 -18.23 -38.17
N SER A 540 18.35 -17.11 -38.87
CA SER A 540 19.72 -16.60 -39.00
C SER A 540 19.93 -15.10 -38.90
N LEU A 541 21.16 -14.71 -38.55
CA LEU A 541 21.55 -13.32 -38.46
C LEU A 541 21.75 -12.88 -39.89
N ILE A 542 21.15 -11.75 -40.26
CA ILE A 542 21.22 -11.27 -41.63
C ILE A 542 21.74 -9.85 -41.62
N PHE A 543 22.93 -9.63 -42.17
CA PHE A 543 23.57 -8.34 -42.19
C PHE A 543 23.39 -7.67 -43.54
N GLY A 544 23.19 -6.35 -43.52
CA GLY A 544 23.12 -5.59 -44.75
C GLY A 544 24.49 -5.14 -45.22
N LYS A 545 24.65 -5.08 -46.54
CA LYS A 545 25.90 -4.66 -47.14
C LYS A 545 26.06 -3.15 -47.03
N GLN A 546 27.30 -2.69 -47.21
CA GLN A 546 27.60 -1.27 -47.13
C GLN A 546 26.73 -0.49 -48.11
N GLY A 547 26.00 0.49 -47.58
CA GLY A 547 25.11 1.29 -48.39
C GLY A 547 23.72 0.74 -48.58
N THR A 548 23.39 -0.39 -47.95
CA THR A 548 22.11 -1.03 -48.15
C THR A 548 20.97 -0.15 -47.63
N GLY A 549 19.87 -0.12 -48.37
CA GLY A 549 18.70 0.61 -47.94
C GLY A 549 18.08 0.03 -46.69
N ARG A 550 17.12 0.77 -46.15
CA ARG A 550 16.41 0.35 -44.96
C ARG A 550 15.27 -0.63 -45.22
N ASP A 551 14.44 -0.39 -46.23
CA ASP A 551 13.21 -1.16 -46.38
C ASP A 551 13.22 -1.92 -47.69
N ASN A 552 12.64 -3.12 -47.67
CA ASN A 552 12.35 -3.90 -48.86
C ASN A 552 13.57 -4.04 -49.76
N VAL A 553 14.66 -4.52 -49.17
CA VAL A 553 15.88 -4.76 -49.92
C VAL A 553 15.89 -6.21 -50.37
N ASP A 554 16.44 -6.45 -51.56
CA ASP A 554 16.45 -7.78 -52.12
C ASP A 554 17.45 -8.67 -51.38
N ALA A 555 17.52 -9.93 -51.81
CA ALA A 555 18.40 -10.88 -51.14
C ALA A 555 19.86 -10.63 -51.48
N ASP A 556 20.13 -9.76 -52.46
CA ASP A 556 21.51 -9.47 -52.82
C ASP A 556 22.19 -8.53 -51.85
N LYS A 557 21.52 -7.46 -51.41
CA LYS A 557 22.12 -6.46 -50.54
C LYS A 557 22.40 -6.95 -49.13
N VAL A 558 21.94 -8.14 -48.77
CA VAL A 558 22.08 -8.61 -47.40
C VAL A 558 22.91 -9.89 -47.37
N MET A 559 23.92 -9.88 -46.50
CA MET A 559 24.79 -11.03 -46.28
C MET A 559 24.09 -11.95 -45.30
N ILE A 560 23.78 -13.16 -45.74
CA ILE A 560 23.03 -14.12 -44.93
C ILE A 560 24.01 -15.12 -44.36
N THR A 561 24.26 -15.03 -43.05
CA THR A 561 25.14 -15.98 -42.40
C THR A 561 24.44 -17.32 -42.27
N ASN A 562 25.22 -18.37 -42.07
CA ASN A 562 24.66 -19.69 -41.82
C ASN A 562 25.54 -20.44 -40.83
N GLU A 563 24.88 -21.24 -39.99
CA GLU A 563 25.50 -21.95 -38.89
C GLU A 563 25.98 -23.34 -39.28
N GLU A 564 26.01 -23.66 -40.58
CA GLU A 564 26.32 -25.00 -41.05
C GLU A 564 27.58 -25.59 -40.42
N GLU A 565 28.47 -24.76 -39.89
CA GLU A 565 29.60 -25.31 -39.15
C GLU A 565 29.18 -26.21 -37.99
N ILE A 566 28.06 -25.90 -37.33
CA ILE A 566 27.65 -26.62 -36.12
C ILE A 566 26.67 -27.74 -36.45
N LYS A 567 26.47 -28.00 -37.74
CA LYS A 567 25.57 -29.07 -38.15
C LYS A 567 26.03 -30.44 -37.65
N THR A 568 27.27 -30.55 -37.17
CA THR A 568 27.73 -31.81 -36.61
C THR A 568 26.93 -32.20 -35.39
N THR A 569 26.92 -31.35 -34.35
CA THR A 569 26.24 -31.67 -33.10
C THR A 569 24.81 -31.14 -33.03
N ASN A 570 24.39 -30.30 -33.96
CA ASN A 570 23.11 -29.65 -33.76
C ASN A 570 22.12 -30.06 -34.84
N PRO A 571 20.84 -30.04 -34.53
CA PRO A 571 19.84 -30.44 -35.51
C PRO A 571 19.65 -29.36 -36.58
N VAL A 572 19.07 -29.77 -37.70
CA VAL A 572 18.79 -28.83 -38.77
C VAL A 572 17.55 -28.03 -38.42
N ALA A 573 17.60 -26.72 -38.65
CA ALA A 573 16.48 -25.87 -38.29
C ALA A 573 15.23 -26.20 -39.12
N THR A 574 15.41 -26.77 -40.30
CA THR A 574 14.31 -27.01 -41.22
C THR A 574 13.79 -28.43 -41.18
N GLU A 575 14.39 -29.30 -40.37
CA GLU A 575 13.98 -30.69 -40.28
C GLU A 575 13.46 -30.97 -38.87
N SER A 576 12.56 -31.93 -38.76
CA SER A 576 12.08 -32.34 -37.45
C SER A 576 13.16 -33.06 -36.66
N TYR A 577 12.97 -33.09 -35.35
CA TYR A 577 13.94 -33.75 -34.49
C TYR A 577 13.94 -35.26 -34.75
N GLY A 578 12.79 -35.84 -35.04
CA GLY A 578 12.69 -37.26 -35.26
C GLY A 578 11.28 -37.75 -35.04
N GLN A 579 11.12 -39.06 -34.98
CA GLN A 579 9.81 -39.68 -34.87
C GLN A 579 9.58 -40.26 -33.49
N VAL A 580 8.34 -40.18 -33.03
CA VAL A 580 7.89 -40.79 -31.79
C VAL A 580 6.67 -41.66 -32.08
N ALA A 581 6.49 -42.68 -31.25
CA ALA A 581 5.41 -43.64 -31.46
C ALA A 581 4.11 -43.10 -30.89
N THR A 582 3.03 -43.22 -31.66
CA THR A 582 1.76 -42.62 -31.29
C THR A 582 0.76 -43.59 -30.68
N ASN A 583 1.07 -44.89 -30.62
CA ASN A 583 0.10 -45.86 -30.13
C ASN A 583 0.80 -47.18 -29.85
N HIS A 584 0.01 -48.18 -29.49
CA HIS A 584 0.48 -49.54 -29.23
C HIS A 584 0.18 -50.40 -30.45
N GLN A 585 1.19 -51.11 -30.93
CA GLN A 585 0.97 -52.05 -32.02
C GLN A 585 0.27 -53.30 -31.51
N SER A 586 -0.54 -53.89 -32.38
CA SER A 586 -1.24 -55.13 -32.06
C SER A 586 -1.54 -55.82 -33.39
N ALA A 587 -2.34 -56.87 -33.32
CA ALA A 587 -2.88 -57.43 -34.56
C ALA A 587 -3.83 -56.46 -35.23
N GLN A 588 -4.56 -55.68 -34.44
CA GLN A 588 -5.66 -54.87 -34.96
C GLN A 588 -5.27 -53.46 -35.35
N ALA A 589 -4.07 -52.99 -34.99
CA ALA A 589 -3.65 -51.64 -35.35
C ALA A 589 -2.17 -51.64 -35.68
N GLN A 590 -1.81 -51.06 -36.82
CA GLN A 590 -0.42 -51.02 -37.24
C GLN A 590 0.37 -50.01 -36.42
N ALA A 591 1.69 -50.19 -36.41
CA ALA A 591 2.54 -49.25 -35.70
C ALA A 591 2.54 -47.90 -36.41
N GLN A 592 2.19 -46.86 -35.65
CA GLN A 592 2.14 -45.50 -36.17
C GLN A 592 3.23 -44.68 -35.51
N THR A 593 3.68 -43.66 -36.22
CA THR A 593 4.63 -42.70 -35.69
C THR A 593 4.16 -41.28 -35.98
N GLY A 594 4.83 -40.32 -35.38
CA GLY A 594 4.54 -38.93 -35.60
C GLY A 594 5.83 -38.13 -35.53
N TRP A 595 5.75 -36.88 -35.93
CA TRP A 595 6.95 -36.08 -36.08
C TRP A 595 7.10 -35.11 -34.91
N VAL A 596 8.33 -34.94 -34.46
CA VAL A 596 8.65 -34.01 -33.38
C VAL A 596 9.07 -32.69 -34.01
N GLN A 597 8.20 -31.69 -33.89
CA GLN A 597 8.52 -30.38 -34.43
C GLN A 597 9.40 -29.58 -33.48
N ASN A 598 9.09 -29.60 -32.19
CA ASN A 598 9.86 -28.90 -31.18
C ASN A 598 10.33 -29.90 -30.13
N GLN A 599 11.52 -29.71 -29.61
CA GLN A 599 12.06 -30.58 -28.59
C GLN A 599 12.84 -29.77 -27.57
N GLY A 600 12.57 -30.00 -26.30
CA GLY A 600 13.26 -29.30 -25.24
C GLY A 600 14.59 -29.93 -24.91
N ILE A 601 15.12 -29.55 -23.74
CA ILE A 601 16.35 -30.17 -23.26
C ILE A 601 16.02 -31.55 -22.71
N LEU A 602 16.89 -32.53 -22.99
CA LEU A 602 16.78 -33.84 -22.38
C LEU A 602 18.15 -34.30 -21.90
N PRO A 603 18.21 -35.13 -20.86
CA PRO A 603 19.51 -35.62 -20.39
C PRO A 603 20.26 -36.33 -21.51
N GLY A 604 21.55 -36.03 -21.62
CA GLY A 604 22.36 -36.56 -22.69
C GLY A 604 22.48 -35.65 -23.90
N MET A 605 21.71 -34.58 -23.95
CA MET A 605 21.81 -33.63 -25.06
C MET A 605 23.05 -32.77 -24.95
N VAL A 606 23.86 -32.80 -26.01
CA VAL A 606 25.03 -31.94 -26.13
C VAL A 606 24.87 -31.08 -27.38
N TRP A 607 25.34 -29.84 -27.28
CA TRP A 607 25.11 -28.91 -28.39
C TRP A 607 26.15 -27.80 -28.36
N GLN A 608 26.28 -27.13 -29.51
CA GLN A 608 27.12 -25.97 -29.69
C GLN A 608 26.29 -24.70 -29.61
N ASP A 609 26.87 -23.64 -29.08
CA ASP A 609 26.21 -22.35 -29.15
C ASP A 609 26.36 -21.76 -30.55
N ARG A 610 25.74 -20.59 -30.76
CA ARG A 610 25.85 -19.94 -32.05
C ARG A 610 27.22 -19.32 -32.21
N ASP A 611 27.71 -19.32 -33.46
CA ASP A 611 28.97 -18.67 -33.76
C ASP A 611 28.81 -17.16 -33.69
N VAL A 612 29.92 -16.47 -33.48
CA VAL A 612 29.93 -15.01 -33.39
C VAL A 612 30.67 -14.46 -34.59
N TYR A 613 30.21 -13.31 -35.07
CA TYR A 613 30.70 -12.73 -36.31
C TYR A 613 31.38 -11.40 -36.03
N LEU A 614 32.30 -11.04 -36.92
CA LEU A 614 33.05 -9.81 -36.76
C LEU A 614 32.12 -8.60 -36.82
N GLN A 615 30.93 -8.77 -37.36
CA GLN A 615 29.95 -7.69 -37.45
C GLN A 615 29.00 -7.65 -36.26
N GLY A 616 28.97 -8.69 -35.43
CA GLY A 616 27.85 -8.90 -34.55
C GLY A 616 28.08 -8.50 -33.10
N PRO A 617 27.13 -8.83 -32.24
CA PRO A 617 27.21 -8.41 -30.84
C PRO A 617 28.19 -9.26 -30.06
N ILE A 618 28.67 -8.70 -28.94
CA ILE A 618 29.60 -9.40 -28.09
C ILE A 618 28.90 -9.89 -26.83
N TRP A 619 28.43 -8.97 -26.00
CA TRP A 619 27.80 -9.36 -24.75
C TRP A 619 26.38 -8.84 -24.65
N ALA A 620 25.62 -9.48 -23.76
CA ALA A 620 24.29 -9.04 -23.35
C ALA A 620 24.13 -9.32 -21.88
N LYS A 621 23.15 -8.67 -21.26
CA LYS A 621 22.94 -8.81 -19.83
C LYS A 621 21.89 -9.87 -19.56
N ILE A 622 22.28 -10.90 -18.83
CA ILE A 622 21.34 -11.96 -18.44
C ILE A 622 20.21 -11.34 -17.64
N PRO A 623 18.95 -11.46 -18.06
CA PRO A 623 17.87 -10.84 -17.31
C PRO A 623 17.86 -11.32 -15.87
N HIS A 624 17.74 -10.39 -14.94
CA HIS A 624 17.71 -10.74 -13.53
C HIS A 624 16.40 -11.46 -13.28
N THR A 625 16.47 -12.71 -12.84
CA THR A 625 15.31 -13.58 -12.72
C THR A 625 15.61 -14.63 -11.67
N ASP A 626 14.56 -15.34 -11.25
CA ASP A 626 14.75 -16.46 -10.34
C ASP A 626 15.45 -17.62 -11.03
N GLY A 627 15.18 -17.82 -12.31
CA GLY A 627 15.80 -18.93 -12.99
C GLY A 627 15.98 -18.66 -14.47
N ASN A 628 16.97 -19.36 -15.02
CA ASN A 628 17.28 -19.30 -16.44
C ASN A 628 18.05 -20.56 -16.78
N PHE A 629 18.16 -20.86 -18.07
CA PHE A 629 18.97 -21.99 -18.47
C PHE A 629 19.92 -21.57 -19.58
N HIS A 630 21.17 -22.01 -19.48
CA HIS A 630 22.25 -21.80 -20.44
C HIS A 630 22.19 -20.35 -20.91
N PRO A 631 22.60 -19.42 -20.06
CA PRO A 631 22.33 -18.00 -20.30
C PRO A 631 22.90 -17.43 -21.58
N SER A 632 23.78 -18.17 -22.26
CA SER A 632 24.42 -17.66 -23.47
C SER A 632 23.38 -17.11 -24.43
N PRO A 633 23.49 -15.86 -24.84
CA PRO A 633 22.41 -15.22 -25.60
C PRO A 633 22.26 -15.83 -26.97
N LEU A 634 21.08 -15.64 -27.55
CA LEU A 634 20.77 -16.34 -28.79
C LEU A 634 21.38 -15.67 -30.01
N MET A 635 21.74 -14.39 -29.91
CA MET A 635 22.52 -13.76 -30.96
C MET A 635 24.00 -13.99 -30.81
N GLY A 636 24.40 -14.79 -29.82
CA GLY A 636 25.77 -15.23 -29.67
C GLY A 636 26.54 -14.36 -28.69
N GLY A 637 27.79 -14.76 -28.48
CA GLY A 637 28.67 -14.02 -27.60
C GLY A 637 28.71 -14.55 -26.19
N PHE A 638 28.73 -13.62 -25.24
CA PHE A 638 28.79 -13.96 -23.84
C PHE A 638 27.61 -13.38 -23.09
N GLY A 639 27.01 -14.20 -22.24
CA GLY A 639 25.88 -13.77 -21.43
C GLY A 639 26.48 -13.47 -20.08
N MET A 640 26.17 -12.30 -19.54
CA MET A 640 26.74 -11.91 -18.26
C MET A 640 25.69 -11.45 -17.26
N LYS A 641 26.01 -11.61 -15.99
CA LYS A 641 25.09 -11.19 -14.95
C LYS A 641 25.31 -9.71 -14.69
N HIS A 642 26.56 -9.27 -14.88
CA HIS A 642 26.94 -7.86 -14.71
C HIS A 642 27.83 -7.47 -15.88
N PRO A 643 27.24 -7.16 -17.03
CA PRO A 643 28.03 -6.82 -18.20
C PRO A 643 28.69 -5.47 -18.03
N PRO A 644 29.51 -5.04 -18.97
CA PRO A 644 30.05 -3.68 -18.93
C PRO A 644 28.93 -2.67 -18.91
N PRO A 645 29.02 -1.65 -18.08
CA PRO A 645 27.89 -0.76 -17.88
C PRO A 645 27.67 0.16 -19.07
N GLN A 646 26.44 0.62 -19.20
CA GLN A 646 26.14 1.73 -20.10
C GLN A 646 26.91 2.96 -19.65
N ILE A 647 27.29 3.79 -20.61
CA ILE A 647 27.94 5.05 -20.32
C ILE A 647 27.06 6.14 -20.91
N LEU A 648 26.43 6.93 -20.05
CA LEU A 648 25.45 7.91 -20.48
C LEU A 648 26.11 9.28 -20.52
N ILE A 649 25.72 10.09 -21.50
CA ILE A 649 26.35 11.38 -21.71
C ILE A 649 25.32 12.34 -22.30
N LYS A 650 25.38 13.60 -21.87
CA LYS A 650 24.55 14.64 -22.46
C LYS A 650 25.26 15.97 -22.34
N ASN A 651 24.80 16.95 -23.11
CA ASN A 651 25.28 18.32 -23.01
C ASN A 651 24.45 19.07 -21.98
N THR A 652 25.10 19.65 -21.00
CA THR A 652 24.38 20.43 -20.00
C THR A 652 23.71 21.61 -20.68
N PRO A 653 22.39 21.72 -20.63
CA PRO A 653 21.72 22.79 -21.36
C PRO A 653 22.02 24.15 -20.77
N VAL A 654 22.32 25.10 -21.65
CA VAL A 654 22.54 26.49 -21.24
C VAL A 654 21.34 27.30 -21.67
N PRO A 655 20.61 27.92 -20.77
CA PRO A 655 19.45 28.72 -21.18
C PRO A 655 19.89 29.98 -21.91
N ALA A 656 19.06 30.41 -22.84
CA ALA A 656 19.25 31.72 -23.45
C ALA A 656 18.83 32.79 -22.45
N ASP A 657 18.82 34.03 -22.89
CA ASP A 657 18.58 35.14 -21.97
C ASP A 657 17.26 34.95 -21.23
N PRO A 658 17.27 34.96 -19.91
CA PRO A 658 16.03 34.95 -19.15
C PRO A 658 15.35 36.31 -19.22
N PRO A 659 14.06 36.39 -18.91
CA PRO A 659 13.37 37.67 -18.94
C PRO A 659 13.78 38.55 -17.77
N THR A 660 13.43 39.83 -17.87
CA THR A 660 13.71 40.78 -16.81
C THR A 660 12.67 40.74 -15.70
N ALA A 661 11.65 39.89 -15.82
CA ALA A 661 10.64 39.73 -14.79
C ALA A 661 10.47 38.24 -14.48
N PHE A 662 10.28 37.93 -13.20
CA PHE A 662 10.28 36.54 -12.77
C PHE A 662 9.13 35.77 -13.40
N ASN A 663 9.46 34.64 -14.03
CA ASN A 663 8.46 33.74 -14.58
C ASN A 663 8.78 32.32 -14.15
N LYS A 664 7.87 31.74 -13.36
CA LYS A 664 8.07 30.43 -12.75
C LYS A 664 8.23 29.30 -13.75
N ASP A 665 7.74 29.46 -14.98
CA ASP A 665 7.80 28.37 -15.95
C ASP A 665 9.24 28.00 -16.25
N LYS A 666 9.48 26.70 -16.41
CA LYS A 666 10.81 26.26 -16.80
C LYS A 666 11.19 26.93 -18.12
N LEU A 667 12.48 27.25 -18.25
CA LEU A 667 12.93 27.95 -19.45
C LEU A 667 12.95 26.97 -20.61
N ASN A 668 12.17 27.27 -21.64
CA ASN A 668 12.19 26.52 -22.89
C ASN A 668 13.06 27.17 -23.95
N SER A 669 13.75 28.27 -23.62
CA SER A 669 14.63 28.96 -24.54
C SER A 669 16.07 28.61 -24.19
N PHE A 670 16.71 27.81 -25.03
CA PHE A 670 18.07 27.36 -24.80
C PHE A 670 18.95 27.73 -25.98
N ILE A 671 20.26 27.68 -25.73
CA ILE A 671 21.25 27.89 -26.79
C ILE A 671 21.41 26.61 -27.57
N THR A 672 21.48 26.72 -28.89
CA THR A 672 21.81 25.56 -29.71
C THR A 672 23.25 25.16 -29.46
N GLN A 673 23.48 23.89 -29.16
CA GLN A 673 24.78 23.51 -28.66
C GLN A 673 25.04 22.05 -29.00
N TYR A 674 26.31 21.73 -29.22
CA TYR A 674 26.74 20.35 -29.36
C TYR A 674 28.21 20.27 -28.99
N SER A 675 28.70 19.06 -28.77
CA SER A 675 30.07 18.86 -28.34
C SER A 675 30.68 17.66 -29.05
N THR A 676 32.01 17.61 -29.06
CA THR A 676 32.74 16.57 -29.77
C THR A 676 34.04 16.29 -29.03
N GLY A 677 34.62 15.12 -29.29
CA GLY A 677 35.80 14.71 -28.57
C GLY A 677 36.33 13.37 -29.04
N GLN A 678 37.15 12.75 -28.19
CA GLN A 678 37.79 11.48 -28.46
C GLN A 678 37.28 10.43 -27.48
N VAL A 679 37.18 9.19 -27.96
CA VAL A 679 36.88 8.04 -27.13
C VAL A 679 37.85 6.92 -27.49
N SER A 680 38.49 6.34 -26.48
CA SER A 680 39.40 5.22 -26.69
C SER A 680 39.07 4.11 -25.70
N VAL A 681 38.67 2.96 -26.21
CA VAL A 681 38.33 1.80 -25.41
C VAL A 681 39.36 0.73 -25.67
N GLU A 682 39.65 -0.08 -24.65
CA GLU A 682 40.70 -1.10 -24.71
C GLU A 682 40.22 -2.33 -23.96
N ILE A 683 40.37 -3.50 -24.56
CA ILE A 683 39.99 -4.76 -23.92
C ILE A 683 41.18 -5.71 -23.96
N GLU A 684 41.47 -6.34 -22.83
CA GLU A 684 42.48 -7.37 -22.75
C GLU A 684 41.82 -8.72 -22.94
N TRP A 685 42.10 -9.36 -24.07
CA TRP A 685 41.44 -10.60 -24.45
C TRP A 685 42.30 -11.78 -24.01
N GLU A 686 41.65 -12.88 -23.64
CA GLU A 686 42.33 -14.12 -23.34
C GLU A 686 42.11 -15.09 -24.49
N LEU A 687 43.13 -15.89 -24.77
CA LEU A 687 43.12 -16.88 -25.84
C LEU A 687 43.33 -18.27 -25.26
N GLN A 688 42.96 -19.29 -26.03
CA GLN A 688 43.13 -20.66 -25.57
C GLN A 688 44.33 -21.30 -26.26
N ASN B 419 36.14 -36.50 -11.09
CA ASN B 419 35.20 -36.51 -9.97
C ASN B 419 33.78 -36.66 -10.47
N VAL B 420 33.15 -37.79 -10.14
CA VAL B 420 31.80 -38.07 -10.62
C VAL B 420 30.90 -38.30 -9.40
N PRO B 421 29.59 -38.11 -9.59
CA PRO B 421 28.59 -38.28 -8.54
C PRO B 421 28.50 -39.74 -8.13
N PHE B 422 28.24 -40.01 -6.86
CA PHE B 422 28.14 -41.39 -6.42
C PHE B 422 27.00 -42.04 -7.16
N HIS B 423 27.25 -43.22 -7.70
CA HIS B 423 26.22 -43.94 -8.44
C HIS B 423 25.14 -44.36 -7.46
N SER B 424 23.89 -44.31 -7.90
CA SER B 424 22.79 -44.68 -7.03
C SER B 424 22.36 -46.09 -7.40
N SER B 425 22.39 -46.99 -6.43
CA SER B 425 22.03 -48.38 -6.67
C SER B 425 20.98 -48.83 -5.67
N TYR B 426 19.78 -48.31 -5.84
CA TYR B 426 18.66 -48.64 -4.98
C TYR B 426 17.36 -48.33 -5.72
N ALA B 427 16.27 -48.88 -5.24
CA ALA B 427 14.97 -48.62 -5.83
C ALA B 427 14.19 -47.81 -4.79
N HIS B 428 13.61 -46.70 -5.18
CA HIS B 428 12.88 -45.90 -4.22
C HIS B 428 11.68 -46.66 -3.68
N SER B 429 11.49 -46.60 -2.36
CA SER B 429 10.38 -47.28 -1.70
C SER B 429 9.02 -46.73 -2.09
N GLN B 430 8.94 -45.41 -2.24
CA GLN B 430 7.69 -44.73 -2.57
C GLN B 430 7.71 -44.15 -3.98
N SER B 431 6.51 -44.04 -4.55
CA SER B 431 6.36 -43.45 -5.87
C SER B 431 6.33 -41.93 -5.70
N LEU B 432 6.55 -41.21 -6.79
CA LEU B 432 6.58 -39.75 -6.73
C LEU B 432 5.25 -39.15 -6.31
N ASP B 433 4.16 -39.61 -6.92
CA ASP B 433 2.85 -39.01 -6.68
C ASP B 433 2.28 -39.30 -5.30
N ARG B 434 2.84 -40.27 -4.58
CA ARG B 434 2.30 -40.69 -3.30
C ARG B 434 3.00 -40.10 -2.08
N LEU B 435 3.87 -39.10 -2.25
CA LEU B 435 4.62 -38.53 -1.12
C LEU B 435 3.73 -37.94 -0.03
N MET B 436 2.42 -37.83 -0.25
CA MET B 436 1.51 -37.20 0.68
C MET B 436 1.38 -37.98 1.98
N ASN B 437 0.85 -37.30 2.99
CA ASN B 437 0.41 -37.95 4.22
C ASN B 437 -1.01 -38.45 4.04
N PRO B 438 -1.26 -39.76 4.11
CA PRO B 438 -2.60 -40.28 3.83
C PRO B 438 -3.67 -39.91 4.84
N LEU B 439 -3.31 -39.38 6.00
CA LEU B 439 -4.33 -39.18 7.01
C LEU B 439 -4.87 -37.75 7.11
N ILE B 440 -4.33 -36.80 6.36
CA ILE B 440 -4.60 -35.38 6.57
C ILE B 440 -4.90 -34.70 5.24
N ASP B 441 -5.88 -33.79 5.25
CA ASP B 441 -6.22 -33.03 4.07
C ASP B 441 -5.21 -31.92 3.80
N GLN B 442 -5.08 -31.56 2.52
CA GLN B 442 -4.43 -30.31 2.15
C GLN B 442 -5.41 -29.16 2.36
N TYR B 443 -4.86 -27.96 2.52
CA TYR B 443 -5.67 -26.76 2.63
C TYR B 443 -6.07 -26.21 1.28
N LEU B 444 -5.69 -26.87 0.20
CA LEU B 444 -5.94 -26.40 -1.15
C LEU B 444 -7.13 -27.13 -1.75
N TYR B 445 -7.85 -26.44 -2.61
CA TYR B 445 -9.05 -26.96 -3.25
C TYR B 445 -8.79 -27.24 -4.71
N TYR B 446 -9.56 -28.17 -5.28
CA TYR B 446 -9.48 -28.50 -6.70
C TYR B 446 -10.87 -28.38 -7.29
N LEU B 447 -10.97 -28.40 -8.61
CA LEU B 447 -12.27 -28.16 -9.25
C LEU B 447 -12.96 -29.51 -9.46
N SER B 448 -13.98 -29.76 -8.63
CA SER B 448 -14.59 -31.08 -8.59
C SER B 448 -15.63 -31.27 -9.68
N LYS B 449 -16.58 -30.34 -9.79
CA LYS B 449 -17.83 -30.60 -10.47
C LYS B 449 -18.20 -29.39 -11.32
N THR B 450 -18.27 -29.57 -12.63
CA THR B 450 -18.59 -28.48 -13.53
C THR B 450 -20.03 -28.45 -14.03
N ILE B 451 -20.88 -29.40 -13.64
CA ILE B 451 -22.28 -29.39 -14.03
C ILE B 451 -23.14 -29.76 -12.83
N ASN B 452 -24.32 -29.15 -12.74
CA ASN B 452 -25.19 -29.43 -11.61
C ASN B 452 -25.80 -30.82 -11.70
N GLY B 453 -26.47 -31.11 -12.80
CA GLY B 453 -27.06 -32.41 -13.04
C GLY B 453 -28.46 -32.53 -12.46
N SER B 454 -28.74 -31.74 -11.42
CA SER B 454 -30.08 -31.71 -10.85
C SER B 454 -31.00 -30.80 -11.64
N GLY B 455 -30.48 -29.67 -12.09
CA GLY B 455 -31.23 -28.69 -12.84
C GLY B 455 -31.19 -28.95 -14.34
N GLN B 456 -30.98 -30.23 -14.70
CA GLN B 456 -30.85 -30.64 -16.10
C GLN B 456 -29.64 -29.99 -16.76
N ASN B 457 -28.48 -30.19 -16.15
CA ASN B 457 -27.19 -29.81 -16.74
C ASN B 457 -27.04 -28.29 -16.88
N GLN B 458 -27.56 -27.56 -15.90
CA GLN B 458 -27.14 -26.18 -15.75
C GLN B 458 -25.66 -26.16 -15.39
N GLN B 459 -24.90 -25.30 -16.06
CA GLN B 459 -23.51 -25.14 -15.67
C GLN B 459 -23.44 -24.73 -14.21
N THR B 460 -22.45 -25.25 -13.51
CA THR B 460 -22.18 -24.81 -12.15
C THR B 460 -20.72 -25.07 -11.87
N LEU B 461 -20.21 -24.44 -10.83
CA LEU B 461 -18.80 -24.46 -10.52
C LEU B 461 -18.64 -24.78 -9.05
N LYS B 462 -18.06 -25.94 -8.75
CA LYS B 462 -17.98 -26.41 -7.37
C LYS B 462 -16.56 -26.85 -7.03
N PHE B 463 -16.13 -26.53 -5.83
CA PHE B 463 -14.80 -26.85 -5.34
C PHE B 463 -14.89 -27.76 -4.13
N SER B 464 -13.88 -28.59 -3.94
CA SER B 464 -13.84 -29.51 -2.81
C SER B 464 -12.39 -29.76 -2.42
N VAL B 465 -12.19 -30.07 -1.13
CA VAL B 465 -10.84 -30.19 -0.61
C VAL B 465 -10.14 -31.38 -1.24
N ALA B 466 -8.91 -31.16 -1.71
CA ALA B 466 -8.08 -32.26 -2.14
C ALA B 466 -7.70 -33.06 -0.91
N GLY B 467 -8.04 -34.34 -0.90
CA GLY B 467 -7.91 -35.12 0.30
C GLY B 467 -7.57 -36.57 0.02
N PRO B 468 -7.18 -37.29 1.07
CA PRO B 468 -6.74 -38.68 0.87
C PRO B 468 -7.77 -39.57 0.22
N SER B 469 -9.06 -39.24 0.35
CA SER B 469 -10.08 -39.99 -0.36
C SER B 469 -9.84 -39.96 -1.87
N ASN B 470 -9.64 -38.77 -2.43
CA ASN B 470 -9.28 -38.63 -3.84
C ASN B 470 -7.87 -38.05 -3.90
N MET B 471 -6.88 -38.89 -4.16
CA MET B 471 -5.48 -38.48 -4.15
C MET B 471 -4.95 -38.10 -5.52
N ALA B 472 -5.67 -38.39 -6.59
CA ALA B 472 -5.16 -38.06 -7.90
C ALA B 472 -5.06 -36.56 -8.10
N VAL B 473 -5.86 -35.80 -7.35
CA VAL B 473 -6.06 -34.39 -7.62
C VAL B 473 -5.19 -33.49 -6.75
N GLN B 474 -4.42 -34.03 -5.82
CA GLN B 474 -3.73 -33.18 -4.87
C GLN B 474 -2.54 -32.50 -5.52
N GLY B 475 -2.34 -31.23 -5.15
CA GLY B 475 -1.24 -30.47 -5.71
C GLY B 475 0.10 -30.97 -5.20
N ARG B 476 0.99 -31.26 -6.15
CA ARG B 476 2.28 -31.84 -5.81
C ARG B 476 3.40 -30.85 -6.11
N ASN B 477 4.46 -30.96 -5.34
CA ASN B 477 5.60 -30.08 -5.47
C ASN B 477 6.54 -30.49 -6.58
N TYR B 478 6.49 -31.74 -7.03
CA TYR B 478 7.43 -32.23 -8.02
C TYR B 478 6.72 -33.15 -8.99
N ILE B 479 7.29 -33.29 -10.18
CA ILE B 479 6.66 -34.03 -11.26
C ILE B 479 7.69 -35.01 -11.81
N PRO B 480 7.24 -36.06 -12.49
CA PRO B 480 8.19 -37.04 -13.01
C PRO B 480 9.06 -36.46 -14.12
N GLY B 481 10.16 -37.16 -14.38
CA GLY B 481 11.15 -36.69 -15.33
C GLY B 481 10.67 -36.75 -16.77
N PRO B 482 11.57 -36.49 -17.70
CA PRO B 482 11.19 -36.41 -19.11
C PRO B 482 10.79 -37.77 -19.68
N SER B 483 10.15 -37.71 -20.83
CA SER B 483 9.79 -38.91 -21.57
C SER B 483 9.85 -38.64 -23.05
N TYR B 484 10.37 -39.61 -23.80
CA TYR B 484 10.36 -39.61 -25.26
C TYR B 484 9.93 -41.01 -25.66
N ARG B 485 8.74 -41.15 -26.24
CA ARG B 485 8.08 -42.44 -26.24
C ARG B 485 8.78 -43.45 -27.15
N GLN B 486 8.61 -44.73 -26.83
CA GLN B 486 9.05 -45.87 -27.62
C GLN B 486 7.85 -46.72 -28.00
N GLN B 487 8.04 -47.62 -28.96
CA GLN B 487 6.97 -48.55 -29.32
C GLN B 487 7.08 -49.83 -28.50
N ARG B 488 5.92 -50.33 -28.07
CA ARG B 488 5.83 -51.57 -27.29
C ARG B 488 5.89 -52.77 -28.23
N VAL B 489 6.84 -53.67 -27.97
CA VAL B 489 6.94 -54.92 -28.70
C VAL B 489 6.71 -56.06 -27.71
N SER B 490 5.84 -56.99 -28.09
CA SER B 490 5.44 -58.09 -27.22
C SER B 490 6.29 -59.32 -27.47
N THR B 491 6.58 -60.04 -26.40
CA THR B 491 7.32 -61.30 -26.51
C THR B 491 6.39 -62.49 -26.36
N GLU B 563 13.87 -51.79 -17.04
CA GLU B 563 14.11 -50.65 -16.14
C GLU B 563 12.94 -50.44 -15.21
N GLU B 564 12.27 -51.53 -14.85
CA GLU B 564 11.01 -51.46 -14.11
C GLU B 564 11.20 -51.05 -12.66
N GLU B 565 12.44 -50.86 -12.20
CA GLU B 565 12.65 -50.45 -10.82
C GLU B 565 12.39 -48.95 -10.63
N ILE B 566 12.66 -48.15 -11.65
CA ILE B 566 12.61 -46.70 -11.52
C ILE B 566 11.22 -46.19 -11.87
N LYS B 567 10.27 -47.11 -12.06
CA LYS B 567 8.91 -46.71 -12.44
C LYS B 567 8.29 -45.76 -11.43
N THR B 568 8.91 -45.57 -10.28
CA THR B 568 8.43 -44.59 -9.30
C THR B 568 8.55 -43.16 -9.82
N THR B 569 9.76 -42.72 -10.16
CA THR B 569 9.99 -41.34 -10.56
C THR B 569 10.06 -41.12 -12.07
N ASN B 570 9.98 -42.17 -12.87
CA ASN B 570 10.07 -41.95 -14.30
C ASN B 570 8.88 -42.59 -15.01
N PRO B 571 8.41 -42.00 -16.09
CA PRO B 571 7.23 -42.55 -16.77
C PRO B 571 7.58 -43.80 -17.55
N VAL B 572 6.56 -44.57 -17.89
CA VAL B 572 6.77 -45.78 -18.67
C VAL B 572 7.09 -45.39 -20.11
N ALA B 573 8.05 -46.11 -20.71
CA ALA B 573 8.53 -45.73 -22.04
C ALA B 573 7.48 -46.00 -23.12
N THR B 574 6.49 -46.85 -22.84
CA THR B 574 5.47 -47.19 -23.82
C THR B 574 4.17 -46.41 -23.62
N GLU B 575 4.07 -45.58 -22.59
CA GLU B 575 2.86 -44.83 -22.30
C GLU B 575 3.10 -43.34 -22.46
N SER B 576 2.02 -42.63 -22.73
CA SER B 576 2.10 -41.19 -22.91
C SER B 576 2.49 -40.51 -21.61
N TYR B 577 3.20 -39.39 -21.74
CA TYR B 577 3.58 -38.64 -20.55
C TYR B 577 2.36 -38.08 -19.86
N GLY B 578 1.33 -37.75 -20.62
CA GLY B 578 0.14 -37.18 -20.04
C GLY B 578 -0.61 -36.35 -21.07
N GLN B 579 -1.54 -35.55 -20.59
CA GLN B 579 -2.41 -34.77 -21.46
C GLN B 579 -2.12 -33.29 -21.33
N VAL B 580 -2.44 -32.55 -22.37
CA VAL B 580 -2.49 -31.10 -22.34
C VAL B 580 -3.83 -30.69 -22.90
N ALA B 581 -4.21 -29.44 -22.67
CA ALA B 581 -5.42 -28.93 -23.27
C ALA B 581 -5.08 -28.18 -24.54
N THR B 582 -5.69 -28.57 -25.66
CA THR B 582 -5.40 -27.94 -26.94
C THR B 582 -6.07 -26.59 -27.10
N ASN B 583 -7.37 -26.49 -26.77
CA ASN B 583 -8.14 -25.30 -27.08
C ASN B 583 -8.78 -24.75 -25.82
N HIS B 584 -9.20 -23.49 -25.89
CA HIS B 584 -10.04 -22.91 -24.86
C HIS B 584 -11.43 -23.51 -24.98
N GLN B 585 -11.98 -23.96 -23.86
CA GLN B 585 -13.38 -24.36 -23.89
C GLN B 585 -14.23 -23.11 -24.08
N SER B 586 -15.48 -23.31 -24.48
CA SER B 586 -16.45 -22.25 -24.52
C SER B 586 -17.83 -22.89 -24.55
N ALA B 587 -18.87 -22.07 -24.57
CA ALA B 587 -20.21 -22.61 -24.60
C ALA B 587 -20.46 -23.41 -25.86
N GLN B 588 -19.85 -22.99 -26.98
CA GLN B 588 -20.11 -23.68 -28.24
C GLN B 588 -19.00 -24.67 -28.61
N ALA B 589 -18.00 -24.85 -27.76
CA ALA B 589 -16.90 -25.75 -28.09
C ALA B 589 -16.47 -26.56 -26.88
N GLN B 590 -16.32 -27.86 -27.05
CA GLN B 590 -15.94 -28.72 -25.93
C GLN B 590 -14.45 -28.64 -25.65
N ALA B 591 -14.10 -28.90 -24.40
CA ALA B 591 -12.70 -28.92 -24.00
C ALA B 591 -12.01 -30.12 -24.61
N GLN B 592 -10.93 -29.87 -25.32
CA GLN B 592 -10.19 -30.92 -26.00
C GLN B 592 -8.87 -31.12 -25.28
N THR B 593 -8.39 -32.35 -25.32
CA THR B 593 -7.09 -32.68 -24.78
C THR B 593 -6.38 -33.62 -25.72
N GLY B 594 -5.06 -33.64 -25.62
CA GLY B 594 -4.24 -34.44 -26.50
C GLY B 594 -3.02 -34.95 -25.75
N TRP B 595 -2.40 -35.97 -26.33
CA TRP B 595 -1.40 -36.73 -25.60
C TRP B 595 -0.02 -36.10 -25.77
N VAL B 596 0.78 -36.14 -24.71
CA VAL B 596 2.16 -35.72 -24.78
C VAL B 596 3.02 -36.95 -25.09
N GLN B 597 3.53 -37.03 -26.30
CA GLN B 597 4.39 -38.14 -26.66
C GLN B 597 5.82 -37.93 -26.16
N ASN B 598 6.34 -36.72 -26.32
CA ASN B 598 7.65 -36.36 -25.83
C ASN B 598 7.51 -35.17 -24.88
N GLN B 599 8.26 -35.21 -23.78
CA GLN B 599 8.23 -34.13 -22.80
C GLN B 599 9.65 -33.79 -22.38
N GLY B 600 10.06 -32.55 -22.62
CA GLY B 600 11.36 -32.10 -22.19
C GLY B 600 11.36 -31.79 -20.71
N ILE B 601 12.49 -31.24 -20.26
CA ILE B 601 12.63 -30.90 -18.85
C ILE B 601 11.68 -29.77 -18.50
N LEU B 602 11.17 -29.79 -17.26
CA LEU B 602 10.46 -28.66 -16.68
C LEU B 602 11.10 -28.33 -15.34
N PRO B 603 10.92 -27.10 -14.86
CA PRO B 603 11.34 -26.82 -13.48
C PRO B 603 10.53 -27.65 -12.52
N GLY B 604 11.23 -28.37 -11.64
CA GLY B 604 10.58 -29.24 -10.70
C GLY B 604 10.50 -30.69 -11.09
N MET B 605 11.16 -31.09 -12.18
CA MET B 605 11.24 -32.51 -12.49
C MET B 605 12.33 -33.20 -11.69
N VAL B 606 12.09 -34.46 -11.35
CA VAL B 606 13.09 -35.35 -10.79
C VAL B 606 13.06 -36.64 -11.59
N TRP B 607 14.19 -37.34 -11.63
CA TRP B 607 14.26 -38.56 -12.42
C TRP B 607 15.41 -39.41 -11.90
N GLN B 608 15.42 -40.66 -12.35
CA GLN B 608 16.50 -41.60 -12.10
C GLN B 608 17.19 -41.98 -13.40
N ASP B 609 18.49 -42.23 -13.32
CA ASP B 609 19.24 -42.68 -14.48
C ASP B 609 19.07 -44.19 -14.64
N ARG B 610 19.87 -44.78 -15.52
CA ARG B 610 19.70 -46.18 -15.89
C ARG B 610 20.61 -47.09 -15.07
N ILE B 622 32.22 -37.92 -22.38
CA ILE B 622 31.54 -36.65 -22.54
C ILE B 622 32.16 -35.88 -23.71
N PRO B 623 31.34 -35.42 -24.64
CA PRO B 623 31.85 -34.61 -25.75
C PRO B 623 32.47 -33.32 -25.25
N HIS B 624 33.27 -32.69 -26.09
CA HIS B 624 33.80 -31.37 -25.78
C HIS B 624 32.95 -30.36 -26.54
N THR B 625 32.08 -29.66 -25.82
CA THR B 625 31.01 -28.89 -26.43
C THR B 625 30.75 -27.65 -25.60
N ASP B 626 30.00 -26.71 -26.19
CA ASP B 626 29.68 -25.46 -25.51
C ASP B 626 28.72 -25.69 -24.36
N GLY B 627 27.86 -26.70 -24.48
CA GLY B 627 26.97 -27.01 -23.38
C GLY B 627 26.44 -28.41 -23.46
N ASN B 628 26.11 -28.94 -22.29
CA ASN B 628 25.47 -30.24 -22.16
C ASN B 628 24.51 -30.17 -20.99
N PHE B 629 23.64 -31.16 -20.89
CA PHE B 629 22.72 -31.24 -19.76
C PHE B 629 22.77 -32.65 -19.19
N HIS B 630 23.14 -32.74 -17.91
CA HIS B 630 23.24 -34.00 -17.19
C HIS B 630 24.10 -34.98 -17.99
N PRO B 631 25.41 -34.80 -17.96
CA PRO B 631 26.30 -35.55 -18.86
C PRO B 631 26.26 -37.07 -18.72
N SER B 632 25.64 -37.59 -17.67
CA SER B 632 25.67 -39.03 -17.41
C SER B 632 25.26 -39.81 -18.67
N PRO B 633 26.09 -40.72 -19.16
CA PRO B 633 25.83 -41.36 -20.44
C PRO B 633 24.60 -42.26 -20.41
N LEU B 634 24.12 -42.60 -21.59
CA LEU B 634 22.89 -43.37 -21.70
C LEU B 634 23.16 -44.87 -21.56
N VAL C 221 7.77 -29.96 38.30
CA VAL C 221 6.35 -30.20 38.45
C VAL C 221 5.65 -28.90 38.83
N GLY C 222 6.29 -28.11 39.68
CA GLY C 222 5.73 -26.86 40.13
C GLY C 222 6.39 -25.61 39.61
N SER C 223 7.24 -25.71 38.60
CA SER C 223 7.95 -24.55 38.04
C SER C 223 7.87 -24.57 36.53
N SER C 224 7.64 -23.39 35.94
CA SER C 224 7.47 -23.28 34.50
C SER C 224 8.75 -23.70 33.77
N SER C 225 8.59 -24.60 32.80
CA SER C 225 9.71 -25.13 32.06
C SER C 225 10.08 -24.31 30.84
N GLY C 226 9.44 -23.16 30.64
CA GLY C 226 9.72 -22.29 29.52
C GLY C 226 8.85 -21.06 29.62
N ASN C 227 9.14 -20.10 28.75
CA ASN C 227 8.44 -18.82 28.72
C ASN C 227 7.63 -18.66 27.46
N TRP C 228 6.93 -17.53 27.37
CA TRP C 228 6.08 -17.22 26.22
C TRP C 228 6.77 -16.18 25.36
N HIS C 229 7.12 -16.55 24.13
CA HIS C 229 7.77 -15.63 23.19
C HIS C 229 6.96 -15.59 21.91
N CYS C 230 6.35 -14.45 21.63
CA CYS C 230 5.86 -14.13 20.29
C CYS C 230 6.18 -12.68 20.04
N ASP C 231 6.84 -12.40 18.92
CA ASP C 231 7.20 -11.05 18.51
C ASP C 231 8.01 -11.11 17.23
N SER C 232 8.32 -9.95 16.67
CA SER C 232 9.22 -9.85 15.54
C SER C 232 10.14 -8.66 15.74
N GLN C 233 11.42 -8.90 15.54
CA GLN C 233 12.45 -7.90 15.77
C GLN C 233 13.09 -7.59 14.43
N TRP C 234 12.84 -6.39 13.92
CA TRP C 234 13.34 -5.99 12.61
C TRP C 234 14.67 -5.30 12.84
N LEU C 235 15.76 -5.96 12.46
CA LEU C 235 17.10 -5.50 12.79
C LEU C 235 17.91 -5.47 11.49
N GLY C 236 18.24 -4.27 11.01
CA GLY C 236 19.10 -4.16 9.85
C GLY C 236 18.61 -4.93 8.64
N ASP C 237 19.44 -5.85 8.14
CA ASP C 237 19.08 -6.70 7.01
C ASP C 237 18.44 -8.02 7.44
N ARG C 238 18.22 -8.23 8.72
CA ARG C 238 17.71 -9.51 9.21
C ARG C 238 16.42 -9.31 9.97
N VAL C 239 15.62 -10.37 10.03
CA VAL C 239 14.34 -10.36 10.72
C VAL C 239 14.28 -11.61 11.60
N ILE C 240 13.83 -11.43 12.83
CA ILE C 240 13.69 -12.53 13.78
C ILE C 240 12.22 -12.62 14.17
N THR C 241 11.58 -13.70 13.77
CA THR C 241 10.17 -13.93 14.05
C THR C 241 9.99 -15.15 14.93
N THR C 242 9.25 -14.98 16.02
CA THR C 242 9.08 -16.04 17.01
C THR C 242 7.61 -16.25 17.27
N SER C 243 7.15 -17.49 17.16
CA SER C 243 5.74 -17.81 17.32
C SER C 243 5.57 -18.91 18.35
N THR C 244 4.62 -18.72 19.25
CA THR C 244 4.34 -19.66 20.32
C THR C 244 2.86 -20.03 20.30
N ARG C 245 2.55 -21.32 20.41
CA ARG C 245 1.17 -21.78 20.34
C ARG C 245 0.92 -22.82 21.41
N THR C 246 -0.35 -23.08 21.70
CA THR C 246 -0.76 -24.10 22.66
C THR C 246 -1.46 -25.24 21.93
N TRP C 247 -1.02 -26.46 22.20
CA TRP C 247 -1.38 -27.63 21.42
C TRP C 247 -2.03 -28.69 22.29
N ALA C 248 -2.66 -29.66 21.65
CA ALA C 248 -3.23 -30.82 22.33
C ALA C 248 -2.89 -32.07 21.55
N LEU C 249 -2.44 -33.11 22.24
CA LEU C 249 -2.08 -34.37 21.61
C LEU C 249 -2.95 -35.50 22.16
N PRO C 250 -3.85 -36.06 21.38
CA PRO C 250 -4.60 -37.25 21.82
C PRO C 250 -3.79 -38.52 21.55
N THR C 251 -4.45 -39.66 21.72
CA THR C 251 -3.84 -40.95 21.38
C THR C 251 -4.49 -41.50 20.12
N TYR C 252 -3.66 -41.88 19.16
CA TYR C 252 -4.14 -42.32 17.84
C TYR C 252 -4.02 -43.83 17.71
N ASN C 253 -4.99 -44.42 17.03
CA ASN C 253 -4.99 -45.84 16.67
C ASN C 253 -4.86 -46.75 17.88
N ASN C 254 -5.29 -46.30 19.05
CA ASN C 254 -5.19 -47.07 20.28
C ASN C 254 -3.77 -47.60 20.50
N HIS C 255 -2.79 -46.70 20.37
CA HIS C 255 -1.38 -47.01 20.57
C HIS C 255 -0.87 -48.07 19.61
N LEU C 256 -1.48 -48.24 18.45
CA LEU C 256 -1.09 -49.28 17.52
C LEU C 256 -0.68 -48.71 16.17
N TYR C 257 0.28 -49.37 15.52
CA TYR C 257 0.47 -49.20 14.09
C TYR C 257 -0.65 -49.93 13.36
N LYS C 258 -1.40 -49.21 12.55
CA LYS C 258 -2.46 -49.86 11.77
C LYS C 258 -2.22 -49.63 10.29
N GLN C 259 -2.25 -50.72 9.54
CA GLN C 259 -2.20 -50.68 8.09
C GLN C 259 -3.46 -50.02 7.55
N ILE C 260 -3.31 -49.24 6.47
CA ILE C 260 -4.41 -48.58 5.80
C ILE C 260 -4.27 -48.76 4.30
N SER C 261 -5.38 -48.95 3.63
CA SER C 261 -5.41 -49.01 2.17
C SER C 261 -6.80 -48.61 1.71
N ASN C 262 -6.87 -48.21 0.44
CA ASN C 262 -8.13 -47.75 -0.13
C ASN C 262 -9.21 -48.82 -0.03
N SER C 263 -8.82 -50.10 0.01
CA SER C 263 -9.78 -51.18 0.15
C SER C 263 -10.62 -51.02 1.41
N THR C 264 -10.05 -50.39 2.44
CA THR C 264 -10.84 -50.07 3.62
C THR C 264 -11.91 -49.04 3.30
N SER C 265 -11.55 -47.98 2.59
CA SER C 265 -12.47 -46.89 2.31
C SER C 265 -13.25 -47.08 1.02
N GLY C 266 -13.11 -48.23 0.35
CA GLY C 266 -13.85 -48.54 -0.85
C GLY C 266 -13.03 -48.53 -2.13
N GLY C 267 -11.87 -47.87 -2.15
CA GLY C 267 -10.91 -48.02 -3.24
C GLY C 267 -11.47 -47.87 -4.64
N SER C 268 -12.13 -46.74 -4.92
CA SER C 268 -12.89 -46.61 -6.16
C SER C 268 -12.03 -46.80 -7.39
N SER C 269 -10.95 -46.05 -7.52
CA SER C 269 -10.22 -45.96 -8.77
C SER C 269 -8.78 -46.44 -8.61
N ASN C 270 -8.18 -46.79 -9.74
CA ASN C 270 -6.77 -47.17 -9.73
C ASN C 270 -5.89 -45.93 -9.58
N ASP C 271 -6.39 -44.78 -10.02
CA ASP C 271 -5.63 -43.54 -9.85
C ASP C 271 -5.46 -43.19 -8.38
N ASN C 272 -6.50 -43.45 -7.58
CA ASN C 272 -6.46 -43.04 -6.18
C ASN C 272 -5.85 -44.12 -5.30
N ALA C 273 -5.34 -45.19 -5.88
CA ALA C 273 -4.86 -46.33 -5.11
C ALA C 273 -3.68 -45.94 -4.23
N TYR C 274 -3.70 -46.44 -3.00
CA TYR C 274 -2.61 -46.18 -2.07
C TYR C 274 -2.49 -47.35 -1.11
N PHE C 275 -1.27 -47.60 -0.67
CA PHE C 275 -0.99 -48.60 0.36
C PHE C 275 -0.06 -47.97 1.37
N GLY C 276 -0.48 -47.93 2.63
CA GLY C 276 0.30 -47.25 3.63
C GLY C 276 -0.11 -47.62 5.03
N TYR C 277 0.43 -46.88 5.99
CA TYR C 277 0.25 -47.18 7.41
C TYR C 277 -0.17 -45.93 8.15
N SER C 278 -0.71 -46.13 9.34
CA SER C 278 -1.06 -45.05 10.24
C SER C 278 -0.47 -45.34 11.61
N THR C 279 0.26 -44.37 12.15
CA THR C 279 1.00 -44.54 13.38
C THR C 279 0.39 -43.68 14.46
N PRO C 280 0.50 -44.08 15.73
CA PRO C 280 0.01 -43.21 16.80
C PRO C 280 0.79 -41.92 16.95
N TRP C 281 1.98 -41.84 16.37
CA TRP C 281 2.81 -40.65 16.47
C TRP C 281 2.12 -39.46 15.82
N GLY C 282 2.15 -38.31 16.51
CA GLY C 282 1.76 -37.05 15.94
C GLY C 282 3.02 -36.24 15.60
N TYR C 283 2.83 -35.14 14.88
CA TYR C 283 3.98 -34.34 14.51
C TYR C 283 3.60 -32.86 14.46
N PHE C 284 4.59 -32.02 14.73
CA PHE C 284 4.44 -30.58 14.61
C PHE C 284 4.75 -30.12 13.20
N ASP C 285 3.90 -29.26 12.66
CA ASP C 285 4.07 -28.70 11.32
C ASP C 285 3.92 -27.19 11.41
N PHE C 286 5.03 -26.47 11.26
CA PHE C 286 5.01 -25.00 11.19
C PHE C 286 5.22 -24.46 9.79
N ASN C 287 5.13 -25.32 8.77
CA ASN C 287 5.58 -25.09 7.39
C ASN C 287 4.88 -23.91 6.65
N ARG C 288 3.83 -23.28 7.18
CA ARG C 288 3.14 -22.21 6.47
C ARG C 288 3.56 -20.86 7.00
N PHE C 289 3.61 -19.85 6.12
CA PHE C 289 4.10 -18.52 6.51
C PHE C 289 3.29 -17.88 7.62
N HIS C 290 1.96 -17.87 7.52
CA HIS C 290 1.18 -17.12 8.49
C HIS C 290 1.39 -17.59 9.92
N CYS C 291 2.03 -18.74 10.11
CA CYS C 291 2.47 -19.12 11.45
C CYS C 291 3.44 -18.09 12.00
N HIS C 292 4.44 -17.70 11.21
CA HIS C 292 5.50 -16.81 11.64
C HIS C 292 5.14 -15.33 11.60
N PHE C 293 4.49 -14.86 10.53
CA PHE C 293 4.28 -13.45 10.30
C PHE C 293 2.86 -13.05 10.64
N SER C 294 2.71 -12.08 11.51
CA SER C 294 1.44 -11.39 11.60
C SER C 294 1.21 -10.63 10.30
N PRO C 295 -0.05 -10.39 9.95
CA PRO C 295 -0.40 -9.68 8.71
C PRO C 295 0.36 -8.38 8.54
N ARG C 296 0.45 -7.58 9.60
CA ARG C 296 1.20 -6.33 9.54
C ARG C 296 2.67 -6.58 9.32
N ASP C 297 3.23 -7.61 9.95
CA ASP C 297 4.64 -7.92 9.77
C ASP C 297 4.89 -8.26 8.32
N TRP C 298 4.09 -9.19 7.81
CA TRP C 298 4.16 -9.59 6.41
C TRP C 298 4.10 -8.37 5.51
N GLN C 299 3.22 -7.43 5.82
CA GLN C 299 3.13 -6.20 5.03
C GLN C 299 4.47 -5.48 5.02
N ARG C 300 5.15 -5.45 6.16
CA ARG C 300 6.41 -4.75 6.25
C ARG C 300 7.49 -5.47 5.46
N LEU C 301 7.19 -6.68 4.97
CA LEU C 301 8.16 -7.44 4.19
C LEU C 301 7.94 -7.24 2.71
N ILE C 302 6.77 -7.65 2.20
CA ILE C 302 6.43 -7.46 0.80
C ILE C 302 6.58 -6.02 0.34
N ASN C 303 6.35 -5.04 1.21
CA ASN C 303 6.45 -3.66 0.79
C ASN C 303 7.89 -3.20 0.62
N ASN C 304 8.77 -3.54 1.55
CA ASN C 304 10.09 -2.92 1.62
C ASN C 304 11.23 -3.78 1.06
N ASN C 305 10.99 -5.00 0.59
CA ASN C 305 12.11 -5.91 0.35
C ASN C 305 12.02 -6.62 -1.00
N TRP C 306 13.18 -6.81 -1.62
CA TRP C 306 13.30 -7.54 -2.89
C TRP C 306 13.62 -9.01 -2.71
N GLY C 307 13.69 -9.51 -1.49
CA GLY C 307 13.93 -10.93 -1.32
C GLY C 307 14.14 -11.27 0.13
N PHE C 308 13.99 -12.56 0.42
CA PHE C 308 14.22 -13.07 1.76
C PHE C 308 14.49 -14.56 1.65
N ARG C 309 14.98 -15.14 2.75
CA ARG C 309 15.29 -16.55 2.86
C ARG C 309 15.64 -16.86 4.30
N PRO C 310 15.28 -18.04 4.79
CA PRO C 310 15.53 -18.35 6.19
C PRO C 310 16.99 -18.71 6.44
N LYS C 311 17.45 -18.38 7.63
CA LYS C 311 18.81 -18.69 8.05
C LYS C 311 18.82 -19.72 9.18
N ARG C 312 18.24 -19.39 10.33
CA ARG C 312 18.27 -20.24 11.50
C ARG C 312 16.86 -20.55 11.97
N LEU C 313 16.70 -21.77 12.48
CA LEU C 313 15.46 -22.23 13.07
C LEU C 313 15.75 -22.74 14.48
N ASN C 314 15.04 -22.20 15.47
CA ASN C 314 15.29 -22.57 16.85
C ASN C 314 13.97 -22.97 17.49
N PHE C 315 13.84 -24.24 17.82
CA PHE C 315 12.56 -24.85 18.18
C PHE C 315 12.58 -25.23 19.65
N LYS C 316 11.48 -24.96 20.35
CA LYS C 316 11.36 -25.29 21.76
C LYS C 316 9.99 -25.88 22.05
N LEU C 317 9.97 -26.85 22.94
CA LEU C 317 8.76 -27.57 23.34
C LEU C 317 8.83 -27.80 24.84
N PHE C 318 7.76 -27.48 25.55
CA PHE C 318 7.85 -27.44 27.01
C PHE C 318 6.46 -27.37 27.62
N ASN C 319 6.44 -27.21 28.95
CA ASN C 319 5.21 -27.12 29.75
C ASN C 319 4.25 -28.25 29.44
N ILE C 320 4.79 -29.46 29.36
CA ILE C 320 3.97 -30.63 29.07
C ILE C 320 3.03 -30.89 30.22
N GLN C 321 1.77 -31.16 29.91
CA GLN C 321 0.76 -31.52 30.91
C GLN C 321 0.03 -32.75 30.40
N VAL C 322 0.17 -33.88 31.09
CA VAL C 322 -0.47 -35.11 30.66
C VAL C 322 -1.77 -35.28 31.44
N LYS C 323 -2.86 -35.50 30.70
CA LYS C 323 -4.17 -35.68 31.29
C LYS C 323 -4.66 -37.09 31.01
N GLU C 324 -5.56 -37.56 31.87
CA GLU C 324 -6.13 -38.88 31.79
C GLU C 324 -7.63 -38.80 32.03
N VAL C 325 -8.39 -39.67 31.38
CA VAL C 325 -9.83 -39.63 31.47
C VAL C 325 -10.37 -40.99 31.89
N THR C 326 -11.04 -41.05 33.05
CA THR C 326 -11.85 -42.21 33.37
C THR C 326 -13.32 -41.81 33.31
N ASP C 327 -14.02 -42.28 32.28
CA ASP C 327 -15.41 -41.90 32.05
C ASP C 327 -16.31 -42.72 32.96
N ASN C 328 -17.05 -42.04 33.83
CA ASN C 328 -18.01 -42.67 34.72
C ASN C 328 -19.38 -42.06 34.47
N ASN C 329 -20.30 -42.88 33.98
CA ASN C 329 -21.68 -42.46 33.67
C ASN C 329 -21.60 -41.27 32.72
N GLY C 330 -22.41 -40.22 32.91
CA GLY C 330 -22.41 -39.11 31.97
C GLY C 330 -21.12 -38.31 32.00
N VAL C 331 -20.75 -37.79 33.15
CA VAL C 331 -19.63 -36.87 33.30
C VAL C 331 -18.32 -37.66 33.28
N LYS C 332 -17.42 -37.27 32.39
CA LYS C 332 -16.08 -37.84 32.41
C LYS C 332 -15.21 -37.14 33.45
N THR C 333 -14.20 -37.86 33.91
CA THR C 333 -13.28 -37.39 34.95
C THR C 333 -11.94 -37.06 34.30
N ILE C 334 -11.39 -35.89 34.64
CA ILE C 334 -10.10 -35.47 34.11
C ILE C 334 -9.28 -34.90 35.26
N ALA C 335 -8.06 -35.44 35.43
CA ALA C 335 -7.16 -34.92 36.45
C ALA C 335 -5.73 -35.21 36.04
N ASN C 336 -4.80 -34.48 36.67
CA ASN C 336 -3.39 -34.60 36.33
C ASN C 336 -2.88 -36.02 36.54
N ASN C 337 -2.04 -36.47 35.62
CA ASN C 337 -1.30 -37.71 35.75
C ASN C 337 0.17 -37.32 35.81
N LEU C 338 0.78 -37.45 37.00
CA LEU C 338 2.07 -36.85 37.23
C LEU C 338 3.24 -37.65 36.67
N THR C 339 3.18 -38.98 36.74
CA THR C 339 4.30 -39.82 36.35
C THR C 339 4.30 -40.18 34.87
N SER C 340 3.38 -39.61 34.09
CA SER C 340 3.30 -39.91 32.67
C SER C 340 4.40 -39.19 31.89
N THR C 341 4.79 -39.80 30.78
CA THR C 341 5.83 -39.25 29.92
C THR C 341 5.27 -38.99 28.53
N VAL C 342 5.92 -38.08 27.81
CA VAL C 342 5.59 -37.76 26.43
C VAL C 342 6.84 -37.83 25.59
N GLN C 343 6.90 -38.80 24.69
CA GLN C 343 8.07 -39.01 23.83
C GLN C 343 8.06 -38.05 22.66
N VAL C 344 9.22 -37.47 22.37
CA VAL C 344 9.39 -36.58 21.24
C VAL C 344 10.78 -36.76 20.67
N PHE C 345 10.89 -36.78 19.34
CA PHE C 345 12.17 -36.86 18.69
C PHE C 345 12.04 -36.26 17.30
N THR C 346 13.18 -35.95 16.70
CA THR C 346 13.22 -35.38 15.36
C THR C 346 13.92 -36.36 14.43
N ASP C 347 13.55 -36.32 13.16
CA ASP C 347 14.29 -37.10 12.16
C ASP C 347 15.22 -36.11 11.47
N SER C 348 16.46 -36.09 11.91
CA SER C 348 17.48 -35.26 11.29
C SER C 348 18.40 -36.04 10.36
N ASP C 349 18.26 -37.36 10.33
CA ASP C 349 18.96 -38.21 9.37
C ASP C 349 18.09 -38.56 8.18
N TYR C 350 16.83 -38.17 8.20
CA TYR C 350 15.91 -38.29 7.06
C TYR C 350 15.72 -39.74 6.65
N GLN C 351 15.65 -40.63 7.64
CA GLN C 351 15.37 -42.03 7.40
C GLN C 351 13.88 -42.33 7.26
N LEU C 352 13.01 -41.48 7.80
CA LEU C 352 11.57 -41.57 7.69
C LEU C 352 11.08 -40.86 6.45
N PRO C 353 9.85 -41.15 6.01
CA PRO C 353 9.22 -40.31 4.99
C PRO C 353 9.09 -38.88 5.47
N TYR C 354 9.09 -37.94 4.52
CA TYR C 354 8.96 -36.53 4.82
C TYR C 354 7.60 -36.08 4.29
N VAL C 355 6.66 -35.85 5.20
CA VAL C 355 5.30 -35.49 4.85
C VAL C 355 5.03 -34.00 4.96
N LEU C 356 6.06 -33.20 5.25
CA LEU C 356 5.85 -31.77 5.47
C LEU C 356 5.84 -30.95 4.20
N GLY C 357 5.97 -31.59 3.04
CA GLY C 357 6.06 -30.82 1.81
C GLY C 357 4.77 -30.69 1.03
N SER C 358 3.76 -31.47 1.39
CA SER C 358 2.56 -31.60 0.57
C SER C 358 1.45 -30.63 0.95
N ALA C 359 1.72 -29.70 1.86
CA ALA C 359 0.77 -28.64 2.22
C ALA C 359 -0.47 -29.21 2.89
N HIS C 360 -0.27 -30.13 3.81
CA HIS C 360 -1.36 -30.68 4.59
C HIS C 360 -1.83 -29.68 5.64
N GLU C 361 -3.04 -29.92 6.14
CA GLU C 361 -3.59 -29.11 7.20
C GLU C 361 -2.98 -29.54 8.54
N GLY C 362 -3.37 -28.85 9.61
CA GLY C 362 -2.88 -29.18 10.93
C GLY C 362 -1.69 -28.38 11.39
N CYS C 363 -1.32 -27.33 10.68
CA CYS C 363 -0.17 -26.52 11.03
C CYS C 363 -0.47 -25.68 12.28
N LEU C 364 0.51 -24.91 12.71
CA LEU C 364 0.26 -23.95 13.77
C LEU C 364 -0.81 -22.97 13.31
N PRO C 365 -1.61 -22.43 14.23
CA PRO C 365 -2.71 -21.58 13.81
C PRO C 365 -2.20 -20.25 13.33
N PRO C 366 -2.95 -19.57 12.46
CA PRO C 366 -2.56 -18.21 12.07
C PRO C 366 -2.62 -17.25 13.22
N PHE C 367 -3.58 -17.40 14.09
CA PHE C 367 -3.84 -16.46 15.16
C PHE C 367 -3.37 -17.04 16.48
N PRO C 368 -2.54 -16.30 17.23
CA PRO C 368 -1.87 -16.91 18.38
C PRO C 368 -2.81 -17.55 19.38
N ALA C 369 -3.97 -16.94 19.64
CA ALA C 369 -4.81 -17.43 20.72
C ALA C 369 -5.53 -18.72 20.35
N ASP C 370 -5.38 -19.18 19.11
CA ASP C 370 -6.02 -20.44 18.73
C ASP C 370 -5.22 -21.62 19.25
N VAL C 371 -5.90 -22.50 19.99
CA VAL C 371 -5.33 -23.74 20.49
C VAL C 371 -5.63 -24.82 19.46
N PHE C 372 -4.60 -25.58 19.07
CA PHE C 372 -4.76 -26.49 17.94
C PHE C 372 -4.52 -27.93 18.37
N MET C 373 -4.56 -28.82 17.38
CA MET C 373 -4.48 -30.26 17.59
C MET C 373 -3.41 -30.86 16.68
N ILE C 374 -2.50 -31.60 17.27
CA ILE C 374 -1.36 -32.15 16.52
C ILE C 374 -1.88 -33.16 15.50
N PRO C 375 -1.50 -33.06 14.24
CA PRO C 375 -1.96 -34.02 13.24
C PRO C 375 -1.37 -35.40 13.47
N GLN C 376 -2.04 -36.39 12.88
CA GLN C 376 -1.58 -37.76 12.97
C GLN C 376 -0.58 -38.06 11.87
N TYR C 377 0.44 -38.84 12.19
CA TYR C 377 1.49 -39.14 11.23
C TYR C 377 1.14 -40.42 10.46
N GLY C 378 1.25 -40.34 9.14
CA GLY C 378 0.99 -41.48 8.29
C GLY C 378 1.90 -41.40 7.09
N TYR C 379 2.02 -42.52 6.38
CA TYR C 379 2.88 -42.56 5.22
C TYR C 379 2.44 -43.68 4.30
N LEU C 380 2.87 -43.59 3.06
CA LEU C 380 2.48 -44.50 2.00
C LEU C 380 3.73 -45.18 1.44
N THR C 381 3.52 -46.28 0.73
CA THR C 381 4.63 -46.97 0.10
C THR C 381 4.22 -47.61 -1.21
N LEU C 382 5.15 -48.33 -1.85
CA LEU C 382 4.89 -48.91 -3.16
C LEU C 382 3.67 -49.83 -3.11
N ASN C 383 2.94 -49.88 -4.22
CA ASN C 383 1.71 -50.64 -4.26
C ASN C 383 1.32 -50.97 -5.69
N ASP C 384 0.52 -52.02 -5.83
CA ASP C 384 -0.23 -52.32 -7.04
C ASP C 384 -1.68 -52.52 -6.61
N GLY C 385 -2.54 -51.60 -6.99
CA GLY C 385 -3.85 -51.57 -6.36
C GLY C 385 -3.68 -51.47 -4.87
N SER C 386 -4.57 -52.12 -4.13
CA SER C 386 -4.48 -52.15 -2.68
C SER C 386 -3.45 -53.12 -2.16
N GLN C 387 -3.00 -54.07 -2.97
CA GLN C 387 -1.98 -55.01 -2.55
C GLN C 387 -0.62 -54.32 -2.47
N ALA C 388 0.29 -54.93 -1.72
CA ALA C 388 1.64 -54.42 -1.58
C ALA C 388 2.56 -55.12 -2.57
N VAL C 389 3.86 -54.83 -2.46
CA VAL C 389 4.89 -55.50 -3.23
C VAL C 389 6.05 -55.79 -2.30
N GLY C 390 7.01 -56.56 -2.80
CA GLY C 390 8.16 -56.89 -1.98
C GLY C 390 8.96 -55.70 -1.52
N ARG C 391 9.04 -54.65 -2.35
CA ARG C 391 9.91 -53.52 -2.08
C ARG C 391 9.29 -52.51 -1.13
N SER C 392 8.01 -52.62 -0.82
CA SER C 392 7.37 -51.75 0.15
C SER C 392 8.13 -51.75 1.47
N SER C 393 8.28 -50.57 2.06
CA SER C 393 9.05 -50.39 3.27
C SER C 393 8.13 -50.05 4.44
N PHE C 394 8.37 -50.71 5.57
CA PHE C 394 7.61 -50.49 6.79
C PHE C 394 8.52 -49.97 7.88
N TYR C 395 8.22 -48.76 8.35
CA TYR C 395 9.04 -48.08 9.36
C TYR C 395 8.34 -48.10 10.69
N CYS C 396 8.99 -48.65 11.71
CA CYS C 396 8.52 -48.57 13.08
C CYS C 396 9.24 -47.42 13.76
N LEU C 397 8.49 -46.41 14.18
CA LEU C 397 9.12 -45.23 14.76
C LEU C 397 9.60 -45.45 16.19
N GLU C 398 9.05 -46.45 16.89
CA GLU C 398 9.60 -46.87 18.17
C GLU C 398 11.08 -47.23 18.06
N TYR C 399 11.53 -47.63 16.88
CA TYR C 399 12.88 -48.08 16.60
C TYR C 399 13.91 -46.96 16.68
N PHE C 400 13.47 -45.72 16.79
CA PHE C 400 14.26 -44.51 16.86
C PHE C 400 14.49 -44.09 18.31
N PRO C 401 15.73 -43.79 18.66
CA PRO C 401 15.99 -43.19 19.97
C PRO C 401 15.26 -41.86 20.09
N SER C 402 14.51 -41.72 21.18
CA SER C 402 13.65 -40.57 21.37
C SER C 402 13.69 -40.15 22.83
N GLN C 403 13.60 -38.84 23.03
CA GLN C 403 13.62 -38.28 24.38
C GLN C 403 12.26 -38.48 25.02
N MET C 404 12.24 -38.60 26.34
CA MET C 404 11.02 -38.83 27.09
C MET C 404 10.88 -37.76 28.15
N LEU C 405 9.76 -37.06 28.13
CA LEU C 405 9.55 -35.87 28.95
C LEU C 405 8.45 -36.13 29.95
N ARG C 406 8.71 -35.83 31.21
CA ARG C 406 7.65 -35.75 32.19
C ARG C 406 7.21 -34.30 32.33
N THR C 407 6.27 -34.04 33.23
CA THR C 407 5.64 -32.73 33.28
C THR C 407 6.59 -31.62 33.66
N GLY C 408 7.81 -31.94 34.07
CA GLY C 408 8.81 -30.92 34.33
C GLY C 408 9.87 -30.73 33.29
N ASN C 409 10.04 -31.69 32.37
CA ASN C 409 11.04 -31.59 31.33
C ASN C 409 10.59 -30.68 30.20
N ASN C 410 11.58 -30.20 29.43
CA ASN C 410 11.33 -29.43 28.22
C ASN C 410 12.19 -29.98 27.09
N PHE C 411 11.86 -29.57 25.87
CA PHE C 411 12.51 -30.07 24.66
C PHE C 411 12.90 -28.90 23.77
N GLN C 412 14.11 -28.92 23.25
CA GLN C 412 14.60 -27.81 22.45
C GLN C 412 15.67 -28.31 21.48
N PHE C 413 15.70 -27.72 20.29
CA PHE C 413 16.79 -27.95 19.36
C PHE C 413 16.85 -26.80 18.38
N SER C 414 18.01 -26.63 17.77
CA SER C 414 18.24 -25.54 16.85
C SER C 414 18.62 -26.10 15.48
N TYR C 415 18.44 -25.28 14.46
CA TYR C 415 18.62 -25.71 13.09
C TYR C 415 19.19 -24.56 12.26
N GLU C 416 20.11 -24.91 11.37
CA GLU C 416 20.80 -23.95 10.51
C GLU C 416 20.41 -24.26 9.07
N PHE C 417 19.60 -23.40 8.46
CA PHE C 417 19.15 -23.65 7.10
C PHE C 417 20.31 -23.71 6.13
N GLU C 418 20.24 -24.67 5.21
CA GLU C 418 21.20 -24.74 4.13
C GLU C 418 20.98 -23.59 3.17
N ASN C 419 22.00 -23.31 2.36
CA ASN C 419 21.95 -22.14 1.50
C ASN C 419 20.93 -22.32 0.39
N VAL C 420 19.98 -21.40 0.31
CA VAL C 420 18.95 -21.41 -0.71
C VAL C 420 18.89 -20.02 -1.34
N PRO C 421 18.58 -19.94 -2.63
CA PRO C 421 18.51 -18.63 -3.27
C PRO C 421 17.36 -17.81 -2.74
N PHE C 422 17.56 -16.50 -2.66
CA PHE C 422 16.51 -15.60 -2.21
C PHE C 422 15.24 -15.83 -2.98
N HIS C 423 14.11 -15.73 -2.31
CA HIS C 423 12.85 -15.81 -3.01
C HIS C 423 12.65 -14.41 -3.55
N SER C 424 12.14 -14.28 -4.76
CA SER C 424 11.94 -12.97 -5.33
C SER C 424 10.58 -12.41 -4.97
N SER C 425 10.57 -11.20 -4.46
CA SER C 425 9.33 -10.55 -4.13
C SER C 425 9.36 -9.17 -4.75
N TYR C 426 9.37 -9.16 -6.07
CA TYR C 426 9.37 -7.96 -6.87
C TYR C 426 8.74 -8.31 -8.21
N ALA C 427 8.17 -7.35 -8.89
CA ALA C 427 7.56 -7.61 -10.17
C ALA C 427 8.35 -6.88 -11.22
N HIS C 428 8.72 -7.57 -12.30
CA HIS C 428 9.50 -6.92 -13.34
C HIS C 428 8.71 -5.79 -13.93
N SER C 429 9.37 -4.67 -14.19
CA SER C 429 8.69 -3.52 -14.77
C SER C 429 8.74 -3.59 -16.28
N GLN C 430 9.52 -4.51 -16.81
CA GLN C 430 9.62 -4.67 -18.25
C GLN C 430 9.20 -6.08 -18.64
N SER C 431 8.78 -6.23 -19.89
CA SER C 431 8.40 -7.52 -20.42
C SER C 431 9.54 -8.06 -21.26
N LEU C 432 9.67 -9.39 -21.26
CA LEU C 432 10.85 -10.03 -21.85
C LEU C 432 11.09 -9.59 -23.28
N ASP C 433 10.03 -9.28 -24.02
CA ASP C 433 10.16 -8.96 -25.44
C ASP C 433 10.32 -7.47 -25.72
N ARG C 434 10.14 -6.60 -24.73
CA ARG C 434 10.30 -5.16 -24.90
C ARG C 434 11.62 -4.61 -24.42
N LEU C 435 12.60 -5.46 -24.08
CA LEU C 435 13.88 -5.00 -23.56
C LEU C 435 14.61 -4.03 -24.49
N MET C 436 14.15 -3.87 -25.73
CA MET C 436 14.81 -3.07 -26.76
C MET C 436 14.81 -1.59 -26.44
N ASN C 437 15.68 -0.86 -27.14
CA ASN C 437 15.65 0.60 -27.17
C ASN C 437 14.64 1.05 -28.21
N PRO C 438 13.61 1.81 -27.83
CA PRO C 438 12.56 2.19 -28.79
C PRO C 438 12.97 3.20 -29.82
N LEU C 439 14.10 3.87 -29.67
CA LEU C 439 14.45 4.95 -30.59
C LEU C 439 15.36 4.55 -31.73
N ILE C 440 15.96 3.36 -31.69
CA ILE C 440 17.07 3.05 -32.60
C ILE C 440 16.75 1.77 -33.35
N ASP C 441 17.30 1.66 -34.56
CA ASP C 441 17.11 0.49 -35.40
C ASP C 441 18.20 -0.55 -35.16
N GLN C 442 17.79 -1.81 -35.11
CA GLN C 442 18.76 -2.89 -35.16
C GLN C 442 19.45 -2.92 -36.50
N TYR C 443 20.59 -3.62 -36.56
CA TYR C 443 21.20 -3.89 -37.85
C TYR C 443 20.81 -5.26 -38.41
N LEU C 444 19.92 -5.98 -37.77
CA LEU C 444 19.48 -7.26 -38.31
C LEU C 444 18.32 -7.08 -39.28
N TYR C 445 18.28 -7.94 -40.29
CA TYR C 445 17.25 -7.95 -41.32
C TYR C 445 16.36 -9.17 -41.18
N TYR C 446 15.09 -9.01 -41.53
CA TYR C 446 14.13 -10.08 -41.53
C TYR C 446 13.40 -10.07 -42.87
N LEU C 447 12.63 -11.11 -43.13
CA LEU C 447 12.03 -11.28 -44.45
C LEU C 447 10.64 -10.66 -44.45
N SER C 448 10.47 -9.53 -45.14
CA SER C 448 9.20 -8.83 -45.15
C SER C 448 8.20 -9.39 -46.15
N LYS C 449 8.60 -9.58 -47.42
CA LYS C 449 7.66 -9.92 -48.47
C LYS C 449 8.18 -11.13 -49.25
N THR C 450 7.37 -12.17 -49.33
CA THR C 450 7.66 -13.30 -50.18
C THR C 450 6.95 -13.24 -51.52
N ILE C 451 6.12 -12.22 -51.76
CA ILE C 451 5.57 -11.94 -53.08
C ILE C 451 5.50 -10.43 -53.25
N ASN C 452 5.45 -9.99 -54.51
CA ASN C 452 5.13 -8.60 -54.78
C ASN C 452 3.62 -8.38 -54.77
N GLY C 453 2.87 -9.29 -55.37
CA GLY C 453 1.43 -9.17 -55.46
C GLY C 453 0.83 -10.46 -55.98
N SER C 454 -0.43 -10.36 -56.40
CA SER C 454 -1.10 -11.53 -56.97
C SER C 454 -0.66 -11.74 -58.41
N GLY C 455 -0.66 -12.99 -58.85
CA GLY C 455 -0.34 -13.32 -60.22
C GLY C 455 0.32 -14.68 -60.31
N GLN C 456 1.07 -14.90 -61.39
CA GLN C 456 1.79 -16.17 -61.60
C GLN C 456 3.29 -15.92 -61.43
N ASN C 457 3.98 -16.84 -60.77
CA ASN C 457 5.42 -16.72 -60.55
C ASN C 457 5.81 -15.39 -59.90
N GLN C 458 5.06 -15.03 -58.85
CA GLN C 458 5.24 -13.80 -58.11
C GLN C 458 6.23 -13.90 -56.94
N GLN C 459 6.81 -15.08 -56.72
CA GLN C 459 7.71 -15.24 -55.58
C GLN C 459 8.88 -14.29 -55.62
N THR C 460 9.16 -13.67 -54.48
CA THR C 460 10.26 -12.73 -54.34
C THR C 460 10.72 -12.63 -52.90
N LEU C 461 11.95 -12.15 -52.70
CA LEU C 461 12.48 -11.99 -51.35
C LEU C 461 12.76 -10.52 -51.03
N LYS C 462 12.13 -10.00 -49.99
CA LYS C 462 12.31 -8.62 -49.59
C LYS C 462 12.61 -8.53 -48.11
N PHE C 463 13.83 -8.13 -47.79
CA PHE C 463 14.30 -7.99 -46.43
C PHE C 463 14.08 -6.55 -45.99
N SER C 464 13.79 -6.37 -44.70
CA SER C 464 13.67 -5.03 -44.14
C SER C 464 14.55 -4.94 -42.91
N VAL C 465 14.80 -3.72 -42.46
CA VAL C 465 15.48 -3.52 -41.19
C VAL C 465 14.47 -3.59 -40.08
N ALA C 466 14.72 -4.47 -39.12
CA ALA C 466 13.90 -4.52 -37.92
C ALA C 466 14.17 -3.29 -37.06
N GLY C 467 13.10 -2.65 -36.59
CA GLY C 467 13.25 -1.44 -35.84
C GLY C 467 11.95 -1.02 -35.19
N PRO C 468 11.99 0.10 -34.46
CA PRO C 468 10.85 0.50 -33.62
C PRO C 468 9.51 0.46 -34.31
N SER C 469 9.45 0.71 -35.62
CA SER C 469 8.19 0.65 -36.32
C SER C 469 7.54 -0.70 -36.15
N ASN C 470 8.24 -1.77 -36.47
CA ASN C 470 7.78 -3.14 -36.25
C ASN C 470 8.70 -3.77 -35.22
N MET C 471 8.24 -3.89 -33.98
CA MET C 471 9.05 -4.46 -32.92
C MET C 471 8.84 -5.95 -32.73
N ALA C 472 7.84 -6.53 -33.38
CA ALA C 472 7.56 -7.93 -33.15
C ALA C 472 8.66 -8.82 -33.72
N VAL C 473 9.38 -8.34 -34.73
CA VAL C 473 10.28 -9.19 -35.49
C VAL C 473 11.75 -9.05 -35.08
N GLN C 474 12.09 -8.16 -34.16
CA GLN C 474 13.49 -7.92 -33.86
C GLN C 474 14.16 -9.16 -33.27
N GLY C 475 15.46 -9.27 -33.50
CA GLY C 475 16.22 -10.35 -32.91
C GLY C 475 16.44 -10.13 -31.42
N ARG C 476 16.15 -11.16 -30.64
CA ARG C 476 16.18 -11.07 -29.19
C ARG C 476 17.08 -12.16 -28.62
N ASN C 477 17.77 -11.82 -27.53
CA ASN C 477 18.74 -12.71 -26.92
C ASN C 477 18.13 -13.74 -25.98
N TYR C 478 16.92 -13.50 -25.47
CA TYR C 478 16.35 -14.41 -24.49
C TYR C 478 14.88 -14.60 -24.82
N ILE C 479 14.31 -15.68 -24.30
CA ILE C 479 12.96 -16.11 -24.66
C ILE C 479 12.25 -16.59 -23.39
N PRO C 480 10.93 -16.48 -23.34
CA PRO C 480 10.21 -16.85 -22.12
C PRO C 480 10.35 -18.33 -21.80
N GLY C 481 10.10 -18.66 -20.54
CA GLY C 481 10.35 -19.98 -20.03
C GLY C 481 9.33 -21.01 -20.45
N PRO C 482 9.32 -22.14 -19.75
CA PRO C 482 8.56 -23.31 -20.22
C PRO C 482 7.08 -23.16 -19.96
N SER C 483 6.27 -23.85 -20.77
CA SER C 483 4.83 -23.80 -20.64
C SER C 483 4.23 -25.17 -20.89
N TYR C 484 3.26 -25.51 -20.06
CA TYR C 484 2.44 -26.70 -20.21
C TYR C 484 1.00 -26.23 -20.08
N ARG C 485 0.25 -26.24 -21.19
CA ARG C 485 -1.00 -25.48 -21.17
C ARG C 485 -2.05 -26.14 -20.28
N GLN C 486 -2.74 -25.30 -19.51
CA GLN C 486 -3.87 -25.69 -18.67
C GLN C 486 -5.16 -25.28 -19.36
N GLN C 487 -6.21 -26.06 -19.19
CA GLN C 487 -7.50 -25.71 -19.77
C GLN C 487 -8.00 -24.51 -18.98
N ARG C 488 -8.63 -23.54 -19.64
CA ARG C 488 -9.08 -22.34 -18.92
C ARG C 488 -10.58 -22.32 -18.69
N VAL C 489 -10.96 -22.14 -17.43
CA VAL C 489 -12.36 -22.13 -17.02
C VAL C 489 -12.74 -20.74 -16.55
N SER C 490 -13.97 -20.33 -16.85
CA SER C 490 -14.45 -19.01 -16.44
C SER C 490 -15.25 -19.06 -15.16
N THR C 491 -15.15 -17.99 -14.37
CA THR C 491 -15.85 -17.87 -13.10
C THR C 491 -17.28 -17.43 -13.31
N THR C 492 -17.57 -16.74 -14.42
CA THR C 492 -18.95 -16.67 -14.88
C THR C 492 -19.35 -18.05 -15.34
N VAL C 493 -20.38 -18.62 -14.74
CA VAL C 493 -20.63 -20.04 -14.90
C VAL C 493 -21.04 -20.35 -16.33
N THR C 494 -21.60 -19.37 -17.03
CA THR C 494 -22.29 -19.66 -18.29
C THR C 494 -21.36 -19.57 -19.48
N GLN C 495 -20.17 -18.99 -19.31
CA GLN C 495 -19.18 -19.03 -20.39
C GLN C 495 -18.55 -20.41 -20.50
N ASN C 496 -18.80 -21.26 -19.52
CA ASN C 496 -18.25 -22.62 -19.53
C ASN C 496 -19.14 -23.57 -20.32
N ASN C 497 -18.51 -24.62 -20.85
CA ASN C 497 -19.22 -25.64 -21.62
C ASN C 497 -20.17 -26.41 -20.72
N ASN C 498 -21.32 -26.79 -21.26
CA ASN C 498 -22.33 -27.53 -20.52
C ASN C 498 -22.06 -29.03 -20.45
N SER C 499 -20.97 -29.41 -19.79
CA SER C 499 -20.60 -30.81 -19.66
C SER C 499 -19.67 -30.99 -18.48
N GLU C 500 -19.35 -32.23 -18.14
CA GLU C 500 -18.44 -32.46 -17.03
C GLU C 500 -17.05 -32.64 -17.59
N PHE C 501 -16.24 -31.58 -17.50
CA PHE C 501 -14.88 -31.62 -18.00
C PHE C 501 -13.87 -31.43 -16.87
N ALA C 502 -14.34 -31.58 -15.63
CA ALA C 502 -13.47 -31.36 -14.49
C ALA C 502 -12.27 -32.29 -14.43
N TRP C 503 -12.46 -33.58 -14.68
CA TRP C 503 -11.32 -34.49 -14.66
C TRP C 503 -10.92 -34.94 -16.05
N PRO C 504 -11.91 -35.11 -16.93
CA PRO C 504 -11.69 -35.53 -18.31
C PRO C 504 -10.90 -34.53 -19.16
N GLY C 505 -11.19 -33.25 -19.00
CA GLY C 505 -10.52 -32.22 -19.76
C GLY C 505 -9.32 -31.55 -19.13
N ALA C 506 -8.98 -31.94 -17.91
CA ALA C 506 -7.85 -31.32 -17.22
C ALA C 506 -6.50 -31.86 -17.64
N SER C 507 -5.46 -31.08 -17.40
CA SER C 507 -4.10 -31.49 -17.73
C SER C 507 -3.66 -32.43 -16.65
N SER C 508 -2.91 -33.47 -17.01
CA SER C 508 -2.48 -34.44 -16.01
C SER C 508 -1.27 -35.24 -16.43
N TRP C 509 -0.31 -35.40 -15.51
CA TRP C 509 0.86 -36.19 -15.83
C TRP C 509 0.59 -37.60 -15.33
N ALA C 510 0.99 -38.59 -16.13
CA ALA C 510 0.73 -39.99 -15.83
C ALA C 510 1.99 -40.66 -15.33
N LEU C 511 1.84 -41.51 -14.31
CA LEU C 511 2.96 -42.22 -13.73
C LEU C 511 2.53 -43.63 -13.38
N ASN C 512 3.26 -44.62 -13.87
CA ASN C 512 3.00 -46.04 -13.63
C ASN C 512 1.52 -46.39 -13.86
N GLY C 513 1.00 -45.99 -15.02
CA GLY C 513 -0.38 -46.26 -15.35
C GLY C 513 -1.41 -45.56 -14.49
N ARG C 514 -0.98 -44.67 -13.59
CA ARG C 514 -1.88 -43.89 -12.76
C ARG C 514 -1.81 -42.42 -13.15
N ASN C 515 -2.94 -41.88 -13.59
CA ASN C 515 -3.02 -40.49 -14.01
C ASN C 515 -2.95 -39.52 -12.85
N SER C 516 -2.15 -38.47 -13.01
CA SER C 516 -2.01 -37.46 -11.98
C SER C 516 -2.33 -36.07 -12.52
N LEU C 517 -3.18 -35.34 -11.81
CA LEU C 517 -3.56 -33.99 -12.22
C LEU C 517 -2.36 -33.09 -12.04
N MET C 518 -2.20 -32.11 -12.94
CA MET C 518 -1.07 -31.19 -12.85
C MET C 518 -1.42 -29.99 -11.99
N ASN C 519 -1.20 -30.10 -10.69
CA ASN C 519 -1.54 -29.03 -9.77
C ASN C 519 -0.32 -28.74 -8.94
N PRO C 520 0.03 -27.46 -8.76
CA PRO C 520 -0.39 -26.26 -9.46
C PRO C 520 0.18 -26.15 -10.85
N GLY C 521 1.22 -26.92 -11.16
CA GLY C 521 1.82 -26.90 -12.48
C GLY C 521 3.06 -26.03 -12.52
N PRO C 522 3.71 -25.95 -13.67
CA PRO C 522 4.88 -25.07 -13.79
C PRO C 522 4.45 -23.62 -13.62
N ALA C 523 5.42 -22.76 -13.38
CA ALA C 523 5.12 -21.38 -13.07
C ALA C 523 4.78 -20.64 -14.36
N MET C 524 3.54 -20.17 -14.44
CA MET C 524 3.03 -19.50 -15.62
C MET C 524 1.98 -18.49 -15.21
N ALA C 525 1.90 -17.40 -15.96
CA ALA C 525 0.89 -16.38 -15.71
C ALA C 525 -0.49 -16.99 -15.80
N SER C 526 -1.39 -16.56 -14.93
CA SER C 526 -2.72 -17.14 -14.92
C SER C 526 -3.61 -16.68 -16.06
N HIS C 527 -3.45 -15.46 -16.51
CA HIS C 527 -4.31 -14.97 -17.59
C HIS C 527 -3.67 -13.85 -18.39
N LYS C 528 -4.20 -13.63 -19.59
CA LYS C 528 -3.73 -12.56 -20.46
C LYS C 528 -4.14 -11.24 -19.83
N GLU C 529 -3.33 -10.20 -20.04
CA GLU C 529 -3.65 -8.91 -19.44
C GLU C 529 -4.99 -8.40 -19.94
N GLY C 530 -5.77 -7.87 -19.00
CA GLY C 530 -7.07 -7.31 -19.31
C GLY C 530 -8.24 -8.24 -19.15
N GLU C 531 -8.00 -9.55 -19.01
CA GLU C 531 -9.11 -10.47 -18.80
C GLU C 531 -8.82 -11.20 -17.50
N ASP C 532 -9.68 -11.01 -16.51
CA ASP C 532 -9.44 -11.64 -15.23
C ASP C 532 -10.52 -12.61 -14.77
N ARG C 533 -11.60 -12.72 -15.51
CA ARG C 533 -12.67 -13.63 -15.12
C ARG C 533 -12.17 -15.05 -15.11
N PHE C 534 -11.43 -15.40 -16.15
CA PHE C 534 -10.90 -16.74 -16.33
C PHE C 534 -9.71 -17.11 -15.47
N PHE C 535 -9.54 -18.40 -15.25
CA PHE C 535 -8.41 -18.92 -14.47
C PHE C 535 -8.07 -20.30 -15.01
N PRO C 536 -6.80 -20.72 -14.89
CA PRO C 536 -6.45 -22.04 -15.38
C PRO C 536 -7.06 -23.08 -14.47
N LEU C 537 -7.41 -24.22 -15.05
CA LEU C 537 -8.24 -25.18 -14.34
C LEU C 537 -7.58 -25.60 -13.04
N SER C 538 -6.44 -26.29 -13.12
CA SER C 538 -5.67 -26.63 -11.94
C SER C 538 -4.48 -25.72 -11.70
N GLY C 539 -4.30 -24.69 -12.51
CA GLY C 539 -3.02 -24.00 -12.48
C GLY C 539 -2.83 -22.95 -11.41
N SER C 540 -3.66 -22.92 -10.37
CA SER C 540 -3.59 -21.87 -9.37
C SER C 540 -3.83 -22.46 -7.99
N LEU C 541 -2.99 -22.05 -7.04
CA LEU C 541 -3.26 -22.39 -5.65
C LEU C 541 -4.60 -21.79 -5.28
N ILE C 542 -5.51 -22.64 -4.81
CA ILE C 542 -6.84 -22.21 -4.42
C ILE C 542 -6.97 -22.43 -2.92
N PHE C 543 -6.93 -21.36 -2.16
CA PHE C 543 -7.20 -21.43 -0.74
C PHE C 543 -8.71 -21.42 -0.55
N GLY C 544 -9.17 -21.21 0.67
CA GLY C 544 -10.59 -21.03 0.91
C GLY C 544 -10.87 -20.14 2.09
N LYS C 545 -12.00 -19.46 2.03
CA LYS C 545 -12.36 -18.54 3.09
C LYS C 545 -12.82 -19.34 4.29
N GLN C 546 -12.75 -18.73 5.47
CA GLN C 546 -13.09 -19.49 6.65
C GLN C 546 -14.59 -19.79 6.66
N GLY C 547 -14.95 -20.92 7.23
CA GLY C 547 -16.30 -21.42 7.14
C GLY C 547 -16.61 -22.16 5.87
N THR C 548 -15.71 -22.15 4.89
CA THR C 548 -15.93 -22.86 3.64
C THR C 548 -16.02 -24.35 3.90
N GLY C 549 -17.08 -24.97 3.39
CA GLY C 549 -17.27 -26.39 3.59
C GLY C 549 -16.17 -27.20 2.95
N ARG C 550 -16.17 -28.51 3.24
CA ARG C 550 -15.11 -29.37 2.74
C ARG C 550 -15.49 -29.99 1.40
N ASP C 551 -16.76 -29.88 1.00
CA ASP C 551 -17.21 -30.44 -0.26
C ASP C 551 -18.04 -29.44 -1.07
N ASN C 552 -17.89 -29.53 -2.39
CA ASN C 552 -18.74 -28.86 -3.40
C ASN C 552 -19.11 -27.44 -3.01
N VAL C 553 -18.11 -26.68 -2.56
CA VAL C 553 -18.34 -25.29 -2.18
C VAL C 553 -18.48 -24.44 -3.43
N ASP C 554 -19.07 -23.27 -3.27
CA ASP C 554 -19.29 -22.36 -4.38
C ASP C 554 -18.05 -21.63 -4.86
N ALA C 555 -18.17 -20.95 -5.99
CA ALA C 555 -17.07 -20.23 -6.60
C ALA C 555 -16.48 -19.14 -5.72
N ASP C 556 -17.31 -18.47 -4.95
CA ASP C 556 -16.83 -17.41 -4.07
C ASP C 556 -16.48 -17.81 -2.64
N LYS C 557 -16.61 -19.09 -2.29
CA LYS C 557 -16.26 -19.55 -0.94
C LYS C 557 -14.78 -19.89 -0.86
N VAL C 558 -14.17 -20.01 -2.04
CA VAL C 558 -12.76 -20.25 -2.27
C VAL C 558 -12.10 -18.96 -2.71
N MET C 559 -10.81 -18.82 -2.42
CA MET C 559 -10.05 -17.67 -2.86
C MET C 559 -9.06 -18.14 -3.91
N ILE C 560 -9.34 -17.84 -5.17
CA ILE C 560 -8.47 -18.29 -6.27
C ILE C 560 -7.36 -17.31 -6.57
N THR C 561 -6.13 -17.66 -6.21
CA THR C 561 -4.99 -16.80 -6.48
C THR C 561 -4.67 -16.74 -7.96
N ASN C 562 -4.24 -15.58 -8.44
CA ASN C 562 -3.90 -15.40 -9.85
C ASN C 562 -2.53 -14.80 -9.99
N GLU C 563 -1.72 -15.35 -10.90
CA GLU C 563 -0.37 -14.85 -11.13
C GLU C 563 -0.29 -13.70 -12.13
N GLU C 564 -0.85 -12.56 -11.76
CA GLU C 564 -0.80 -11.40 -12.62
C GLU C 564 0.60 -10.89 -12.81
N GLU C 565 1.38 -10.91 -11.73
CA GLU C 565 2.74 -10.39 -11.72
C GLU C 565 3.78 -11.05 -12.62
N ILE C 566 3.71 -12.36 -12.79
CA ILE C 566 4.72 -13.07 -13.56
C ILE C 566 4.44 -13.21 -15.05
N LYS C 567 3.40 -12.54 -15.53
CA LYS C 567 3.01 -12.56 -16.94
C LYS C 567 4.07 -11.96 -17.88
N THR C 568 4.82 -10.98 -17.39
CA THR C 568 5.83 -10.32 -18.22
C THR C 568 6.93 -11.20 -18.77
N THR C 569 7.47 -12.12 -17.98
CA THR C 569 8.56 -12.96 -18.48
C THR C 569 8.22 -14.44 -18.66
N ASN C 570 7.01 -14.82 -18.29
CA ASN C 570 6.56 -16.20 -18.40
C ASN C 570 5.35 -16.34 -19.31
N PRO C 571 5.24 -17.45 -20.02
CA PRO C 571 4.10 -17.67 -20.90
C PRO C 571 2.81 -17.70 -20.11
N VAL C 572 1.72 -17.42 -20.81
CA VAL C 572 0.41 -17.53 -20.20
C VAL C 572 0.01 -18.99 -20.12
N ALA C 573 -0.58 -19.38 -18.98
CA ALA C 573 -0.87 -20.79 -18.77
C ALA C 573 -1.92 -21.30 -19.74
N THR C 574 -2.90 -20.49 -20.09
CA THR C 574 -4.02 -20.91 -20.90
C THR C 574 -3.83 -20.62 -22.38
N GLU C 575 -2.64 -20.17 -22.80
CA GLU C 575 -2.33 -19.91 -24.18
C GLU C 575 -1.23 -20.86 -24.65
N SER C 576 -1.15 -21.03 -25.97
CA SER C 576 -0.08 -21.82 -26.55
C SER C 576 1.26 -21.11 -26.33
N TYR C 577 2.34 -21.88 -26.42
CA TYR C 577 3.64 -21.25 -26.31
C TYR C 577 3.99 -20.50 -27.57
N GLY C 578 3.41 -20.90 -28.69
CA GLY C 578 3.77 -20.28 -29.96
C GLY C 578 3.33 -21.15 -31.13
N GLN C 579 4.06 -21.00 -32.23
CA GLN C 579 3.83 -21.76 -33.44
C GLN C 579 5.14 -22.40 -33.87
N VAL C 580 5.04 -23.49 -34.63
CA VAL C 580 6.19 -24.02 -35.35
C VAL C 580 5.74 -24.32 -36.78
N ALA C 581 6.67 -24.20 -37.71
CA ALA C 581 6.39 -24.52 -39.11
C ALA C 581 6.47 -26.03 -39.29
N THR C 582 5.36 -26.64 -39.69
CA THR C 582 5.25 -28.08 -39.63
C THR C 582 5.54 -28.79 -40.95
N ASN C 583 5.88 -28.07 -42.02
CA ASN C 583 6.18 -28.74 -43.27
C ASN C 583 7.09 -27.86 -44.11
N HIS C 584 7.49 -28.37 -45.27
CA HIS C 584 8.45 -27.71 -46.15
C HIS C 584 7.70 -27.09 -47.33
N GLN C 585 7.73 -25.77 -47.42
CA GLN C 585 7.05 -25.07 -48.48
C GLN C 585 7.71 -25.36 -49.83
N SER C 586 6.86 -25.38 -50.86
CA SER C 586 7.31 -25.38 -52.24
C SER C 586 6.19 -24.73 -53.04
N ALA C 587 6.29 -24.79 -54.36
CA ALA C 587 5.20 -24.29 -55.19
C ALA C 587 3.90 -24.99 -54.86
N GLN C 588 3.96 -26.29 -54.54
CA GLN C 588 2.76 -27.08 -54.33
C GLN C 588 2.36 -27.22 -52.86
N ALA C 589 3.12 -26.70 -51.93
CA ALA C 589 2.82 -26.90 -50.52
C ALA C 589 2.91 -25.58 -49.77
N GLN C 590 1.79 -25.17 -49.18
CA GLN C 590 1.79 -23.97 -48.36
C GLN C 590 2.59 -24.20 -47.09
N ALA C 591 3.03 -23.11 -46.48
CA ALA C 591 3.63 -23.20 -45.16
C ALA C 591 2.55 -23.54 -44.15
N GLN C 592 2.71 -24.67 -43.47
CA GLN C 592 1.74 -25.13 -42.50
C GLN C 592 2.37 -25.04 -41.12
N THR C 593 1.62 -24.49 -40.18
CA THR C 593 2.11 -24.33 -38.83
C THR C 593 1.18 -25.05 -37.87
N GLY C 594 1.67 -25.27 -36.66
CA GLY C 594 0.88 -25.89 -35.62
C GLY C 594 1.32 -25.34 -34.28
N TRP C 595 0.40 -25.42 -33.33
CA TRP C 595 0.61 -24.77 -32.05
C TRP C 595 1.48 -25.64 -31.15
N VAL C 596 2.17 -24.99 -30.23
CA VAL C 596 2.96 -25.67 -29.23
C VAL C 596 2.18 -25.64 -27.93
N GLN C 597 1.62 -26.78 -27.54
CA GLN C 597 0.85 -26.83 -26.30
C GLN C 597 1.76 -27.00 -25.10
N ASN C 598 2.82 -27.78 -25.24
CA ASN C 598 3.75 -28.02 -24.15
C ASN C 598 5.16 -27.75 -24.63
N GLN C 599 5.91 -26.97 -23.85
CA GLN C 599 7.26 -26.55 -24.25
C GLN C 599 8.20 -26.70 -23.07
N GLY C 600 9.22 -27.54 -23.23
CA GLY C 600 10.22 -27.71 -22.22
C GLY C 600 11.38 -26.77 -22.40
N ILE C 601 12.31 -26.84 -21.46
CA ILE C 601 13.42 -25.88 -21.39
C ILE C 601 14.22 -25.91 -22.68
N LEU C 602 14.59 -24.73 -23.17
CA LEU C 602 15.52 -24.52 -24.25
C LEU C 602 16.64 -23.60 -23.77
N PRO C 603 17.80 -23.63 -24.39
CA PRO C 603 18.83 -22.65 -24.05
C PRO C 603 18.32 -21.23 -24.29
N GLY C 604 18.56 -20.37 -23.32
CA GLY C 604 18.12 -18.99 -23.42
C GLY C 604 16.90 -18.64 -22.61
N MET C 605 16.07 -19.61 -22.24
CA MET C 605 14.86 -19.31 -21.50
C MET C 605 15.15 -18.72 -20.14
N VAL C 606 14.39 -17.68 -19.79
CA VAL C 606 14.37 -17.14 -18.44
C VAL C 606 12.93 -17.20 -17.94
N TRP C 607 12.78 -17.36 -16.63
CA TRP C 607 11.44 -17.47 -16.07
C TRP C 607 11.46 -17.06 -14.60
N GLN C 608 10.27 -16.76 -14.09
CA GLN C 608 10.06 -16.43 -12.69
C GLN C 608 9.33 -17.56 -12.00
N ASP C 609 9.72 -17.87 -10.77
CA ASP C 609 9.09 -18.91 -10.00
C ASP C 609 7.81 -18.41 -9.35
N ARG C 610 6.93 -19.36 -9.03
CA ARG C 610 5.66 -19.04 -8.39
C ARG C 610 5.87 -18.29 -7.08
N ASP C 611 4.96 -17.36 -6.80
CA ASP C 611 5.01 -16.55 -5.60
C ASP C 611 4.58 -17.36 -4.38
N VAL C 612 4.97 -16.89 -3.20
CA VAL C 612 4.58 -17.51 -1.94
C VAL C 612 3.58 -16.62 -1.23
N TYR C 613 2.34 -17.07 -1.16
CA TYR C 613 1.31 -16.33 -0.48
C TYR C 613 1.44 -16.49 1.02
N LEU C 614 0.84 -15.57 1.76
CA LEU C 614 0.95 -15.61 3.21
C LEU C 614 0.40 -16.89 3.79
N GLN C 615 -0.56 -17.52 3.11
CA GLN C 615 -1.15 -18.74 3.64
C GLN C 615 -0.41 -19.98 3.15
N GLY C 616 0.48 -19.82 2.20
CA GLY C 616 1.07 -20.95 1.52
C GLY C 616 2.23 -21.56 2.27
N PRO C 617 2.87 -22.55 1.66
CA PRO C 617 3.96 -23.26 2.34
C PRO C 617 5.25 -22.44 2.33
N ILE C 618 6.18 -22.85 3.19
CA ILE C 618 7.50 -22.23 3.18
C ILE C 618 8.49 -23.10 2.40
N TRP C 619 8.71 -24.32 2.85
CA TRP C 619 9.70 -25.20 2.22
C TRP C 619 9.09 -26.54 1.87
N ALA C 620 9.83 -27.29 1.06
CA ALA C 620 9.53 -28.68 0.72
C ALA C 620 10.82 -29.41 0.44
N LYS C 621 10.88 -30.68 0.81
CA LYS C 621 12.09 -31.48 0.67
C LYS C 621 12.23 -31.96 -0.76
N ILE C 622 13.45 -31.86 -1.29
CA ILE C 622 13.74 -32.33 -2.65
C ILE C 622 13.87 -33.84 -2.61
N PRO C 623 13.07 -34.59 -3.35
CA PRO C 623 13.21 -36.05 -3.32
C PRO C 623 14.61 -36.46 -3.70
N HIS C 624 15.21 -37.33 -2.89
CA HIS C 624 16.60 -37.68 -3.11
C HIS C 624 16.68 -38.56 -4.34
N THR C 625 17.36 -38.08 -5.38
CA THR C 625 17.34 -38.74 -6.68
C THR C 625 18.68 -38.57 -7.36
N ASP C 626 18.76 -39.04 -8.60
CA ASP C 626 19.94 -38.82 -9.41
C ASP C 626 20.11 -37.35 -9.74
N GLY C 627 19.08 -36.74 -10.30
CA GLY C 627 19.18 -35.36 -10.71
C GLY C 627 17.84 -34.68 -10.62
N ASN C 628 17.87 -33.37 -10.79
CA ASN C 628 16.70 -32.53 -10.78
C ASN C 628 17.03 -31.27 -11.55
N PHE C 629 15.99 -30.56 -11.97
CA PHE C 629 16.18 -29.31 -12.68
C PHE C 629 15.40 -28.22 -11.97
N HIS C 630 16.13 -27.23 -11.46
CA HIS C 630 15.55 -26.11 -10.75
C HIS C 630 14.64 -26.63 -9.64
N PRO C 631 15.19 -27.12 -8.55
CA PRO C 631 14.40 -27.85 -7.56
C PRO C 631 13.28 -27.07 -6.91
N SER C 632 13.22 -25.75 -7.08
CA SER C 632 12.26 -24.93 -6.35
C SER C 632 10.85 -25.48 -6.51
N PRO C 633 10.15 -25.78 -5.43
CA PRO C 633 8.93 -26.57 -5.53
C PRO C 633 7.81 -25.79 -6.17
N LEU C 634 6.83 -26.53 -6.69
CA LEU C 634 5.84 -25.92 -7.55
C LEU C 634 4.78 -25.16 -6.78
N MET C 635 4.51 -25.51 -5.54
CA MET C 635 3.56 -24.70 -4.79
C MET C 635 4.21 -23.49 -4.15
N GLY C 636 5.49 -23.27 -4.40
CA GLY C 636 6.16 -22.11 -3.88
C GLY C 636 7.10 -22.46 -2.74
N GLY C 637 7.96 -21.50 -2.42
CA GLY C 637 8.87 -21.66 -1.33
C GLY C 637 10.25 -22.14 -1.77
N PHE C 638 10.93 -22.79 -0.84
CA PHE C 638 12.35 -23.05 -0.96
C PHE C 638 12.59 -24.55 -0.97
N GLY C 639 13.02 -25.08 -2.12
CA GLY C 639 13.34 -26.49 -2.20
C GLY C 639 14.67 -26.78 -1.51
N MET C 640 14.68 -27.83 -0.70
CA MET C 640 15.81 -28.10 0.17
C MET C 640 16.11 -29.59 0.19
N LYS C 641 17.39 -29.95 0.24
CA LYS C 641 17.76 -31.35 0.37
C LYS C 641 17.92 -31.78 1.82
N HIS C 642 17.92 -30.85 2.76
CA HIS C 642 17.93 -31.15 4.19
C HIS C 642 17.04 -30.14 4.89
N PRO C 643 15.73 -30.21 4.65
CA PRO C 643 14.82 -29.21 5.23
C PRO C 643 14.77 -29.33 6.73
N PRO C 644 14.02 -28.47 7.42
CA PRO C 644 13.90 -28.61 8.86
C PRO C 644 13.34 -29.97 9.23
N PRO C 645 13.99 -30.69 10.14
CA PRO C 645 13.60 -32.07 10.39
C PRO C 645 12.17 -32.15 10.91
N GLN C 646 11.54 -33.29 10.65
CA GLN C 646 10.24 -33.55 11.25
C GLN C 646 10.39 -33.65 12.75
N ILE C 647 9.31 -33.38 13.46
CA ILE C 647 9.29 -33.47 14.90
C ILE C 647 8.13 -34.38 15.25
N LEU C 648 8.42 -35.56 15.81
CA LEU C 648 7.42 -36.56 16.10
C LEU C 648 7.15 -36.58 17.59
N ILE C 649 5.91 -36.90 17.97
CA ILE C 649 5.52 -36.89 19.37
C ILE C 649 4.40 -37.91 19.57
N LYS C 650 4.36 -38.50 20.76
CA LYS C 650 3.26 -39.39 21.12
C LYS C 650 3.13 -39.45 22.62
N ASN C 651 1.98 -39.96 23.07
CA ASN C 651 1.76 -40.24 24.47
C ASN C 651 2.14 -41.68 24.78
N THR C 652 3.06 -41.86 25.71
CA THR C 652 3.52 -43.20 26.07
C THR C 652 2.34 -44.01 26.60
N PRO C 653 2.14 -45.25 26.12
CA PRO C 653 0.98 -46.01 26.57
C PRO C 653 1.07 -46.36 28.06
N VAL C 654 -0.04 -46.15 28.77
CA VAL C 654 -0.13 -46.49 30.17
C VAL C 654 -1.45 -47.21 30.42
N THR C 672 -6.86 -44.22 28.36
CA THR C 672 -7.29 -42.94 27.81
C THR C 672 -6.41 -41.81 28.32
N GLN C 673 -5.67 -41.19 27.40
CA GLN C 673 -4.62 -40.27 27.79
C GLN C 673 -4.45 -39.22 26.69
N TYR C 674 -4.17 -37.98 27.10
CA TYR C 674 -3.79 -36.94 26.15
C TYR C 674 -2.94 -35.92 26.89
N SER C 675 -2.11 -35.21 26.13
CA SER C 675 -1.21 -34.22 26.72
C SER C 675 -1.34 -32.89 25.97
N THR C 676 -0.83 -31.84 26.61
CA THR C 676 -0.98 -30.48 26.11
C THR C 676 0.22 -29.67 26.56
N GLY C 677 0.41 -28.50 25.96
CA GLY C 677 1.51 -27.65 26.35
C GLY C 677 1.72 -26.50 25.39
N GLN C 678 2.96 -26.00 25.38
CA GLN C 678 3.35 -24.86 24.58
C GLN C 678 4.36 -25.28 23.53
N VAL C 679 4.37 -24.56 22.41
CA VAL C 679 5.39 -24.71 21.37
C VAL C 679 5.77 -23.33 20.89
N SER C 680 7.06 -23.00 20.98
CA SER C 680 7.59 -21.77 20.43
C SER C 680 8.61 -22.09 19.36
N VAL C 681 8.40 -21.54 18.17
CA VAL C 681 9.27 -21.78 17.02
C VAL C 681 9.77 -20.44 16.52
N GLU C 682 11.07 -20.37 16.23
CA GLU C 682 11.72 -19.13 15.86
C GLU C 682 12.58 -19.34 14.63
N ILE C 683 12.30 -18.60 13.57
CA ILE C 683 13.09 -18.63 12.36
C ILE C 683 13.70 -17.25 12.15
N GLU C 684 14.96 -17.21 11.74
CA GLU C 684 15.62 -15.94 11.46
C GLU C 684 15.72 -15.73 9.96
N TRP C 685 15.07 -14.68 9.47
CA TRP C 685 14.94 -14.40 8.05
C TRP C 685 15.92 -13.29 7.67
N GLU C 686 16.49 -13.39 6.47
CA GLU C 686 17.43 -12.40 5.97
C GLU C 686 16.82 -11.68 4.78
N LEU C 687 17.17 -10.40 4.62
CA LEU C 687 16.47 -9.55 3.67
C LEU C 687 17.39 -9.02 2.59
N GLN C 688 16.80 -8.58 1.49
CA GLN C 688 17.50 -7.91 0.42
C GLN C 688 16.74 -6.62 0.10
N LYS C 689 17.41 -5.49 0.35
CA LYS C 689 16.73 -4.20 0.32
C LYS C 689 16.54 -3.70 -1.10
N GLU C 690 15.54 -2.83 -1.26
CA GLU C 690 15.21 -2.26 -2.55
C GLU C 690 16.08 -1.05 -2.82
N ASN C 691 16.93 -1.16 -3.85
CA ASN C 691 17.93 -0.16 -4.18
C ASN C 691 17.52 0.72 -5.36
N SER C 692 16.31 0.52 -5.90
CA SER C 692 16.01 1.02 -7.24
C SER C 692 15.86 2.54 -7.29
N LYS C 693 16.16 3.10 -8.46
CA LYS C 693 16.11 4.54 -8.73
C LYS C 693 14.81 4.99 -9.36
N ARG C 694 13.81 4.12 -9.45
CA ARG C 694 12.53 4.48 -10.04
C ARG C 694 12.00 5.79 -9.46
N TRP C 695 11.58 6.69 -10.35
CA TRP C 695 11.18 8.03 -9.92
C TRP C 695 9.78 8.05 -9.30
N ASN C 696 8.78 7.54 -10.01
CA ASN C 696 7.42 7.60 -9.52
C ASN C 696 7.22 6.58 -8.40
N PRO C 697 6.14 6.69 -7.62
CA PRO C 697 5.98 5.80 -6.48
C PRO C 697 5.66 4.37 -6.89
N GLU C 698 6.05 3.43 -6.01
CA GLU C 698 5.78 2.01 -6.19
C GLU C 698 4.31 1.71 -5.95
N ILE C 699 3.88 0.55 -6.43
CA ILE C 699 2.63 -0.04 -5.96
C ILE C 699 2.92 -0.79 -4.67
N GLN C 700 2.25 -0.39 -3.60
CA GLN C 700 2.45 -0.99 -2.30
C GLN C 700 1.16 -1.64 -1.88
N TYR C 701 1.24 -2.56 -0.93
CA TYR C 701 0.04 -3.20 -0.41
C TYR C 701 -0.52 -2.33 0.70
N THR C 702 -1.84 -2.17 0.74
CA THR C 702 -2.46 -1.22 1.64
C THR C 702 -3.71 -1.82 2.25
N SER C 703 -4.25 -1.15 3.26
CA SER C 703 -5.51 -1.57 3.83
C SER C 703 -6.54 -0.48 3.60
N ASN C 704 -7.70 -0.88 3.13
CA ASN C 704 -8.77 0.04 2.77
C ASN C 704 -9.35 0.83 3.91
N TYR C 705 -9.99 1.94 3.58
CA TYR C 705 -10.60 2.80 4.58
C TYR C 705 -12.03 3.11 4.18
N TYR C 706 -12.92 2.15 4.30
CA TYR C 706 -14.30 2.42 3.93
C TYR C 706 -15.35 1.99 4.95
N LYS C 707 -15.05 2.14 6.23
CA LYS C 707 -16.00 1.83 7.30
C LYS C 707 -16.71 0.48 7.25
N SER C 708 -15.96 -0.61 7.13
CA SER C 708 -16.54 -1.95 7.11
C SER C 708 -17.04 -2.37 8.49
N ASN C 709 -17.92 -3.37 8.52
CA ASN C 709 -18.49 -3.85 9.78
C ASN C 709 -17.42 -4.38 10.71
N ASN C 710 -16.45 -5.08 10.17
CA ASN C 710 -15.36 -5.58 10.98
C ASN C 710 -14.07 -5.37 10.21
N VAL C 711 -13.00 -5.06 10.93
CA VAL C 711 -11.71 -4.80 10.32
C VAL C 711 -11.16 -6.09 9.70
N GLU C 712 -10.38 -5.96 8.64
CA GLU C 712 -9.75 -7.11 7.99
C GLU C 712 -8.64 -7.66 8.89
N PHE C 713 -8.33 -8.96 8.74
CA PHE C 713 -7.35 -9.64 9.57
C PHE C 713 -7.60 -9.35 11.04
N ALA C 714 -8.77 -9.76 11.50
CA ALA C 714 -9.14 -9.56 12.89
C ALA C 714 -10.31 -10.50 13.18
N VAL C 715 -10.91 -10.35 14.37
CA VAL C 715 -11.92 -11.26 14.86
C VAL C 715 -13.30 -10.64 14.69
N ASN C 716 -14.29 -11.47 14.44
CA ASN C 716 -15.68 -11.06 14.48
C ASN C 716 -16.19 -11.14 15.91
N THR C 717 -17.50 -11.00 16.11
CA THR C 717 -18.01 -10.99 17.48
C THR C 717 -17.94 -12.35 18.13
N GLU C 718 -17.66 -13.41 17.37
CA GLU C 718 -17.51 -14.74 17.93
C GLU C 718 -16.06 -15.12 18.18
N GLY C 719 -15.12 -14.21 17.97
CA GLY C 719 -13.73 -14.58 18.20
C GLY C 719 -13.17 -15.47 17.12
N VAL C 720 -13.59 -15.26 15.88
CA VAL C 720 -13.19 -16.09 14.74
C VAL C 720 -12.25 -15.27 13.87
N TYR C 721 -10.98 -15.63 13.86
CA TYR C 721 -9.96 -14.91 13.10
C TYR C 721 -10.04 -15.33 11.64
N SER C 722 -10.31 -14.37 10.77
CA SER C 722 -10.60 -14.65 9.37
C SER C 722 -9.64 -13.88 8.47
N GLU C 723 -8.94 -14.61 7.60
CA GLU C 723 -8.03 -14.02 6.65
C GLU C 723 -8.76 -13.75 5.35
N PRO C 724 -9.12 -12.51 5.04
CA PRO C 724 -10.07 -12.27 3.94
C PRO C 724 -9.52 -12.54 2.55
N ARG C 725 -8.26 -12.22 2.27
CA ARG C 725 -7.72 -12.40 0.92
C ARG C 725 -6.26 -12.82 0.99
N PRO C 726 -5.81 -13.63 0.04
CA PRO C 726 -4.40 -14.05 0.03
C PRO C 726 -3.51 -12.93 -0.48
N ILE C 727 -2.30 -12.85 0.07
CA ILE C 727 -1.41 -11.72 -0.13
C ILE C 727 -0.18 -12.19 -0.88
N GLY C 728 0.03 -11.64 -2.06
CA GLY C 728 1.24 -11.93 -2.80
C GLY C 728 2.44 -11.32 -2.13
N THR C 729 3.62 -11.72 -2.58
CA THR C 729 4.85 -11.14 -2.08
C THR C 729 5.41 -10.09 -3.03
N ARG C 730 4.79 -9.89 -4.18
CA ARG C 730 5.42 -9.15 -5.27
C ARG C 730 4.69 -7.84 -5.48
N TYR C 731 5.30 -6.74 -5.04
CA TYR C 731 4.76 -5.40 -5.19
C TYR C 731 5.81 -4.44 -5.74
N LEU C 732 6.96 -4.39 -5.08
CA LEU C 732 8.08 -3.60 -5.58
C LEU C 732 8.47 -4.06 -6.97
N THR C 733 9.17 -3.18 -7.70
CA THR C 733 9.45 -3.42 -9.09
C THR C 733 10.95 -3.43 -9.36
N ARG C 734 11.37 -4.32 -10.26
CA ARG C 734 12.73 -4.37 -10.76
C ARG C 734 12.74 -4.34 -12.28
N ASN C 735 13.90 -4.05 -12.82
CA ASN C 735 14.11 -4.13 -14.25
C ASN C 735 14.39 -5.56 -14.67
N LEU C 736 14.10 -5.85 -15.93
CA LEU C 736 14.29 -7.19 -16.45
C LEU C 736 15.71 -7.35 -16.99
N VAL D 239 9.09 8.99 52.28
CA VAL D 239 7.91 8.20 52.55
C VAL D 239 7.89 6.98 51.66
N ILE D 240 7.65 5.80 52.25
CA ILE D 240 7.57 4.56 51.52
C ILE D 240 6.35 3.80 52.03
N THR D 241 5.46 3.46 51.11
CA THR D 241 4.25 2.72 51.44
C THR D 241 4.26 1.39 50.69
N THR D 242 3.78 0.36 51.37
CA THR D 242 3.65 -0.96 50.75
C THR D 242 2.20 -1.38 50.86
N SER D 243 1.69 -2.02 49.81
CA SER D 243 0.35 -2.59 49.82
C SER D 243 0.46 -4.05 49.42
N THR D 244 -0.38 -4.88 50.01
CA THR D 244 -0.41 -6.30 49.68
C THR D 244 -1.85 -6.80 49.72
N ARG D 245 -2.25 -7.51 48.67
CA ARG D 245 -3.62 -8.01 48.57
C ARG D 245 -3.60 -9.43 48.01
N THR D 246 -4.80 -9.96 47.81
CA THR D 246 -5.02 -11.27 47.21
C THR D 246 -6.08 -11.13 46.11
N TRP D 247 -5.80 -11.71 44.95
CA TRP D 247 -6.62 -11.52 43.77
C TRP D 247 -7.21 -12.83 43.29
N ALA D 248 -8.29 -12.73 42.54
CA ALA D 248 -8.93 -13.86 41.89
C ALA D 248 -9.20 -13.51 40.43
N LEU D 249 -8.56 -14.23 39.53
CA LEU D 249 -8.65 -13.94 38.10
C LEU D 249 -9.37 -15.07 37.38
N PRO D 250 -10.60 -14.87 36.92
CA PRO D 250 -11.31 -15.95 36.25
C PRO D 250 -10.88 -16.11 34.80
N THR D 251 -11.57 -16.96 34.07
CA THR D 251 -11.32 -17.15 32.65
C THR D 251 -12.33 -16.35 31.83
N TYR D 252 -11.83 -15.33 31.12
CA TYR D 252 -12.65 -14.36 30.42
C TYR D 252 -12.86 -14.78 28.98
N ASN D 253 -14.04 -14.46 28.44
CA ASN D 253 -14.32 -14.61 27.01
C ASN D 253 -13.99 -15.99 26.49
N ASN D 254 -14.08 -17.01 27.34
CA ASN D 254 -13.88 -18.39 26.92
C ASN D 254 -12.53 -18.58 26.23
N HIS D 255 -11.57 -17.70 26.57
CA HIS D 255 -10.27 -17.62 25.90
C HIS D 255 -10.39 -17.15 24.45
N LEU D 256 -11.19 -16.12 24.22
CA LEU D 256 -11.44 -15.59 22.88
C LEU D 256 -11.24 -14.08 22.88
N TYR D 257 -10.82 -13.55 21.74
CA TYR D 257 -10.85 -12.12 21.46
C TYR D 257 -12.14 -11.81 20.72
N LYS D 258 -13.03 -11.08 21.36
CA LYS D 258 -14.30 -10.78 20.72
C LYS D 258 -14.42 -9.30 20.48
N GLN D 259 -14.67 -8.94 19.22
CA GLN D 259 -15.11 -7.59 18.88
C GLN D 259 -16.32 -7.18 19.69
N ILE D 260 -16.26 -5.99 20.25
CA ILE D 260 -17.37 -5.42 21.00
C ILE D 260 -17.65 -4.12 20.27
N SER D 261 -18.92 -3.81 20.06
CA SER D 261 -19.26 -2.59 19.36
C SER D 261 -20.47 -1.93 20.00
N ASN D 262 -20.79 -0.74 19.54
CA ASN D 262 -21.93 0.00 20.06
C ASN D 262 -23.22 -0.73 19.78
N SER D 263 -23.32 -1.31 18.59
CA SER D 263 -24.50 -2.04 18.15
C SER D 263 -24.81 -3.24 19.03
N THR D 264 -23.75 -3.93 19.48
CA THR D 264 -23.91 -5.10 20.30
C THR D 264 -24.63 -4.78 21.61
N SER D 265 -24.29 -3.67 22.23
CA SER D 265 -24.93 -3.30 23.49
C SER D 265 -25.83 -2.06 23.47
N GLY D 266 -26.06 -1.49 22.29
CA GLY D 266 -26.87 -0.29 22.20
C GLY D 266 -27.58 0.02 20.90
N GLY D 267 -28.51 0.96 20.95
CA GLY D 267 -29.27 1.39 19.79
C GLY D 267 -29.21 2.90 19.70
N SER D 268 -29.23 3.43 18.47
CA SER D 268 -29.17 4.88 18.21
C SER D 268 -27.93 5.41 18.91
N SER D 269 -28.08 6.46 19.72
CA SER D 269 -26.95 7.01 20.48
C SER D 269 -25.73 7.32 19.62
N ASN D 270 -25.85 8.31 18.73
CA ASN D 270 -24.74 8.69 17.86
C ASN D 270 -23.45 8.97 18.62
N ASP D 271 -23.51 9.81 19.63
CA ASP D 271 -22.32 10.14 20.41
C ASP D 271 -21.78 8.92 21.15
N ASN D 272 -22.70 8.12 21.69
CA ASN D 272 -22.36 6.92 22.45
C ASN D 272 -21.67 5.79 21.67
N ALA D 273 -22.03 5.59 20.41
CA ALA D 273 -21.49 4.46 19.65
C ALA D 273 -19.97 4.39 19.61
N TYR D 274 -19.46 3.17 19.79
CA TYR D 274 -18.03 2.90 19.84
C TYR D 274 -17.66 1.57 19.21
N PHE D 275 -16.39 1.40 18.85
CA PHE D 275 -15.91 0.15 18.28
C PHE D 275 -14.64 -0.28 19.02
N GLY D 276 -14.52 -1.57 19.33
CA GLY D 276 -13.34 -2.06 20.03
C GLY D 276 -13.35 -3.56 20.23
N TYR D 277 -12.37 -4.07 20.95
CA TYR D 277 -12.28 -5.51 21.18
C TYR D 277 -12.18 -5.78 22.67
N SER D 278 -12.66 -6.94 23.09
CA SER D 278 -12.51 -7.41 24.45
C SER D 278 -11.56 -8.59 24.45
N THR D 279 -10.77 -8.71 25.50
CA THR D 279 -9.71 -9.69 25.54
C THR D 279 -9.87 -10.62 26.73
N PRO D 280 -9.35 -11.85 26.64
CA PRO D 280 -9.34 -12.72 27.82
C PRO D 280 -8.43 -12.22 28.94
N TRP D 281 -7.57 -11.24 28.67
CA TRP D 281 -6.59 -10.79 29.63
C TRP D 281 -7.20 -9.88 30.68
N GLY D 282 -6.74 -10.04 31.92
CA GLY D 282 -7.02 -9.11 32.99
C GLY D 282 -5.80 -8.23 33.22
N TYR D 283 -5.96 -7.27 34.12
CA TYR D 283 -4.86 -6.36 34.41
C TYR D 283 -4.97 -5.85 35.83
N PHE D 284 -3.84 -5.40 36.38
CA PHE D 284 -3.83 -4.83 37.72
C PHE D 284 -3.91 -3.32 37.65
N ASP D 285 -4.93 -2.77 38.30
CA ASP D 285 -5.08 -1.31 38.41
C ASP D 285 -4.92 -0.93 39.87
N PHE D 286 -3.75 -0.39 40.23
CA PHE D 286 -3.55 0.21 41.54
C PHE D 286 -3.58 1.74 41.52
N ASN D 287 -3.97 2.34 40.40
CA ASN D 287 -3.82 3.76 40.11
C ASN D 287 -4.48 4.69 41.15
N ARG D 288 -5.30 4.20 42.07
CA ARG D 288 -5.99 5.04 43.03
C ARG D 288 -5.20 5.15 44.32
N PHE D 289 -5.29 6.33 44.95
CA PHE D 289 -4.49 6.62 46.15
C PHE D 289 -4.74 5.64 47.28
N HIS D 290 -6.00 5.48 47.71
CA HIS D 290 -6.24 4.72 48.94
C HIS D 290 -5.71 3.30 48.86
N CYS D 291 -5.34 2.83 47.67
CA CYS D 291 -4.58 1.60 47.57
C CYS D 291 -3.33 1.67 48.43
N HIS D 292 -2.59 2.77 48.34
CA HIS D 292 -1.32 2.90 49.04
C HIS D 292 -1.40 3.64 50.38
N PHE D 293 -2.53 4.27 50.69
CA PHE D 293 -2.61 5.16 51.84
C PHE D 293 -3.77 4.77 52.75
N SER D 294 -3.46 4.53 54.01
CA SER D 294 -4.47 4.36 55.04
C SER D 294 -4.83 5.72 55.64
N PRO D 295 -6.10 5.93 56.01
CA PRO D 295 -6.55 7.21 56.55
C PRO D 295 -5.88 7.55 57.89
N GLY D 307 3.59 19.37 49.81
CA GLY D 307 3.86 18.89 48.46
C GLY D 307 4.42 17.50 48.41
N PHE D 308 3.82 16.64 47.58
CA PHE D 308 4.27 15.25 47.51
C PHE D 308 4.22 14.80 46.05
N ARG D 309 4.92 13.70 45.77
CA ARG D 309 4.98 13.17 44.42
C ARG D 309 5.73 11.84 44.40
N PRO D 310 5.38 10.94 43.48
CA PRO D 310 6.03 9.63 43.45
C PRO D 310 7.49 9.71 43.04
N LYS D 311 8.24 8.68 43.42
CA LYS D 311 9.65 8.59 43.07
C LYS D 311 9.99 7.24 42.44
N ARG D 312 9.84 6.14 43.18
CA ARG D 312 10.12 4.81 42.68
C ARG D 312 8.88 3.93 42.84
N LEU D 313 8.92 2.78 42.18
CA LEU D 313 7.85 1.80 42.24
C LEU D 313 8.47 0.42 42.35
N ASN D 314 7.71 -0.52 42.92
CA ASN D 314 8.08 -1.93 42.90
C ASN D 314 6.80 -2.75 42.91
N PHE D 315 6.83 -3.90 42.27
CA PHE D 315 5.65 -4.72 42.07
C PHE D 315 6.04 -6.18 42.18
N LYS D 316 5.23 -6.97 42.89
CA LYS D 316 5.52 -8.38 43.08
C LYS D 316 4.24 -9.19 42.96
N LEU D 317 4.37 -10.35 42.33
CA LEU D 317 3.25 -11.27 42.15
C LEU D 317 3.76 -12.65 42.54
N PHE D 318 3.18 -13.22 43.59
CA PHE D 318 3.70 -14.46 44.15
C PHE D 318 2.55 -15.28 44.70
N ASN D 319 2.88 -16.47 45.20
CA ASN D 319 1.91 -17.43 45.75
C ASN D 319 0.82 -17.75 44.74
N ILE D 320 1.23 -18.19 43.55
CA ILE D 320 0.26 -18.46 42.50
C ILE D 320 -0.43 -19.78 42.77
N GLN D 321 -1.75 -19.73 42.94
CA GLN D 321 -2.56 -20.89 43.26
C GLN D 321 -3.61 -21.03 42.17
N VAL D 322 -3.61 -22.17 41.47
CA VAL D 322 -4.50 -22.40 40.35
C VAL D 322 -5.51 -23.46 40.75
N LYS D 323 -6.77 -23.25 40.41
CA LYS D 323 -7.87 -24.12 40.81
C LYS D 323 -8.68 -24.55 39.60
N GLU D 324 -8.67 -25.83 39.29
CA GLU D 324 -9.48 -26.37 38.21
C GLU D 324 -10.82 -26.83 38.76
N VAL D 325 -11.90 -26.36 38.14
CA VAL D 325 -13.26 -26.58 38.65
C VAL D 325 -13.97 -27.64 37.83
N THR D 326 -14.20 -28.80 38.45
CA THR D 326 -15.06 -29.79 37.82
C THR D 326 -16.46 -29.71 38.43
N ASP D 327 -17.47 -29.72 37.57
CA ASP D 327 -18.85 -29.56 38.00
C ASP D 327 -19.65 -30.78 37.57
N ASN D 328 -20.12 -31.54 38.56
CA ASN D 328 -21.02 -32.66 38.31
C ASN D 328 -22.35 -32.33 38.97
N ASN D 329 -23.41 -32.28 38.16
CA ASN D 329 -24.80 -31.89 38.49
C ASN D 329 -24.76 -30.67 39.42
N GLY D 330 -25.45 -30.68 40.56
CA GLY D 330 -25.60 -29.46 41.34
C GLY D 330 -24.31 -28.94 41.93
N VAL D 331 -23.62 -29.76 42.72
CA VAL D 331 -22.43 -29.35 43.44
C VAL D 331 -21.26 -29.29 42.47
N LYS D 332 -20.27 -28.48 42.79
CA LYS D 332 -19.08 -28.39 41.95
C LYS D 332 -17.83 -28.69 42.76
N THR D 333 -16.95 -29.48 42.14
CA THR D 333 -15.70 -29.93 42.75
C THR D 333 -14.59 -28.98 42.34
N ILE D 334 -13.72 -28.63 43.29
CA ILE D 334 -12.60 -27.73 43.05
C ILE D 334 -11.32 -28.45 43.45
N ALA D 335 -10.47 -28.72 42.47
CA ALA D 335 -9.23 -29.43 42.72
C ALA D 335 -8.06 -28.57 42.27
N ASN D 336 -6.97 -28.65 43.00
CA ASN D 336 -5.73 -28.03 42.55
C ASN D 336 -5.30 -28.66 41.23
N ASN D 337 -4.86 -27.83 40.30
CA ASN D 337 -4.15 -28.30 39.13
C ASN D 337 -2.73 -27.77 39.25
N LEU D 338 -1.80 -28.67 39.55
CA LEU D 338 -0.45 -28.28 39.93
C LEU D 338 0.44 -28.00 38.72
N THR D 339 0.08 -28.53 37.55
CA THR D 339 0.85 -28.30 36.34
C THR D 339 0.42 -27.06 35.57
N SER D 340 -0.71 -26.45 35.92
CA SER D 340 -1.24 -25.33 35.17
C SER D 340 -0.33 -24.11 35.30
N THR D 341 -0.46 -23.20 34.34
CA THR D 341 0.39 -22.03 34.21
C THR D 341 -0.44 -20.76 34.20
N VAL D 342 0.22 -19.64 34.47
CA VAL D 342 -0.37 -18.32 34.41
C VAL D 342 0.61 -17.38 33.73
N GLN D 343 0.16 -16.71 32.68
CA GLN D 343 0.97 -15.80 31.90
C GLN D 343 0.81 -14.39 32.43
N VAL D 344 1.91 -13.67 32.53
CA VAL D 344 1.89 -12.27 32.92
C VAL D 344 2.99 -11.55 32.18
N PHE D 345 2.68 -10.37 31.64
CA PHE D 345 3.72 -9.51 31.09
C PHE D 345 3.40 -8.08 31.48
N THR D 346 4.39 -7.23 31.29
CA THR D 346 4.25 -5.80 31.47
C THR D 346 4.48 -5.11 30.14
N ASP D 347 3.79 -4.01 29.92
CA ASP D 347 3.96 -3.23 28.71
C ASP D 347 4.86 -2.07 29.07
N SER D 348 6.14 -2.21 28.76
CA SER D 348 7.10 -1.16 29.05
C SER D 348 7.43 -0.31 27.83
N ASP D 349 6.93 -0.68 26.66
CA ASP D 349 7.05 0.16 25.48
C ASP D 349 5.79 0.95 25.19
N TYR D 350 4.73 0.76 25.98
CA TYR D 350 3.47 1.49 25.83
C TYR D 350 2.86 1.24 24.46
N GLN D 351 3.05 0.03 23.96
CA GLN D 351 2.57 -0.30 22.63
C GLN D 351 1.08 -0.56 22.56
N LEU D 352 0.47 -0.98 23.65
CA LEU D 352 -0.96 -1.22 23.77
C LEU D 352 -1.69 0.03 24.22
N PRO D 353 -2.99 0.11 23.99
CA PRO D 353 -3.77 1.24 24.51
C PRO D 353 -3.65 1.31 26.02
N TYR D 354 -3.62 2.53 26.54
CA TYR D 354 -3.43 2.74 27.97
C TYR D 354 -4.78 3.14 28.55
N VAL D 355 -5.42 2.21 29.27
CA VAL D 355 -6.76 2.41 29.79
C VAL D 355 -6.78 2.76 31.28
N LEU D 356 -5.63 2.81 31.94
CA LEU D 356 -5.65 3.09 33.38
C LEU D 356 -6.04 4.53 33.71
N GLY D 357 -6.06 5.43 32.73
CA GLY D 357 -6.20 6.82 33.05
C GLY D 357 -7.62 7.34 33.19
N SER D 358 -8.61 6.52 32.83
CA SER D 358 -9.98 6.98 32.76
C SER D 358 -10.71 6.84 34.09
N ALA D 359 -10.00 6.49 35.16
CA ALA D 359 -10.58 6.40 36.51
C ALA D 359 -11.60 5.29 36.59
N HIS D 360 -11.28 4.13 36.03
CA HIS D 360 -12.19 3.01 36.08
C HIS D 360 -12.18 2.36 37.47
N GLU D 361 -13.27 1.65 37.76
CA GLU D 361 -13.33 0.84 38.96
C GLU D 361 -12.54 -0.45 38.72
N GLY D 362 -12.43 -1.28 39.75
CA GLY D 362 -11.58 -2.45 39.67
C GLY D 362 -10.22 -2.28 40.27
N CYS D 363 -10.02 -1.25 41.08
CA CYS D 363 -8.75 -1.00 41.75
C CYS D 363 -8.54 -1.99 42.88
N LEU D 364 -7.29 -2.08 43.34
CA LEU D 364 -7.04 -2.70 44.63
C LEU D 364 -7.95 -2.06 45.69
N PRO D 365 -8.64 -2.86 46.51
CA PRO D 365 -9.52 -2.27 47.50
C PRO D 365 -8.73 -1.67 48.64
N PRO D 366 -9.28 -0.68 49.34
CA PRO D 366 -8.51 0.02 50.38
C PRO D 366 -8.18 -0.86 51.58
N PHE D 367 -9.05 -1.78 51.94
CA PHE D 367 -8.88 -2.49 53.21
C PHE D 367 -8.06 -3.74 53.00
N PRO D 368 -6.94 -3.89 53.70
CA PRO D 368 -5.96 -4.93 53.36
C PRO D 368 -6.49 -6.36 53.42
N ALA D 369 -7.61 -6.61 54.09
CA ALA D 369 -8.13 -7.96 54.18
C ALA D 369 -9.04 -8.33 53.03
N ASP D 370 -9.44 -7.36 52.21
CA ASP D 370 -10.35 -7.64 51.12
C ASP D 370 -9.65 -8.41 50.00
N VAL D 371 -10.41 -9.27 49.33
CA VAL D 371 -9.92 -10.06 48.22
C VAL D 371 -10.67 -9.61 46.97
N PHE D 372 -9.93 -9.16 45.95
CA PHE D 372 -10.55 -8.47 44.84
C PHE D 372 -10.46 -9.31 43.58
N MET D 373 -11.39 -9.04 42.66
CA MET D 373 -11.48 -9.71 41.37
C MET D 373 -10.82 -8.83 40.30
N ILE D 374 -9.94 -9.43 39.51
CA ILE D 374 -9.15 -8.66 38.55
C ILE D 374 -10.04 -8.22 37.40
N PRO D 375 -10.07 -6.94 37.06
CA PRO D 375 -10.96 -6.46 36.01
C PRO D 375 -10.45 -6.85 34.63
N GLN D 376 -11.40 -7.05 33.72
CA GLN D 376 -11.07 -7.50 32.38
C GLN D 376 -10.49 -6.34 31.56
N TYR D 377 -9.78 -6.69 30.49
CA TYR D 377 -9.11 -5.69 29.66
C TYR D 377 -9.71 -5.63 28.27
N GLY D 378 -10.10 -4.42 27.87
CA GLY D 378 -10.54 -4.19 26.51
C GLY D 378 -10.12 -2.79 26.11
N TYR D 379 -10.32 -2.47 24.84
CA TYR D 379 -9.92 -1.15 24.38
C TYR D 379 -10.83 -0.71 23.24
N LEU D 380 -10.90 0.60 23.06
CA LEU D 380 -11.69 1.20 22.00
C LEU D 380 -10.78 1.84 20.98
N THR D 381 -11.17 1.76 19.71
CA THR D 381 -10.35 2.25 18.62
C THR D 381 -11.24 3.11 17.70
N LEU D 382 -10.67 3.55 16.58
CA LEU D 382 -11.40 4.39 15.65
C LEU D 382 -12.70 3.73 15.21
N ASN D 383 -13.75 4.53 15.12
CA ASN D 383 -15.05 4.03 14.72
C ASN D 383 -15.76 5.07 13.88
N ASP D 384 -16.72 4.61 13.08
CA ASP D 384 -17.70 5.47 12.42
C ASP D 384 -19.08 4.92 12.74
N GLY D 385 -19.86 5.67 13.51
CA GLY D 385 -21.04 5.06 14.08
C GLY D 385 -20.63 3.83 14.85
N SER D 386 -21.27 2.71 14.56
CA SER D 386 -20.92 1.43 15.16
C SER D 386 -19.99 0.61 14.28
N GLN D 387 -19.58 1.14 13.13
CA GLN D 387 -18.67 0.45 12.23
C GLN D 387 -17.26 0.99 12.40
N ALA D 388 -16.32 0.37 11.69
CA ALA D 388 -14.90 0.58 11.96
C ALA D 388 -14.15 0.92 10.69
N VAL D 389 -13.61 2.12 10.62
CA VAL D 389 -12.82 2.54 9.48
C VAL D 389 -11.55 1.71 9.42
N GLY D 390 -10.94 1.66 8.24
CA GLY D 390 -9.80 0.80 8.01
C GLY D 390 -8.54 1.23 8.72
N ARG D 391 -8.50 2.46 9.19
CA ARG D 391 -7.38 2.93 9.99
C ARG D 391 -7.41 2.34 11.40
N SER D 392 -8.43 1.58 11.74
CA SER D 392 -8.54 0.99 13.07
C SER D 392 -7.43 -0.01 13.32
N SER D 393 -7.19 -0.31 14.58
CA SER D 393 -6.13 -1.23 14.98
C SER D 393 -6.71 -2.42 15.72
N PHE D 394 -6.17 -3.59 15.45
CA PHE D 394 -6.43 -4.78 16.24
C PHE D 394 -5.14 -5.28 16.84
N TYR D 395 -5.06 -5.25 18.16
CA TYR D 395 -3.88 -5.69 18.89
C TYR D 395 -4.17 -7.04 19.48
N CYS D 396 -3.33 -8.03 19.18
CA CYS D 396 -3.46 -9.34 19.76
C CYS D 396 -2.46 -9.48 20.88
N LEU D 397 -2.96 -9.48 22.12
CA LEU D 397 -2.08 -9.46 23.27
C LEU D 397 -1.20 -10.68 23.37
N GLU D 398 -1.61 -11.81 22.79
CA GLU D 398 -0.78 -13.00 22.83
C GLU D 398 0.52 -12.80 22.07
N TYR D 399 0.66 -11.69 21.35
CA TYR D 399 1.77 -11.43 20.45
C TYR D 399 2.88 -10.61 21.08
N PHE D 400 2.80 -10.34 22.36
CA PHE D 400 3.77 -9.74 23.27
C PHE D 400 4.46 -10.81 24.10
N PRO D 401 5.80 -10.79 24.16
CA PRO D 401 6.50 -11.79 24.97
C PRO D 401 6.13 -11.64 26.43
N SER D 402 5.76 -12.77 27.04
CA SER D 402 5.26 -12.78 28.41
C SER D 402 5.91 -13.92 29.18
N GLN D 403 5.77 -13.87 30.49
CA GLN D 403 6.39 -14.84 31.36
C GLN D 403 5.33 -15.76 31.96
N MET D 404 5.50 -17.06 31.76
CA MET D 404 4.56 -18.07 32.22
C MET D 404 4.97 -18.56 33.61
N LEU D 405 4.00 -18.68 34.50
CA LEU D 405 4.25 -18.95 35.91
C LEU D 405 3.41 -20.13 36.37
N ARG D 406 4.08 -21.22 36.76
CA ARG D 406 3.42 -22.27 37.52
C ARG D 406 3.35 -21.85 38.98
N THR D 407 2.98 -22.80 39.85
CA THR D 407 2.70 -22.45 41.24
C THR D 407 3.94 -22.05 42.03
N GLY D 408 5.14 -22.36 41.55
CA GLY D 408 6.35 -22.00 42.27
C GLY D 408 7.02 -20.72 41.82
N ASN D 409 6.69 -20.23 40.64
CA ASN D 409 7.30 -19.02 40.11
C ASN D 409 6.66 -17.77 40.70
N ASN D 410 7.41 -16.67 40.68
CA ASN D 410 6.88 -15.34 40.97
C ASN D 410 7.34 -14.36 39.89
N PHE D 411 6.75 -13.18 39.90
CA PHE D 411 7.02 -12.16 38.91
C PHE D 411 7.18 -10.81 39.58
N GLN D 412 8.36 -10.20 39.46
CA GLN D 412 8.57 -8.88 40.01
C GLN D 412 9.25 -8.00 38.99
N PHE D 413 9.08 -6.69 39.14
CA PHE D 413 9.79 -5.72 38.34
C PHE D 413 9.81 -4.40 39.09
N SER D 414 10.66 -3.48 38.63
CA SER D 414 10.74 -2.16 39.22
C SER D 414 10.46 -1.11 38.15
N TYR D 415 10.18 0.10 38.61
CA TYR D 415 9.85 1.22 37.74
C TYR D 415 10.34 2.50 38.37
N GLU D 416 10.63 3.48 37.53
CA GLU D 416 11.18 4.77 37.96
C GLU D 416 10.31 5.89 37.41
N PHE D 417 9.65 6.63 38.30
CA PHE D 417 8.77 7.72 37.89
C PHE D 417 9.58 8.86 37.30
N GLU D 418 9.17 9.33 36.12
CA GLU D 418 9.80 10.50 35.54
C GLU D 418 9.46 11.73 36.36
N ASN D 419 10.30 12.75 36.23
CA ASN D 419 10.20 13.89 37.11
C ASN D 419 8.93 14.68 36.80
N VAL D 420 8.09 14.84 37.81
CA VAL D 420 6.85 15.58 37.67
C VAL D 420 6.83 16.68 38.73
N PRO D 421 5.92 17.65 38.58
CA PRO D 421 5.83 18.76 39.52
C PRO D 421 5.42 18.27 40.90
N PHE D 422 6.01 18.82 41.96
CA PHE D 422 5.62 18.40 43.28
C PHE D 422 4.18 18.81 43.44
N HIS D 423 3.33 17.91 43.92
CA HIS D 423 1.94 18.29 44.07
C HIS D 423 1.83 19.32 45.18
N SER D 424 0.93 20.27 45.01
CA SER D 424 0.75 21.31 46.00
C SER D 424 -0.41 20.93 46.89
N SER D 425 -0.18 20.96 48.19
CA SER D 425 -1.21 20.64 49.14
C SER D 425 -1.25 21.75 50.17
N TYR D 426 -1.62 22.94 49.69
CA TYR D 426 -1.74 24.12 50.53
C TYR D 426 -2.81 25.01 49.95
N ALA D 427 -3.40 25.84 50.78
CA ALA D 427 -4.46 26.73 50.30
C ALA D 427 -4.19 28.19 50.67
N VAL D 473 -9.62 48.79 42.06
CA VAL D 473 -9.38 49.03 40.65
C VAL D 473 -7.91 49.33 40.40
N GLN D 474 -7.06 48.92 41.33
CA GLN D 474 -5.62 49.11 41.15
C GLN D 474 -5.10 48.28 39.98
N GLY D 475 -3.98 48.72 39.42
CA GLY D 475 -3.28 47.89 38.47
C GLY D 475 -2.61 46.72 39.18
N ARG D 476 -2.74 45.54 38.57
CA ARG D 476 -2.17 44.32 39.12
C ARG D 476 -1.30 43.65 38.07
N ASN D 477 -0.29 42.95 38.53
CA ASN D 477 0.64 42.27 37.62
C ASN D 477 0.09 40.98 37.05
N TYR D 478 -0.91 40.36 37.69
CA TYR D 478 -1.38 39.05 37.25
C TYR D 478 -2.89 39.01 37.29
N ILE D 479 -3.46 38.01 36.62
CA ILE D 479 -4.91 37.89 36.48
C ILE D 479 -5.32 36.45 36.78
N PRO D 480 -6.58 36.22 37.12
CA PRO D 480 -7.02 34.85 37.41
C PRO D 480 -7.00 33.97 36.17
N GLY D 481 -7.02 32.67 36.41
CA GLY D 481 -6.81 31.68 35.38
C GLY D 481 -7.96 31.54 34.42
N PRO D 482 -7.89 30.50 33.58
CA PRO D 482 -8.90 30.32 32.52
C PRO D 482 -10.20 29.77 33.06
N SER D 483 -11.25 29.98 32.28
CA SER D 483 -12.57 29.50 32.64
C SER D 483 -13.31 29.02 31.40
N TYR D 484 -13.96 27.86 31.53
CA TYR D 484 -14.91 27.37 30.55
C TYR D 484 -16.16 27.02 31.34
N ARG D 485 -17.22 27.79 31.19
CA ARG D 485 -18.24 27.87 32.22
C ARG D 485 -19.04 26.57 32.32
N GLN D 486 -19.53 26.29 33.52
CA GLN D 486 -20.42 25.18 33.82
C GLN D 486 -21.79 25.72 34.21
N GLN D 487 -22.81 24.90 34.03
CA GLN D 487 -24.12 25.21 34.57
C GLN D 487 -24.10 25.09 36.10
N ARG D 488 -24.98 25.82 36.77
CA ARG D 488 -25.02 25.84 38.23
C ARG D 488 -26.26 25.13 38.75
N VAL D 489 -26.05 24.15 39.62
CA VAL D 489 -27.13 23.38 40.23
C VAL D 489 -26.99 23.45 41.75
N SER D 490 -28.12 23.52 42.44
CA SER D 490 -28.16 23.49 43.89
C SER D 490 -28.86 22.22 44.37
N THR D 491 -28.30 21.59 45.39
CA THR D 491 -28.82 20.30 45.85
C THR D 491 -30.27 20.38 46.33
N THR D 492 -30.77 21.57 46.66
CA THR D 492 -32.15 21.71 47.09
C THR D 492 -33.02 21.83 45.84
N VAL D 493 -33.87 20.84 45.61
CA VAL D 493 -34.53 20.75 44.31
C VAL D 493 -35.63 21.78 44.17
N THR D 494 -35.99 22.45 45.26
CA THR D 494 -37.02 23.48 45.16
C THR D 494 -36.53 24.67 44.35
N GLN D 495 -35.24 24.96 44.37
CA GLN D 495 -34.67 26.10 43.66
C GLN D 495 -34.49 25.81 42.18
N ASN D 496 -33.99 24.63 41.82
CA ASN D 496 -33.69 24.31 40.45
C ASN D 496 -34.97 24.23 39.61
N ASN D 497 -34.80 24.40 38.31
CA ASN D 497 -35.89 24.42 37.35
C ASN D 497 -36.61 23.09 37.16
N ASN D 498 -37.92 23.15 37.00
CA ASN D 498 -38.73 21.95 36.80
C ASN D 498 -38.77 21.52 35.34
N SER D 499 -37.62 21.07 34.82
CA SER D 499 -37.51 20.63 33.45
C SER D 499 -36.33 19.69 33.32
N GLU D 500 -36.29 18.90 32.27
CA GLU D 500 -35.17 17.98 32.08
C GLU D 500 -34.00 18.66 31.41
N PHE D 501 -33.25 19.43 32.19
CA PHE D 501 -32.10 20.18 31.68
C PHE D 501 -30.76 19.50 31.93
N ALA D 502 -30.77 18.28 32.47
CA ALA D 502 -29.50 17.65 32.78
C ALA D 502 -28.56 17.38 31.60
N TRP D 503 -29.07 16.80 30.52
CA TRP D 503 -28.19 16.57 29.38
C TRP D 503 -27.77 17.83 28.64
N PRO D 504 -28.74 18.69 28.33
CA PRO D 504 -28.63 19.97 27.62
C PRO D 504 -27.85 21.06 28.31
N GLY D 505 -28.05 21.19 29.62
CA GLY D 505 -27.39 22.22 30.41
C GLY D 505 -25.88 22.15 30.47
N ALA D 506 -25.35 20.94 30.53
CA ALA D 506 -23.92 20.72 30.65
C ALA D 506 -23.09 21.24 29.48
N SER D 507 -21.87 21.68 29.82
CA SER D 507 -20.93 22.18 28.84
C SER D 507 -20.29 20.99 28.13
N SER D 508 -20.38 20.97 26.81
CA SER D 508 -19.84 19.87 26.03
C SER D 508 -18.78 20.40 25.09
N TRP D 509 -17.92 19.50 24.63
CA TRP D 509 -17.02 19.78 23.52
C TRP D 509 -17.25 18.75 22.43
N ALA D 510 -17.31 19.22 21.19
CA ALA D 510 -17.63 18.38 20.04
C ALA D 510 -16.35 17.98 19.34
N LEU D 511 -16.26 16.70 19.01
CA LEU D 511 -15.11 16.15 18.29
C LEU D 511 -15.62 15.16 17.25
N ASN D 512 -15.31 15.40 15.98
CA ASN D 512 -15.73 14.54 14.88
C ASN D 512 -17.25 14.36 14.89
N GLY D 513 -17.97 15.41 15.26
CA GLY D 513 -19.41 15.33 15.29
C GLY D 513 -19.99 14.47 16.39
N ARG D 514 -19.29 14.29 17.50
CA ARG D 514 -19.81 13.58 18.65
C ARG D 514 -19.68 14.45 19.89
N ASN D 515 -20.81 14.80 20.49
CA ASN D 515 -20.80 15.60 21.71
C ASN D 515 -20.39 14.73 22.88
N SER D 516 -19.29 15.10 23.53
CA SER D 516 -18.78 14.39 24.69
C SER D 516 -18.70 15.35 25.84
N LEU D 517 -19.49 15.09 26.88
CA LEU D 517 -19.69 16.05 27.95
C LEU D 517 -18.36 16.43 28.59
N MET D 518 -18.25 17.69 29.02
CA MET D 518 -17.04 18.19 29.66
C MET D 518 -17.11 17.83 31.14
N ASN D 519 -16.23 16.95 31.58
CA ASN D 519 -16.17 16.56 32.97
C ASN D 519 -14.73 16.25 33.35
N PRO D 520 -14.28 16.70 34.53
CA PRO D 520 -14.80 17.78 35.37
C PRO D 520 -14.50 19.15 34.79
N GLY D 521 -13.53 19.22 33.88
CA GLY D 521 -13.19 20.47 33.25
C GLY D 521 -12.05 21.16 33.96
N PRO D 522 -11.64 22.32 33.45
CA PRO D 522 -10.53 23.06 34.06
C PRO D 522 -10.79 23.34 35.54
N ALA D 523 -9.73 23.25 36.34
CA ALA D 523 -9.84 23.47 37.77
C ALA D 523 -10.42 24.84 38.04
N MET D 524 -11.52 24.89 38.79
CA MET D 524 -12.19 26.13 39.14
C MET D 524 -12.90 25.94 40.47
N ALA D 525 -12.96 27.01 41.26
CA ALA D 525 -13.70 26.96 42.52
C ALA D 525 -15.18 26.72 42.24
N SER D 526 -15.78 25.82 43.03
CA SER D 526 -17.09 25.29 42.69
C SER D 526 -18.20 26.28 42.99
N HIS D 527 -18.02 27.17 43.96
CA HIS D 527 -19.12 28.01 44.39
C HIS D 527 -18.59 29.31 44.98
N LYS D 528 -19.41 30.35 44.87
CA LYS D 528 -19.05 31.65 45.41
C LYS D 528 -18.96 31.59 46.93
N GLU D 529 -18.26 32.56 47.50
CA GLU D 529 -18.01 32.56 48.93
C GLU D 529 -19.33 32.52 49.70
N GLY D 530 -19.42 31.59 50.65
CA GLY D 530 -20.56 31.50 51.53
C GLY D 530 -21.69 30.63 51.05
N GLU D 531 -21.80 30.38 49.75
CA GLU D 531 -22.84 29.52 49.22
C GLU D 531 -22.18 28.19 48.90
N ASP D 532 -22.38 27.20 49.77
CA ASP D 532 -21.86 25.86 49.53
C ASP D 532 -22.94 24.89 49.06
N ARG D 533 -24.18 25.34 48.94
CA ARG D 533 -25.26 24.47 48.47
C ARG D 533 -25.19 24.21 46.97
N PHE D 534 -24.54 25.10 46.23
CA PHE D 534 -24.48 25.01 44.77
C PHE D 534 -23.24 24.35 44.19
N PHE D 535 -23.45 23.53 43.18
CA PHE D 535 -22.35 22.85 42.50
C PHE D 535 -22.57 22.88 41.00
N PRO D 536 -21.47 22.94 40.22
CA PRO D 536 -21.53 22.93 38.76
C PRO D 536 -22.05 21.58 38.30
N LEU D 537 -22.82 21.53 37.22
CA LEU D 537 -23.40 20.25 36.80
C LEU D 537 -22.36 19.18 36.46
N SER D 538 -21.32 19.53 35.72
CA SER D 538 -20.27 18.56 35.39
C SER D 538 -18.92 19.01 35.93
N GLY D 539 -18.94 20.05 36.75
CA GLY D 539 -17.74 20.65 37.29
C GLY D 539 -16.79 19.87 38.18
N SER D 540 -17.33 19.04 39.08
CA SER D 540 -16.45 18.31 39.98
C SER D 540 -16.71 16.82 40.12
N LEU D 541 -15.68 16.10 40.55
CA LEU D 541 -15.75 14.66 40.77
C LEU D 541 -16.82 14.29 41.78
N ILE D 542 -17.48 13.17 41.55
CA ILE D 542 -18.53 12.69 42.43
C ILE D 542 -18.31 11.22 42.72
N PHE D 543 -18.08 10.87 43.97
CA PHE D 543 -17.87 9.50 44.40
C PHE D 543 -19.15 8.96 45.04
N GLY D 544 -19.37 7.67 44.87
CA GLY D 544 -20.44 6.99 45.57
C GLY D 544 -20.02 6.53 46.95
N LYS D 545 -20.96 6.57 47.90
CA LYS D 545 -20.74 6.03 49.22
C LYS D 545 -20.79 4.51 49.17
N GLN D 546 -20.24 3.89 50.21
CA GLN D 546 -20.24 2.43 50.29
C GLN D 546 -21.65 1.90 50.15
N GLY D 547 -21.85 1.00 49.20
CA GLY D 547 -23.15 0.42 48.98
C GLY D 547 -24.05 1.17 48.02
N THR D 548 -23.58 2.28 47.44
CA THR D 548 -24.41 3.08 46.54
C THR D 548 -24.78 2.29 45.30
N GLY D 549 -26.05 2.39 44.91
CA GLY D 549 -26.53 1.71 43.72
C GLY D 549 -25.95 2.30 42.45
N ARG D 550 -26.19 1.60 41.35
CA ARG D 550 -25.63 2.02 40.06
C ARG D 550 -26.47 3.06 39.33
N ASP D 551 -27.78 3.08 39.50
CA ASP D 551 -28.63 3.94 38.68
C ASP D 551 -29.58 4.78 39.53
N ASN D 552 -29.56 6.08 39.30
CA ASN D 552 -30.55 7.03 39.85
C ASN D 552 -30.54 7.05 41.37
N VAL D 553 -29.35 7.03 41.94
CA VAL D 553 -29.19 7.16 43.38
C VAL D 553 -29.46 8.60 43.76
N ASP D 554 -29.78 8.83 45.03
CA ASP D 554 -30.07 10.19 45.46
C ASP D 554 -28.78 10.94 45.77
N ALA D 555 -28.92 12.22 46.10
CA ALA D 555 -27.75 13.06 46.33
C ALA D 555 -26.99 12.64 47.58
N ASP D 556 -27.68 12.08 48.57
CA ASP D 556 -27.04 11.66 49.81
C ASP D 556 -26.33 10.32 49.68
N LYS D 557 -26.52 9.59 48.58
CA LYS D 557 -25.76 8.37 48.34
C LYS D 557 -24.40 8.64 47.70
N VAL D 558 -24.19 9.83 47.14
CA VAL D 558 -22.96 10.18 46.45
C VAL D 558 -22.30 11.34 47.17
N MET D 559 -20.97 11.38 47.07
CA MET D 559 -20.15 12.39 47.74
C MET D 559 -19.64 13.38 46.71
N ILE D 560 -20.19 14.59 46.73
CA ILE D 560 -19.82 15.63 45.78
C ILE D 560 -18.58 16.33 46.33
N THR D 561 -17.51 16.36 45.55
CA THR D 561 -16.33 17.10 45.96
C THR D 561 -16.55 18.60 45.76
N ASN D 562 -15.79 19.39 46.51
CA ASN D 562 -15.88 20.84 46.46
C ASN D 562 -14.49 21.43 46.26
N GLU D 563 -14.43 22.52 45.50
CA GLU D 563 -13.17 23.18 45.13
C GLU D 563 -12.84 24.38 46.01
N GLU D 564 -13.59 24.61 47.10
CA GLU D 564 -13.58 25.89 47.79
C GLU D 564 -12.18 26.38 48.17
N GLU D 565 -11.19 25.49 48.21
CA GLU D 565 -9.86 25.87 48.66
C GLU D 565 -9.15 26.79 47.70
N ILE D 566 -9.31 26.57 46.39
CA ILE D 566 -8.47 27.21 45.37
C ILE D 566 -8.99 28.58 45.01
N LYS D 567 -10.14 28.97 45.57
CA LYS D 567 -10.91 30.12 45.10
C LYS D 567 -10.08 31.39 44.94
N THR D 568 -8.97 31.52 45.68
CA THR D 568 -8.16 32.74 45.58
C THR D 568 -7.72 33.01 44.16
N THR D 569 -7.06 32.04 43.52
CA THR D 569 -6.44 32.26 42.22
C THR D 569 -7.27 31.81 41.03
N ASN D 570 -8.44 31.20 41.25
CA ASN D 570 -9.17 30.68 40.11
C ASN D 570 -10.60 31.21 40.11
N PRO D 571 -11.23 31.30 38.94
CA PRO D 571 -12.61 31.78 38.90
C PRO D 571 -13.58 30.74 39.43
N VAL D 572 -14.78 31.20 39.78
CA VAL D 572 -15.84 30.27 40.15
C VAL D 572 -16.38 29.60 38.90
N ALA D 573 -16.50 28.27 38.95
CA ALA D 573 -16.80 27.51 37.74
C ALA D 573 -18.13 27.91 37.11
N THR D 574 -19.00 28.58 37.85
CA THR D 574 -20.31 28.98 37.34
C THR D 574 -20.35 30.43 36.87
N GLU D 575 -19.25 31.16 36.98
CA GLU D 575 -19.27 32.60 36.78
C GLU D 575 -18.50 32.99 35.52
N SER D 576 -18.93 34.09 34.91
CA SER D 576 -18.20 34.62 33.77
C SER D 576 -16.82 35.11 34.20
N TYR D 577 -15.87 35.03 33.27
CA TYR D 577 -14.53 35.48 33.59
C TYR D 577 -14.48 36.98 33.79
N GLY D 578 -15.37 37.71 33.12
CA GLY D 578 -15.43 39.15 33.26
C GLY D 578 -16.32 39.76 32.21
N GLN D 579 -16.13 41.06 31.98
CA GLN D 579 -16.83 41.77 30.94
C GLN D 579 -15.85 42.39 29.96
N VAL D 580 -16.35 42.72 28.77
CA VAL D 580 -15.57 43.38 27.73
C VAL D 580 -16.47 44.42 27.07
N ALA D 581 -15.83 45.48 26.58
CA ALA D 581 -16.53 46.46 25.76
C ALA D 581 -16.89 45.82 24.42
N THR D 582 -18.15 45.92 24.04
CA THR D 582 -18.61 45.27 22.82
C THR D 582 -18.64 46.18 21.61
N ASN D 583 -18.33 47.47 21.78
CA ASN D 583 -18.31 48.41 20.66
C ASN D 583 -17.53 49.65 21.08
N HIS D 584 -17.54 50.66 20.22
CA HIS D 584 -16.93 51.95 20.51
C HIS D 584 -17.97 52.87 21.13
N GLN D 585 -17.59 53.52 22.22
CA GLN D 585 -18.46 54.55 22.78
C GLN D 585 -18.42 55.78 21.89
N SER D 586 -19.43 56.61 22.05
CA SER D 586 -19.52 57.86 21.30
C SER D 586 -20.49 58.77 22.06
N ALA D 587 -20.66 59.98 21.53
CA ALA D 587 -21.72 60.82 22.06
C ALA D 587 -23.08 60.29 21.64
N GLN D 588 -23.13 59.56 20.52
CA GLN D 588 -24.37 59.03 19.98
C GLN D 588 -24.64 57.59 20.36
N ALA D 589 -23.71 56.91 21.04
CA ALA D 589 -23.91 55.53 21.45
C ALA D 589 -23.25 55.30 22.80
N GLN D 590 -23.98 54.68 23.72
CA GLN D 590 -23.44 54.39 25.03
C GLN D 590 -22.43 53.25 24.94
N ALA D 591 -21.57 53.18 25.95
CA ALA D 591 -20.63 52.06 26.02
C ALA D 591 -21.34 50.80 26.49
N GLN D 592 -21.28 49.77 25.67
CA GLN D 592 -21.88 48.49 26.00
C GLN D 592 -20.82 47.55 26.55
N THR D 593 -21.20 46.73 27.53
CA THR D 593 -20.36 45.67 28.02
C THR D 593 -21.05 44.34 27.75
N GLY D 594 -20.26 43.28 27.70
CA GLY D 594 -20.79 41.96 27.42
C GLY D 594 -19.98 40.93 28.17
N TRP D 595 -20.60 39.77 28.37
CA TRP D 595 -20.08 38.79 29.30
C TRP D 595 -19.13 37.82 28.61
N VAL D 596 -18.02 37.52 29.28
CA VAL D 596 -17.03 36.58 28.77
C VAL D 596 -17.33 35.22 29.37
N GLN D 597 -17.83 34.30 28.54
CA GLN D 597 -18.15 32.98 29.02
C GLN D 597 -16.94 32.06 29.04
N ASN D 598 -16.10 32.12 28.02
CA ASN D 598 -14.92 31.27 27.92
C ASN D 598 -13.71 32.12 27.60
N GLN D 599 -12.62 31.89 28.32
CA GLN D 599 -11.42 32.70 28.14
C GLN D 599 -10.21 31.78 28.13
N GLY D 600 -9.43 31.84 27.07
CA GLY D 600 -8.24 31.04 26.98
C GLY D 600 -7.12 31.59 27.83
N ILE D 601 -5.91 31.10 27.57
CA ILE D 601 -4.76 31.61 28.29
C ILE D 601 -4.40 32.99 27.80
N LEU D 602 -4.05 33.87 28.73
CA LEU D 602 -3.49 35.19 28.48
C LEU D 602 -2.22 35.34 29.30
N PRO D 603 -1.23 36.07 28.81
CA PRO D 603 -0.01 36.27 29.59
C PRO D 603 -0.30 36.89 30.95
N GLY D 604 0.22 36.28 31.99
CA GLY D 604 0.02 36.76 33.34
C GLY D 604 -1.01 36.03 34.16
N MET D 605 -1.59 34.96 33.65
CA MET D 605 -2.49 34.14 34.45
C MET D 605 -1.70 33.24 35.40
N VAL D 606 -2.34 32.89 36.50
CA VAL D 606 -1.87 31.84 37.39
C VAL D 606 -3.08 31.01 37.80
N TRP D 607 -2.85 29.74 38.12
CA TRP D 607 -3.94 28.91 38.55
C TRP D 607 -3.43 27.73 39.36
N GLN D 608 -4.34 27.13 40.12
CA GLN D 608 -4.09 25.91 40.86
C GLN D 608 -4.68 24.72 40.13
N ASP D 609 -4.01 23.58 40.23
CA ASP D 609 -4.53 22.36 39.67
C ASP D 609 -5.68 21.84 40.54
N ARG D 610 -6.27 20.72 40.14
CA ARG D 610 -7.37 20.18 40.92
C ARG D 610 -6.84 19.21 41.97
N ASP D 611 -7.43 19.30 43.16
CA ASP D 611 -6.97 18.55 44.31
C ASP D 611 -7.20 17.06 44.13
N VAL D 612 -6.17 16.29 44.36
CA VAL D 612 -6.27 14.84 44.40
C VAL D 612 -6.96 14.44 45.69
N TYR D 613 -7.70 13.34 45.65
CA TYR D 613 -8.43 12.85 46.81
C TYR D 613 -7.93 11.46 47.16
N LEU D 614 -8.20 11.05 48.40
CA LEU D 614 -7.71 9.76 48.86
C LEU D 614 -8.32 8.62 48.05
N GLN D 615 -9.49 8.85 47.45
CA GLN D 615 -10.08 7.86 46.55
C GLN D 615 -9.71 8.09 45.09
N GLY D 616 -9.11 9.23 44.77
CA GLY D 616 -8.95 9.64 43.39
C GLY D 616 -7.77 9.00 42.70
N PRO D 617 -7.62 9.26 41.41
CA PRO D 617 -6.53 8.64 40.63
C PRO D 617 -5.21 9.34 40.90
N ILE D 618 -4.12 8.60 40.70
CA ILE D 618 -2.80 9.16 40.94
C ILE D 618 -2.25 9.75 39.66
N TRP D 619 -1.92 8.89 38.69
CA TRP D 619 -1.31 9.34 37.44
C TRP D 619 -2.26 9.06 36.28
N ALA D 620 -2.08 9.85 35.23
CA ALA D 620 -2.78 9.65 33.97
C ALA D 620 -1.78 9.86 32.84
N LYS D 621 -1.79 8.94 31.89
CA LYS D 621 -0.87 9.01 30.76
C LYS D 621 -1.19 10.24 29.92
N ILE D 622 -0.14 10.87 29.41
CA ILE D 622 -0.33 12.03 28.53
C ILE D 622 -0.47 11.55 27.10
N PRO D 623 -1.55 11.87 26.40
CA PRO D 623 -1.67 11.44 25.01
C PRO D 623 -0.47 11.91 24.22
N HIS D 624 -0.10 11.11 23.23
CA HIS D 624 1.11 11.36 22.46
C HIS D 624 0.72 12.18 21.23
N THR D 625 1.09 13.45 21.24
CA THR D 625 0.60 14.39 20.23
C THR D 625 1.68 15.43 19.95
N ASP D 626 1.51 16.16 18.84
CA ASP D 626 2.49 17.16 18.45
C ASP D 626 2.69 18.20 19.54
N GLY D 627 1.63 18.51 20.27
CA GLY D 627 1.77 19.49 21.34
C GLY D 627 0.59 19.44 22.27
N ASN D 628 0.84 19.85 23.51
CA ASN D 628 -0.18 19.97 24.52
C ASN D 628 0.28 21.02 25.52
N PHE D 629 -0.68 21.68 26.15
CA PHE D 629 -0.36 22.72 27.11
C PHE D 629 -0.76 22.28 28.50
N HIS D 630 0.20 22.34 29.42
CA HIS D 630 -0.01 22.02 30.82
C HIS D 630 -0.64 20.64 30.91
N PRO D 631 0.14 19.60 30.67
CA PRO D 631 -0.39 18.23 30.62
C PRO D 631 -1.07 17.73 31.88
N SER D 632 -0.99 18.48 32.98
CA SER D 632 -1.62 18.04 34.22
C SER D 632 -3.06 17.61 33.95
N PRO D 633 -3.44 16.38 34.29
CA PRO D 633 -4.77 15.89 33.94
C PRO D 633 -5.87 16.66 34.64
N LEU D 634 -7.05 16.65 34.02
CA LEU D 634 -8.13 17.46 34.55
C LEU D 634 -8.81 16.82 35.75
N MET D 635 -8.62 15.52 35.97
CA MET D 635 -9.20 14.88 37.14
C MET D 635 -8.25 14.86 38.34
N GLY D 636 -7.08 15.45 38.22
CA GLY D 636 -6.15 15.52 39.33
C GLY D 636 -5.09 14.44 39.24
N GLY D 637 -3.92 14.78 39.76
CA GLY D 637 -2.80 13.87 39.76
C GLY D 637 -1.72 14.25 38.78
N PHE D 638 -0.78 13.33 38.60
CA PHE D 638 0.46 13.60 37.90
C PHE D 638 0.39 13.03 36.50
N GLY D 639 0.30 13.91 35.49
CA GLY D 639 0.40 13.49 34.11
C GLY D 639 1.82 13.10 33.76
N MET D 640 1.97 11.94 33.15
CA MET D 640 3.28 11.39 32.86
C MET D 640 3.29 10.81 31.45
N LYS D 641 4.27 11.21 30.65
CA LYS D 641 4.39 10.66 29.30
C LYS D 641 4.79 9.20 29.30
N HIS D 642 5.31 8.70 30.42
CA HIS D 642 5.64 7.29 30.59
C HIS D 642 5.15 6.85 31.96
N PRO D 643 3.86 6.62 32.11
CA PRO D 643 3.32 6.26 33.40
C PRO D 643 3.70 4.82 33.75
N PRO D 644 3.35 4.35 34.94
CA PRO D 644 3.65 2.97 35.31
C PRO D 644 3.05 1.99 34.32
N PRO D 645 3.83 1.04 33.84
CA PRO D 645 3.37 0.16 32.77
C PRO D 645 2.18 -0.69 33.20
N GLN D 646 1.33 -0.99 32.23
CA GLN D 646 0.22 -1.90 32.49
C GLN D 646 0.74 -3.31 32.67
N ILE D 647 0.00 -4.11 33.42
CA ILE D 647 0.39 -5.47 33.74
C ILE D 647 -0.75 -6.36 33.33
N LEU D 648 -0.54 -7.20 32.33
CA LEU D 648 -1.60 -8.01 31.76
C LEU D 648 -1.37 -9.48 32.14
N ILE D 649 -2.44 -10.14 32.56
CA ILE D 649 -2.35 -11.48 33.11
C ILE D 649 -3.56 -12.28 32.69
N LYS D 650 -3.36 -13.56 32.35
CA LYS D 650 -4.46 -14.45 32.02
C LYS D 650 -4.18 -15.83 32.57
N ASN D 651 -5.21 -16.67 32.54
CA ASN D 651 -5.06 -18.09 32.83
C ASN D 651 -4.83 -18.85 31.53
N THR D 652 -3.64 -19.40 31.35
CA THR D 652 -3.33 -20.13 30.14
C THR D 652 -4.37 -21.23 29.92
N PRO D 653 -5.05 -21.26 28.78
CA PRO D 653 -6.13 -22.24 28.59
C PRO D 653 -5.57 -23.65 28.52
N VAL D 654 -6.27 -24.57 29.19
CA VAL D 654 -5.93 -25.99 29.17
C VAL D 654 -7.00 -26.70 28.36
N PRO D 655 -6.67 -27.31 27.23
CA PRO D 655 -7.69 -27.91 26.38
C PRO D 655 -8.23 -29.20 26.97
N ALA D 656 -9.52 -29.42 26.75
CA ALA D 656 -10.15 -30.66 27.17
C ALA D 656 -9.77 -31.77 26.19
N ASP D 657 -10.41 -32.91 26.34
CA ASP D 657 -10.02 -34.07 25.54
C ASP D 657 -10.24 -33.82 24.06
N PRO D 658 -9.20 -33.95 23.24
CA PRO D 658 -9.36 -33.82 21.81
C PRO D 658 -10.20 -34.95 21.25
N PRO D 659 -10.72 -34.81 20.03
CA PRO D 659 -11.68 -35.79 19.51
C PRO D 659 -11.10 -37.18 19.28
N THR D 660 -9.78 -37.32 19.30
CA THR D 660 -9.00 -38.55 19.08
C THR D 660 -8.89 -38.86 17.60
N ALA D 661 -9.73 -38.27 16.75
CA ALA D 661 -9.53 -38.29 15.30
C ALA D 661 -9.22 -36.87 14.86
N PHE D 662 -8.32 -36.72 13.90
CA PHE D 662 -7.83 -35.37 13.61
C PHE D 662 -8.95 -34.48 13.11
N ASN D 663 -9.04 -33.29 13.72
CA ASN D 663 -10.02 -32.28 13.34
C ASN D 663 -9.31 -30.93 13.36
N LYS D 664 -9.35 -30.20 12.24
CA LYS D 664 -8.49 -29.03 12.11
C LYS D 664 -9.06 -27.81 12.80
N ASP D 665 -10.26 -27.94 13.38
CA ASP D 665 -10.88 -26.80 14.03
C ASP D 665 -10.15 -26.48 15.33
N LYS D 666 -10.12 -25.19 15.68
CA LYS D 666 -9.53 -24.83 16.96
C LYS D 666 -10.37 -25.39 18.09
N LEU D 667 -9.71 -25.81 19.15
CA LEU D 667 -10.44 -26.43 20.25
C LEU D 667 -11.06 -25.33 21.11
N ASN D 668 -12.38 -25.31 21.18
CA ASN D 668 -13.07 -24.35 22.04
C ASN D 668 -13.46 -24.96 23.38
N SER D 669 -13.22 -26.25 23.58
CA SER D 669 -13.66 -26.96 24.77
C SER D 669 -12.53 -26.98 25.79
N PHE D 670 -12.72 -26.25 26.89
CA PHE D 670 -11.66 -26.07 27.87
C PHE D 670 -12.15 -26.44 29.26
N ILE D 671 -11.18 -26.59 30.16
CA ILE D 671 -11.46 -26.84 31.57
C ILE D 671 -11.83 -25.52 32.24
N THR D 672 -12.96 -25.51 32.93
CA THR D 672 -13.29 -24.37 33.79
C THR D 672 -12.20 -24.20 34.83
N GLN D 673 -11.64 -23.00 34.91
CA GLN D 673 -10.42 -22.82 35.67
C GLN D 673 -10.32 -21.39 36.15
N TYR D 674 -9.72 -21.20 37.31
CA TYR D 674 -9.36 -19.86 37.76
C TYR D 674 -8.20 -19.99 38.74
N SER D 675 -7.53 -18.88 38.97
CA SER D 675 -6.33 -18.87 39.80
C SER D 675 -6.40 -17.74 40.82
N THR D 676 -5.50 -17.81 41.80
CA THR D 676 -5.42 -16.79 42.83
C THR D 676 -3.99 -16.70 43.33
N GLY D 677 -3.68 -15.60 44.02
CA GLY D 677 -2.30 -15.29 44.34
C GLY D 677 -2.21 -14.04 45.18
N GLN D 678 -1.02 -13.43 45.16
CA GLN D 678 -0.71 -12.27 45.98
C GLN D 678 -0.15 -11.14 45.11
N VAL D 679 -0.36 -9.90 45.55
CA VAL D 679 0.16 -8.72 44.89
C VAL D 679 0.69 -7.75 45.93
N SER D 680 1.96 -7.38 45.81
CA SER D 680 2.56 -6.40 46.70
C SER D 680 3.21 -5.29 45.89
N VAL D 681 2.66 -4.08 46.01
CA VAL D 681 3.11 -2.92 45.25
C VAL D 681 3.62 -1.87 46.23
N GLU D 682 4.80 -1.33 45.95
CA GLU D 682 5.53 -0.47 46.87
C GLU D 682 5.98 0.79 46.16
N ILE D 683 5.55 1.95 46.65
CA ILE D 683 5.84 3.22 46.01
C ILE D 683 6.53 4.15 46.98
N GLU D 684 7.76 4.54 46.65
CA GLU D 684 8.46 5.61 47.36
C GLU D 684 7.84 6.94 46.97
N TRP D 685 7.75 7.85 47.93
CA TRP D 685 7.20 9.18 47.71
C TRP D 685 8.19 10.21 48.22
N GLU D 686 7.97 11.48 47.88
CA GLU D 686 8.81 12.55 48.39
C GLU D 686 7.95 13.72 48.85
N LEU D 687 8.08 14.06 50.13
CA LEU D 687 7.37 15.18 50.72
C LEU D 687 8.23 16.44 50.62
N GLN D 688 7.55 17.56 50.40
CA GLN D 688 8.23 18.84 50.26
C GLN D 688 8.75 19.34 51.59
N ASN E 419 17.58 34.01 36.42
CA ASN E 419 17.85 34.35 35.03
C ASN E 419 16.57 34.57 34.25
N VAL E 420 16.26 35.84 33.98
CA VAL E 420 15.09 36.22 33.20
C VAL E 420 15.57 36.87 31.92
N PRO E 421 14.79 36.76 30.84
CA PRO E 421 15.32 37.12 29.52
C PRO E 421 15.56 38.60 29.40
N PHE E 422 16.43 38.97 28.46
CA PHE E 422 16.62 40.38 28.18
C PHE E 422 15.31 41.03 27.81
N HIS E 423 14.94 42.09 28.52
CA HIS E 423 13.71 42.78 28.20
C HIS E 423 13.94 43.42 26.85
N SER E 424 13.18 43.00 25.85
CA SER E 424 13.36 43.56 24.52
C SER E 424 13.04 45.04 24.62
N SER E 425 13.90 45.86 24.03
CA SER E 425 13.74 47.30 24.07
C SER E 425 13.89 47.86 22.68
N TYR E 426 12.93 47.54 21.82
CA TYR E 426 12.95 48.00 20.44
C TYR E 426 11.55 47.91 19.85
N ALA E 427 11.36 48.56 18.71
CA ALA E 427 10.09 48.52 18.02
C ALA E 427 10.33 47.84 16.69
N HIS E 428 9.50 46.87 16.35
CA HIS E 428 9.65 46.14 15.10
C HIS E 428 9.42 47.05 13.91
N SER E 429 10.18 46.82 12.84
CA SER E 429 10.03 47.61 11.64
C SER E 429 9.05 47.01 10.64
N GLN E 430 8.49 45.85 10.99
CA GLN E 430 7.54 45.17 10.11
C GLN E 430 6.27 44.78 10.82
N SER E 431 5.16 44.76 10.08
CA SER E 431 3.88 44.36 10.65
C SER E 431 3.78 42.86 10.47
N LEU E 432 3.16 42.18 11.42
CA LEU E 432 3.06 40.73 11.39
C LEU E 432 2.45 40.22 10.09
N ASP E 433 1.59 41.01 9.46
CA ASP E 433 0.96 40.61 8.21
C ASP E 433 1.77 40.99 6.99
N ARG E 434 2.77 41.84 7.12
CA ARG E 434 3.61 42.26 6.01
C ARG E 434 4.93 41.50 5.91
N LEU E 435 5.11 40.43 6.67
CA LEU E 435 6.34 39.65 6.61
C LEU E 435 6.64 39.08 5.23
N MET E 436 5.69 39.11 4.30
CA MET E 436 5.82 38.51 2.99
C MET E 436 6.87 39.21 2.13
N ASN E 437 7.29 38.51 1.08
CA ASN E 437 8.00 39.13 -0.04
C ASN E 437 6.99 39.81 -0.95
N PRO E 438 7.11 41.12 -1.19
CA PRO E 438 6.12 41.81 -2.03
C PRO E 438 6.20 41.50 -3.50
N LEU E 439 7.28 40.89 -3.98
CA LEU E 439 7.47 40.79 -5.42
C LEU E 439 7.01 39.46 -6.04
N ILE E 440 6.71 38.44 -5.26
CA ILE E 440 6.60 37.10 -5.82
C ILE E 440 5.29 36.44 -5.38
N ASP E 441 4.68 35.71 -6.31
CA ASP E 441 3.45 34.98 -6.06
C ASP E 441 3.66 33.84 -5.07
N GLN E 442 2.56 33.34 -4.55
CA GLN E 442 2.54 32.10 -3.78
C GLN E 442 1.96 30.97 -4.62
N TYR E 443 2.41 29.75 -4.32
CA TYR E 443 1.82 28.58 -4.97
C TYR E 443 0.46 28.22 -4.35
N LEU E 444 0.08 28.91 -3.29
CA LEU E 444 -1.23 28.70 -2.68
C LEU E 444 -2.31 29.48 -3.43
N TYR E 445 -3.54 28.97 -3.36
CA TYR E 445 -4.72 29.59 -3.94
C TYR E 445 -5.71 29.98 -2.85
N TYR E 446 -6.59 30.91 -3.18
CA TYR E 446 -7.64 31.32 -2.26
C TYR E 446 -8.95 31.37 -3.03
N LEU E 447 -10.04 31.06 -2.34
CA LEU E 447 -11.38 31.13 -2.93
C LEU E 447 -11.64 32.59 -3.27
N SER E 448 -12.16 32.84 -4.48
CA SER E 448 -12.29 34.22 -4.93
C SER E 448 -13.73 34.57 -5.27
N LYS E 449 -14.29 33.97 -6.32
CA LYS E 449 -15.69 34.18 -6.66
C LYS E 449 -16.50 32.97 -6.24
N THR E 450 -17.59 33.20 -5.52
CA THR E 450 -18.55 32.13 -5.30
C THR E 450 -19.76 32.21 -6.23
N ILE E 451 -19.82 33.21 -7.11
CA ILE E 451 -20.94 33.33 -8.05
C ILE E 451 -20.43 33.80 -9.41
N ASN E 452 -21.11 33.36 -10.46
CA ASN E 452 -20.77 33.77 -11.81
C ASN E 452 -21.13 35.22 -12.05
N GLY E 453 -22.06 35.75 -11.28
CA GLY E 453 -22.56 37.09 -11.51
C GLY E 453 -23.98 37.19 -11.00
N SER E 454 -24.55 38.39 -11.14
CA SER E 454 -25.91 38.61 -10.66
C SER E 454 -26.89 37.73 -11.41
N GLY E 455 -27.85 37.19 -10.68
CA GLY E 455 -28.84 36.33 -11.29
C GLY E 455 -29.37 35.33 -10.27
N GLN E 456 -29.92 34.24 -10.79
CA GLN E 456 -30.48 33.15 -10.00
C GLN E 456 -29.79 31.85 -10.39
N ASN E 457 -29.46 31.04 -9.38
CA ASN E 457 -28.80 29.75 -9.58
C ASN E 457 -27.42 29.92 -10.22
N GLN E 458 -26.70 30.92 -9.72
CA GLN E 458 -25.42 31.32 -10.27
C GLN E 458 -24.22 30.71 -9.56
N GLN E 459 -24.43 29.81 -8.59
CA GLN E 459 -23.32 29.38 -7.76
C GLN E 459 -22.22 28.74 -8.60
N THR E 460 -20.99 29.12 -8.32
CA THR E 460 -19.82 28.47 -8.88
C THR E 460 -18.64 28.76 -7.97
N LEU E 461 -17.58 27.97 -8.12
CA LEU E 461 -16.40 28.12 -7.30
C LEU E 461 -15.24 28.54 -8.19
N LYS E 462 -14.57 29.62 -7.81
CA LYS E 462 -13.44 30.13 -8.58
C LYS E 462 -12.28 30.38 -7.63
N PHE E 463 -11.11 29.87 -8.00
CA PHE E 463 -9.90 29.99 -7.19
C PHE E 463 -8.88 30.82 -7.95
N SER E 464 -8.18 31.71 -7.26
CA SER E 464 -7.16 32.56 -7.86
C SER E 464 -5.93 32.57 -6.97
N VAL E 465 -4.77 32.82 -7.56
CA VAL E 465 -3.52 32.78 -6.80
C VAL E 465 -3.46 33.95 -5.85
N ALA E 466 -3.08 33.67 -4.61
CA ALA E 466 -2.74 34.76 -3.71
C ALA E 466 -1.42 35.38 -4.14
N GLY E 467 -1.45 36.68 -4.42
CA GLY E 467 -0.31 37.35 -4.96
C GLY E 467 -0.24 38.80 -4.51
N PRO E 468 0.88 39.46 -4.81
CA PRO E 468 1.09 40.81 -4.29
C PRO E 468 -0.04 41.79 -4.55
N SER E 469 -0.80 41.60 -5.63
CA SER E 469 -1.94 42.48 -5.88
C SER E 469 -2.92 42.45 -4.71
N ASN E 470 -3.23 41.26 -4.23
CA ASN E 470 -4.11 41.07 -3.07
C ASN E 470 -3.27 40.42 -1.96
N MET E 471 -2.89 41.24 -0.97
CA MET E 471 -2.06 40.73 0.11
C MET E 471 -2.88 40.42 1.35
N ALA E 472 -4.20 40.59 1.27
CA ALA E 472 -5.03 40.28 2.42
C ALA E 472 -5.18 38.78 2.60
N VAL E 473 -5.25 38.04 1.49
CA VAL E 473 -5.68 36.65 1.57
C VAL E 473 -4.50 35.69 1.53
N GLN E 474 -3.27 36.19 1.50
CA GLN E 474 -2.13 35.30 1.45
C GLN E 474 -1.98 34.53 2.75
N GLY E 475 -1.71 33.23 2.64
CA GLY E 475 -1.58 32.43 3.84
C GLY E 475 -0.30 32.75 4.58
N ARG E 476 -0.42 32.96 5.90
CA ARG E 476 0.70 33.35 6.73
C ARG E 476 0.92 32.34 7.83
N ASN E 477 2.17 32.23 8.27
CA ASN E 477 2.56 31.24 9.27
C ASN E 477 2.19 31.60 10.69
N TYR E 478 2.01 32.89 11.01
CA TYR E 478 1.80 33.29 12.38
C TYR E 478 0.68 34.33 12.45
N ILE E 479 0.03 34.40 13.60
CA ILE E 479 -1.10 35.30 13.81
C ILE E 479 -0.76 36.22 14.98
N PRO E 480 -1.42 37.37 15.07
CA PRO E 480 -1.12 38.31 16.16
C PRO E 480 -1.54 37.74 17.50
N GLY E 481 -1.02 38.37 18.56
CA GLY E 481 -1.11 37.83 19.89
C GLY E 481 -2.49 37.88 20.50
N PRO E 482 -2.57 37.62 21.79
CA PRO E 482 -3.86 37.61 22.48
C PRO E 482 -4.44 39.01 22.60
N SER E 483 -5.75 39.06 22.76
CA SER E 483 -6.45 40.33 22.86
C SER E 483 -7.62 40.21 23.83
N TYR E 484 -7.79 41.23 24.66
CA TYR E 484 -8.94 41.37 25.55
C TYR E 484 -9.38 42.82 25.43
N ARG E 485 -10.57 43.08 24.89
CA ARG E 485 -10.86 44.44 24.43
C ARG E 485 -11.05 45.41 25.59
N GLN E 486 -10.40 46.57 25.47
CA GLN E 486 -10.61 47.74 26.32
C GLN E 486 -11.50 48.73 25.60
N GLN E 487 -12.30 49.47 26.37
CA GLN E 487 -13.13 50.53 25.80
C GLN E 487 -12.26 51.71 25.39
N ARG E 488 -12.62 52.31 24.24
CA ARG E 488 -11.88 53.44 23.71
C ARG E 488 -12.39 54.73 24.34
N VAL E 489 -11.47 55.63 24.69
CA VAL E 489 -11.79 56.92 25.26
C VAL E 489 -11.06 58.00 24.47
N SER E 490 -11.82 58.99 23.99
CA SER E 490 -11.27 60.10 23.23
C SER E 490 -11.29 61.37 24.08
N THR E 491 -10.22 62.15 23.97
CA THR E 491 -10.09 63.38 24.74
C THR E 491 -10.82 64.52 24.04
N GLU E 563 1.68 52.72 24.35
CA GLU E 563 2.28 51.59 23.65
C GLU E 563 1.91 51.59 22.17
N GLU E 564 2.50 52.50 21.40
CA GLU E 564 2.31 52.45 19.96
C GLU E 564 3.48 51.77 19.26
N GLU E 565 4.47 51.28 20.00
CA GLU E 565 5.53 50.50 19.38
C GLU E 565 5.10 49.07 19.10
N ILE E 566 4.19 48.54 19.90
CA ILE E 566 3.88 47.12 19.89
C ILE E 566 2.77 46.83 18.90
N LYS E 567 2.17 47.88 18.34
CA LYS E 567 1.02 47.70 17.45
C LYS E 567 1.37 46.98 16.16
N THR E 568 2.65 46.71 15.90
CA THR E 568 2.99 45.96 14.70
C THR E 568 2.40 44.55 14.75
N THR E 569 2.76 43.77 15.76
CA THR E 569 2.29 42.40 15.87
C THR E 569 1.13 42.22 16.85
N ASN E 570 0.73 43.26 17.57
CA ASN E 570 -0.27 43.13 18.62
C ASN E 570 -1.56 43.84 18.21
N PRO E 571 -2.71 43.17 18.30
CA PRO E 571 -3.96 43.83 17.91
C PRO E 571 -4.24 45.03 18.79
N VAL E 572 -4.97 45.99 18.23
CA VAL E 572 -5.26 47.22 18.96
C VAL E 572 -6.21 46.91 20.10
N ALA E 573 -5.82 47.30 21.32
CA ALA E 573 -6.55 46.92 22.52
C ALA E 573 -8.01 47.37 22.49
N THR E 574 -8.32 48.39 21.70
CA THR E 574 -9.68 48.92 21.62
C THR E 574 -10.47 48.34 20.46
N GLU E 575 -9.93 47.37 19.74
CA GLU E 575 -10.55 46.83 18.55
C GLU E 575 -10.84 45.35 18.72
N SER E 576 -11.74 44.85 17.88
CA SER E 576 -12.10 43.43 17.89
C SER E 576 -10.94 42.71 17.27
N TYR E 577 -10.44 41.69 17.96
CA TYR E 577 -9.27 40.97 17.46
C TYR E 577 -9.49 40.29 16.13
N GLY E 578 -10.66 39.73 15.90
CA GLY E 578 -10.92 39.09 14.63
C GLY E 578 -12.38 38.85 14.36
N GLN E 579 -12.66 38.31 13.19
CA GLN E 579 -14.02 37.98 12.80
C GLN E 579 -14.09 36.48 12.61
N VAL E 580 -15.09 35.85 13.22
CA VAL E 580 -15.25 34.42 13.12
C VAL E 580 -16.60 34.07 12.52
N ALA E 581 -16.60 33.24 11.47
CA ALA E 581 -17.83 32.82 10.84
C ALA E 581 -18.55 31.88 11.79
N THR E 582 -19.87 31.94 11.86
CA THR E 582 -20.58 31.06 12.77
C THR E 582 -21.40 29.97 12.10
N ASN E 583 -22.58 30.31 11.63
CA ASN E 583 -23.46 29.33 11.00
C ASN E 583 -23.00 28.91 9.62
N HIS E 584 -23.39 27.70 9.22
CA HIS E 584 -23.03 27.18 7.92
C HIS E 584 -23.99 27.70 6.89
N GLN E 585 -23.43 28.09 5.74
CA GLN E 585 -24.20 28.56 4.61
C GLN E 585 -24.92 27.39 3.95
N SER E 586 -26.00 27.69 3.26
CA SER E 586 -26.65 26.75 2.35
C SER E 586 -27.68 27.53 1.56
N ALA E 587 -28.35 26.83 0.64
CA ALA E 587 -29.29 27.50 -0.25
C ALA E 587 -30.35 28.26 0.54
N GLN E 588 -30.62 27.82 1.77
CA GLN E 588 -31.58 28.55 2.62
C GLN E 588 -30.91 29.70 3.38
N ALA E 589 -29.70 29.50 3.89
CA ALA E 589 -29.13 30.40 4.88
C ALA E 589 -27.86 31.05 4.38
N GLN E 590 -27.75 32.36 4.54
CA GLN E 590 -26.52 33.08 4.24
C GLN E 590 -25.52 32.92 5.37
N ALA E 591 -24.25 33.06 5.04
CA ALA E 591 -23.22 32.97 6.05
C ALA E 591 -23.31 34.13 7.02
N GLN E 592 -23.12 33.87 8.30
CA GLN E 592 -23.06 34.92 9.30
C GLN E 592 -21.71 34.89 10.01
N THR E 593 -21.19 36.07 10.33
CA THR E 593 -19.88 36.23 10.93
C THR E 593 -19.97 37.08 12.18
N GLY E 594 -19.52 36.54 13.30
CA GLY E 594 -19.55 37.24 14.58
C GLY E 594 -18.23 37.92 14.85
N TRP E 595 -18.26 38.89 15.76
CA TRP E 595 -17.04 39.60 16.12
C TRP E 595 -16.44 38.99 17.38
N VAL E 596 -15.14 38.75 17.33
CA VAL E 596 -14.40 38.19 18.46
C VAL E 596 -13.85 39.34 19.26
N GLN E 597 -14.38 39.55 20.46
CA GLN E 597 -13.91 40.64 21.30
C GLN E 597 -12.63 40.25 22.03
N ASN E 598 -12.56 39.02 22.53
CA ASN E 598 -11.42 38.53 23.26
C ASN E 598 -11.05 37.13 22.78
N GLN E 599 -9.76 36.90 22.61
CA GLN E 599 -9.27 35.62 22.09
C GLN E 599 -8.05 35.20 22.87
N GLY E 600 -8.09 34.00 23.44
CA GLY E 600 -6.97 33.48 24.18
C GLY E 600 -5.86 33.04 23.27
N ILE E 601 -4.83 32.44 23.87
CA ILE E 601 -3.72 31.91 23.11
C ILE E 601 -4.21 30.88 22.11
N LEU E 602 -3.60 30.88 20.94
CA LEU E 602 -3.70 29.84 19.92
C LEU E 602 -2.29 29.47 19.49
N PRO E 603 -2.07 28.26 19.02
CA PRO E 603 -0.73 27.90 18.54
C PRO E 603 -0.36 28.77 17.35
N GLY E 604 0.82 29.37 17.43
CA GLY E 604 1.31 30.23 16.37
C GLY E 604 1.25 31.71 16.65
N MET E 605 0.77 32.12 17.82
CA MET E 605 0.75 33.53 18.16
C MET E 605 2.13 34.03 18.55
N VAL E 606 2.38 35.31 18.27
CA VAL E 606 3.58 36.00 18.72
C VAL E 606 3.18 37.40 19.17
N TRP E 607 3.86 37.90 20.19
CA TRP E 607 3.46 39.18 20.77
C TRP E 607 4.65 39.79 21.49
N GLN E 608 4.51 41.08 21.82
CA GLN E 608 5.49 41.84 22.57
C GLN E 608 4.99 42.14 23.98
N ASP E 609 5.93 42.25 24.91
CA ASP E 609 5.63 42.66 26.27
C ASP E 609 5.40 44.17 26.33
N ARG E 610 5.33 44.69 27.54
CA ARG E 610 5.04 46.11 27.75
C ARG E 610 6.28 46.93 28.08
N ILE E 622 6.93 36.25 41.12
CA ILE E 622 5.93 35.43 40.46
C ILE E 622 5.11 34.69 41.50
N PRO E 623 3.78 34.83 41.45
CA PRO E 623 2.93 34.15 42.43
C PRO E 623 3.13 32.65 42.40
N HIS E 624 3.37 32.07 43.57
CA HIS E 624 3.70 30.65 43.67
C HIS E 624 2.42 29.85 43.52
N THR E 625 2.36 29.06 42.45
CA THR E 625 1.15 28.34 42.04
C THR E 625 1.58 27.12 41.25
N ASP E 626 0.63 26.21 41.04
CA ASP E 626 0.91 25.03 40.23
C ASP E 626 1.33 25.42 38.81
N GLY E 627 0.68 26.40 38.22
CA GLY E 627 1.00 26.74 36.85
C GLY E 627 0.79 28.21 36.53
N ASN E 628 1.50 28.64 35.50
CA ASN E 628 1.43 29.98 34.97
C ASN E 628 1.93 29.95 33.53
N PHE E 629 1.61 31.00 32.79
CA PHE E 629 1.96 31.06 31.38
C PHE E 629 2.62 32.40 31.07
N HIS E 630 3.83 32.35 30.53
CA HIS E 630 4.58 33.53 30.15
C HIS E 630 4.59 34.49 31.33
N PRO E 631 5.35 34.17 32.37
CA PRO E 631 5.16 34.82 33.67
C PRO E 631 5.40 36.32 33.70
N SER E 632 5.95 36.89 32.62
CA SER E 632 6.39 38.27 32.63
C SER E 632 5.27 39.19 33.14
N PRO E 633 5.52 39.95 34.20
CA PRO E 633 4.43 40.70 34.84
C PRO E 633 3.89 41.80 33.96
N LEU E 634 2.74 42.33 34.35
CA LEU E 634 2.08 43.38 33.60
C LEU E 634 2.46 44.76 34.10
N VAL F 221 39.12 28.48 -16.41
CA VAL F 221 38.16 28.41 -17.49
C VAL F 221 37.82 26.96 -17.81
N GLY F 222 38.81 26.22 -18.28
CA GLY F 222 38.60 24.86 -18.71
C GLY F 222 38.62 23.82 -17.61
N SER F 223 38.47 24.21 -16.36
CA SER F 223 38.43 23.25 -15.25
C SER F 223 37.11 23.39 -14.50
N SER F 224 36.30 22.34 -14.57
CA SER F 224 34.98 22.33 -13.94
C SER F 224 35.12 22.48 -12.43
N SER F 225 34.31 23.37 -11.86
CA SER F 225 34.39 23.72 -10.45
C SER F 225 33.54 22.83 -9.55
N GLY F 226 32.89 21.81 -10.10
CA GLY F 226 32.10 20.89 -9.29
C GLY F 226 31.58 19.77 -10.15
N ASN F 227 30.74 18.92 -9.55
CA ASN F 227 30.13 17.80 -10.26
C ASN F 227 28.63 17.84 -10.07
N TRP F 228 27.95 16.80 -10.52
CA TRP F 228 26.49 16.73 -10.40
C TRP F 228 26.14 15.64 -9.41
N HIS F 229 25.45 16.00 -8.34
CA HIS F 229 25.05 15.00 -7.36
C HIS F 229 23.55 15.02 -7.11
N CYS F 230 22.89 13.89 -7.33
CA CYS F 230 21.46 13.81 -7.10
C CYS F 230 20.95 12.44 -6.67
N ASP F 231 21.26 12.02 -5.45
CA ASP F 231 20.77 10.73 -4.97
C ASP F 231 20.52 10.78 -3.48
N SER F 232 19.69 9.88 -3.00
CA SER F 232 19.38 9.81 -1.58
C SER F 232 19.87 8.48 -1.03
N GLN F 233 20.66 8.53 0.03
CA GLN F 233 21.19 7.33 0.64
C GLN F 233 20.40 7.04 1.90
N TRP F 234 20.01 5.79 2.09
CA TRP F 234 19.23 5.42 3.26
C TRP F 234 20.13 4.65 4.21
N LEU F 235 20.49 5.27 5.32
CA LEU F 235 21.41 4.68 6.27
C LEU F 235 20.73 4.72 7.63
N GLY F 236 20.35 3.55 8.15
CA GLY F 236 19.81 3.48 9.49
C GLY F 236 18.65 4.43 9.68
N ASP F 237 18.82 5.32 10.64
CA ASP F 237 17.82 6.32 10.99
C ASP F 237 18.02 7.65 10.28
N ARG F 238 18.96 7.76 9.34
CA ARG F 238 19.21 9.03 8.67
C ARG F 238 19.09 8.90 7.16
N VAL F 239 18.72 10.01 6.52
CA VAL F 239 18.57 10.10 5.08
C VAL F 239 19.45 11.23 4.58
N ILE F 240 20.07 11.05 3.42
CA ILE F 240 20.89 12.08 2.82
C ILE F 240 20.32 12.37 1.45
N THR F 241 19.74 13.55 1.29
CA THR F 241 19.08 13.91 0.03
C THR F 241 19.78 15.08 -0.61
N THR F 242 20.40 14.84 -1.76
CA THR F 242 21.14 15.85 -2.47
C THR F 242 20.30 16.28 -3.68
N SER F 243 20.27 17.56 -3.97
CA SER F 243 19.52 18.09 -5.09
C SER F 243 20.40 19.04 -5.89
N THR F 244 20.49 18.82 -7.20
CA THR F 244 21.28 19.67 -8.07
C THR F 244 20.48 20.10 -9.28
N ARG F 245 20.35 21.41 -9.47
CA ARG F 245 19.55 21.98 -10.55
C ARG F 245 20.38 23.00 -11.29
N THR F 246 19.90 23.42 -12.46
CA THR F 246 20.53 24.46 -13.26
C THR F 246 19.65 25.70 -13.24
N TRP F 247 20.26 26.87 -13.17
CA TRP F 247 19.54 28.12 -12.95
C TRP F 247 19.97 29.18 -13.96
N ALA F 248 19.14 30.20 -14.09
CA ALA F 248 19.44 31.34 -14.94
C ALA F 248 19.06 32.62 -14.22
N LEU F 249 20.04 33.48 -13.95
CA LEU F 249 19.79 34.69 -13.19
C LEU F 249 19.87 35.91 -14.11
N PRO F 250 18.77 36.61 -14.34
CA PRO F 250 18.83 37.86 -15.10
C PRO F 250 19.26 39.00 -14.20
N THR F 251 19.15 40.21 -14.73
CA THR F 251 19.47 41.42 -13.96
C THR F 251 18.20 42.19 -13.65
N TYR F 252 17.85 42.25 -12.37
CA TYR F 252 16.59 42.84 -11.94
C TYR F 252 16.78 44.31 -11.58
N ASN F 253 15.79 45.12 -11.94
CA ASN F 253 15.77 46.55 -11.65
C ASN F 253 16.96 47.29 -12.26
N ASN F 254 17.59 46.71 -13.27
CA ASN F 254 18.75 47.32 -13.93
C ASN F 254 19.75 47.85 -12.90
N HIS F 255 20.05 47.02 -11.90
CA HIS F 255 20.99 47.35 -10.84
C HIS F 255 20.53 48.52 -9.98
N LEU F 256 19.27 48.56 -9.57
CA LEU F 256 18.73 49.67 -8.79
C LEU F 256 17.88 49.18 -7.62
N TYR F 257 18.08 49.80 -6.46
CA TYR F 257 17.16 49.63 -5.35
C TYR F 257 16.02 50.62 -5.52
N LYS F 258 14.80 50.11 -5.69
CA LYS F 258 13.68 50.97 -5.98
C LYS F 258 12.58 50.79 -4.94
N GLN F 259 11.88 51.87 -4.66
CA GLN F 259 10.73 51.86 -3.77
C GLN F 259 9.48 51.40 -4.51
N ILE F 260 8.63 50.66 -3.80
CA ILE F 260 7.34 50.24 -4.33
C ILE F 260 6.27 50.48 -3.29
N SER F 261 5.03 50.59 -3.74
CA SER F 261 3.90 50.77 -2.84
C SER F 261 2.63 50.34 -3.56
N ASN F 262 1.52 50.45 -2.85
CA ASN F 262 0.24 50.00 -3.38
C ASN F 262 -0.22 50.91 -4.51
N SER F 263 0.13 52.19 -4.45
CA SER F 263 -0.33 53.16 -5.46
C SER F 263 0.16 52.78 -6.85
N THR F 264 1.22 51.97 -6.95
CA THR F 264 1.64 51.46 -8.25
C THR F 264 0.54 50.62 -8.89
N SER F 265 -0.13 49.78 -8.10
CA SER F 265 -1.32 49.08 -8.56
C SER F 265 -2.60 49.84 -8.22
N GLY F 266 -2.50 50.95 -7.48
CA GLY F 266 -3.64 51.76 -7.11
C GLY F 266 -4.11 51.58 -5.69
N GLY F 267 -3.81 50.44 -5.07
CA GLY F 267 -4.18 50.21 -3.68
C GLY F 267 -5.65 50.41 -3.40
N SER F 268 -6.51 49.72 -4.17
CA SER F 268 -7.95 49.92 -4.08
C SER F 268 -8.49 49.77 -2.66
N SER F 269 -7.78 49.06 -1.79
CA SER F 269 -8.24 48.78 -0.44
C SER F 269 -7.23 49.30 0.57
N ASN F 270 -7.66 49.42 1.82
CA ASN F 270 -6.73 49.69 2.91
C ASN F 270 -6.02 48.41 3.34
N ASP F 271 -6.73 47.29 3.29
CA ASP F 271 -6.16 46.02 3.74
C ASP F 271 -5.02 45.58 2.82
N ASN F 272 -4.96 46.12 1.61
CA ASN F 272 -3.99 45.75 0.60
C ASN F 272 -2.77 46.66 0.57
N ALA F 273 -2.69 47.62 1.49
CA ALA F 273 -1.61 48.60 1.47
C ALA F 273 -0.28 47.94 1.81
N TYR F 274 0.76 48.34 1.05
CA TYR F 274 2.10 47.86 1.33
C TYR F 274 3.10 48.92 0.88
N PHE F 275 4.17 49.04 1.66
CA PHE F 275 5.24 50.00 1.40
C PHE F 275 6.57 49.30 1.58
N GLY F 276 7.36 49.23 0.52
CA GLY F 276 8.58 48.47 0.60
C GLY F 276 9.51 48.76 -0.54
N TYR F 277 10.67 48.11 -0.49
CA TYR F 277 11.71 48.32 -1.47
C TYR F 277 11.92 47.02 -2.23
N SER F 278 12.36 47.14 -3.48
CA SER F 278 12.62 46.01 -4.33
C SER F 278 14.06 46.09 -4.83
N THR F 279 14.82 45.03 -4.61
CA THR F 279 16.26 45.05 -4.79
C THR F 279 16.65 44.19 -5.96
N PRO F 280 17.77 44.46 -6.61
CA PRO F 280 18.18 43.64 -7.76
C PRO F 280 18.58 42.22 -7.38
N TRP F 281 18.93 41.97 -6.13
CA TRP F 281 19.42 40.67 -5.71
C TRP F 281 18.35 39.60 -5.93
N GLY F 282 18.79 38.42 -6.34
CA GLY F 282 17.96 37.24 -6.34
C GLY F 282 18.31 36.34 -5.16
N TYR F 283 17.43 35.37 -4.90
CA TYR F 283 17.64 34.49 -3.76
C TYR F 283 17.17 33.09 -4.09
N PHE F 284 17.93 32.10 -3.64
CA PHE F 284 17.61 30.70 -3.89
C PHE F 284 16.59 30.20 -2.88
N ASP F 285 15.65 29.39 -3.35
CA ASP F 285 14.62 28.80 -2.50
C ASP F 285 14.62 27.30 -2.71
N PHE F 286 15.10 26.55 -1.73
CA PHE F 286 14.85 25.13 -1.62
C PHE F 286 13.78 24.79 -0.58
N ASN F 287 13.11 25.80 -0.04
CA ASN F 287 12.23 25.70 1.11
C ASN F 287 11.02 24.79 0.91
N ARG F 288 10.77 24.24 -0.28
CA ARG F 288 9.67 23.28 -0.45
C ARG F 288 10.22 21.86 -0.51
N PHE F 289 9.43 20.91 0.00
CA PHE F 289 9.92 19.54 0.11
C PHE F 289 10.34 18.93 -1.22
N HIS F 290 9.51 19.04 -2.26
CA HIS F 290 9.79 18.25 -3.45
C HIS F 290 11.08 18.64 -4.14
N CYS F 291 11.72 19.73 -3.72
CA CYS F 291 13.10 19.96 -4.14
C CYS F 291 13.96 18.75 -3.84
N HIS F 292 13.99 18.32 -2.59
CA HIS F 292 14.89 17.28 -2.12
C HIS F 292 14.39 15.86 -2.38
N PHE F 293 13.12 15.57 -2.15
CA PHE F 293 12.58 14.22 -2.17
C PHE F 293 11.88 13.90 -3.48
N SER F 294 12.41 12.93 -4.21
CA SER F 294 11.67 12.34 -5.31
C SER F 294 10.40 11.71 -4.78
N PRO F 295 9.36 11.60 -5.61
CA PRO F 295 8.11 11.00 -5.11
C PRO F 295 8.26 9.58 -4.63
N ARG F 296 9.29 8.86 -5.10
CA ARG F 296 9.54 7.53 -4.54
C ARG F 296 10.10 7.63 -3.13
N ASP F 297 11.20 8.36 -2.95
CA ASP F 297 11.75 8.57 -1.61
C ASP F 297 10.67 9.02 -0.65
N TRP F 298 9.81 9.94 -1.08
CA TRP F 298 8.75 10.40 -0.21
C TRP F 298 7.83 9.26 0.18
N GLN F 299 7.61 8.32 -0.72
CA GLN F 299 6.78 7.17 -0.37
C GLN F 299 7.47 6.33 0.69
N ARG F 300 8.72 5.97 0.43
CA ARG F 300 9.51 5.21 1.40
C ARG F 300 9.60 5.93 2.73
N LEU F 301 9.47 7.26 2.72
CA LEU F 301 9.50 8.02 3.96
C LEU F 301 8.16 7.99 4.68
N ILE F 302 7.07 8.23 3.97
CA ILE F 302 5.78 8.32 4.66
C ILE F 302 5.23 6.97 5.06
N ASN F 303 5.61 5.89 4.40
CA ASN F 303 5.09 4.59 4.75
C ASN F 303 5.74 3.99 5.99
N ASN F 304 7.05 4.03 6.08
CA ASN F 304 7.77 3.23 7.07
C ASN F 304 8.18 3.98 8.33
N ASN F 305 7.85 5.26 8.47
CA ASN F 305 8.44 6.04 9.55
C ASN F 305 7.40 6.90 10.26
N TRP F 306 7.61 7.11 11.56
CA TRP F 306 6.71 7.89 12.38
C TRP F 306 7.16 9.33 12.57
N GLY F 307 8.29 9.73 12.02
CA GLY F 307 8.67 11.12 12.15
C GLY F 307 10.05 11.36 11.59
N PHE F 308 10.32 12.63 11.30
CA PHE F 308 11.59 13.00 10.71
C PHE F 308 11.85 14.47 10.99
N ARG F 309 13.07 14.90 10.69
CA ARG F 309 13.48 16.28 10.93
C ARG F 309 14.84 16.55 10.34
N PRO F 310 15.10 17.77 9.86
CA PRO F 310 16.40 18.07 9.28
C PRO F 310 17.48 18.23 10.33
N LYS F 311 18.67 17.74 9.98
CA LYS F 311 19.85 17.90 10.82
C LYS F 311 20.87 18.84 10.19
N ARG F 312 21.41 18.50 9.04
CA ARG F 312 22.45 19.29 8.39
C ARG F 312 21.96 19.81 7.05
N LEU F 313 22.58 20.90 6.62
CA LEU F 313 22.31 21.54 5.36
C LEU F 313 23.66 21.88 4.74
N ASN F 314 23.86 21.45 3.50
CA ASN F 314 25.14 21.64 2.86
C ASN F 314 24.88 22.13 1.45
N PHE F 315 25.36 23.33 1.14
CA PHE F 315 24.98 24.04 -0.06
C PHE F 315 26.23 24.37 -0.86
N LYS F 316 26.17 24.15 -2.17
CA LYS F 316 27.25 24.53 -3.08
C LYS F 316 26.65 25.23 -4.28
N LEU F 317 27.43 26.13 -4.85
CA LEU F 317 27.05 26.87 -6.04
C LEU F 317 28.28 26.97 -6.92
N PHE F 318 28.16 26.56 -8.19
CA PHE F 318 29.37 26.34 -8.96
C PHE F 318 29.07 26.32 -10.45
N ASN F 319 30.11 26.00 -11.23
CA ASN F 319 30.07 26.02 -12.69
C ASN F 319 29.44 27.30 -13.22
N ILE F 320 29.81 28.41 -12.61
CA ILE F 320 29.29 29.71 -13.02
C ILE F 320 29.57 29.94 -14.49
N GLN F 321 28.64 30.59 -15.18
CA GLN F 321 28.82 31.00 -16.56
C GLN F 321 28.17 32.37 -16.72
N VAL F 322 28.85 33.28 -17.40
CA VAL F 322 28.34 34.62 -17.64
C VAL F 322 28.20 34.84 -19.14
N LYS F 323 27.02 35.25 -19.57
CA LYS F 323 26.70 35.42 -20.99
C LYS F 323 26.18 36.83 -21.19
N GLU F 324 26.69 37.53 -22.19
CA GLU F 324 26.23 38.88 -22.48
C GLU F 324 25.29 38.85 -23.68
N VAL F 325 24.27 39.69 -23.66
CA VAL F 325 23.33 39.79 -24.76
C VAL F 325 23.38 41.21 -25.30
N THR F 326 23.90 41.35 -26.51
CA THR F 326 23.96 42.62 -27.21
C THR F 326 23.06 42.55 -28.42
N ASP F 327 21.93 43.24 -28.38
CA ASP F 327 20.93 43.19 -29.44
C ASP F 327 21.42 43.99 -30.65
N ASN F 328 21.43 43.33 -31.80
CA ASN F 328 21.80 43.98 -33.06
C ASN F 328 20.74 43.66 -34.09
N ASN F 329 20.04 44.69 -34.55
CA ASN F 329 18.93 44.61 -35.51
C ASN F 329 18.03 43.43 -35.12
N GLY F 330 17.78 42.46 -36.00
CA GLY F 330 16.78 41.45 -35.73
C GLY F 330 17.14 40.53 -34.58
N VAL F 331 18.28 39.86 -34.68
CA VAL F 331 18.62 38.76 -33.77
C VAL F 331 19.45 39.30 -32.62
N LYS F 332 19.22 38.75 -31.43
CA LYS F 332 20.10 39.03 -30.30
C LYS F 332 21.19 37.96 -30.22
N THR F 333 22.42 38.40 -29.98
CA THR F 333 23.58 37.52 -29.94
C THR F 333 24.02 37.37 -28.50
N ILE F 334 24.44 36.15 -28.14
CA ILE F 334 24.79 35.81 -26.77
C ILE F 334 26.19 35.20 -26.77
N ALA F 335 27.12 35.87 -26.11
CA ALA F 335 28.50 35.41 -26.01
C ALA F 335 28.97 35.42 -24.57
N ASN F 336 30.04 34.69 -24.32
CA ASN F 336 30.62 34.61 -22.98
C ASN F 336 31.13 35.96 -22.55
N ASN F 337 31.21 36.18 -21.24
CA ASN F 337 31.96 37.28 -20.67
C ASN F 337 32.86 36.68 -19.60
N LEU F 338 34.16 36.68 -19.85
CA LEU F 338 35.07 35.96 -18.98
C LEU F 338 35.40 36.70 -17.69
N THR F 339 35.58 38.01 -17.74
CA THR F 339 36.06 38.78 -16.60
C THR F 339 34.96 39.15 -15.62
N SER F 340 33.70 38.84 -15.92
CA SER F 340 32.61 39.28 -15.06
C SER F 340 32.49 38.41 -13.82
N THR F 341 31.93 38.99 -12.76
CA THR F 341 31.79 38.33 -11.48
C THR F 341 30.33 38.28 -11.07
N VAL F 342 30.05 37.41 -10.11
CA VAL F 342 28.71 37.22 -9.57
C VAL F 342 28.81 37.32 -8.05
N GLN F 343 28.18 38.34 -7.49
CA GLN F 343 28.26 38.61 -6.06
C GLN F 343 27.26 37.75 -5.31
N VAL F 344 27.75 36.99 -4.34
CA VAL F 344 26.91 36.13 -3.52
C VAL F 344 27.28 36.32 -2.05
N PHE F 345 26.26 36.37 -1.19
CA PHE F 345 26.47 36.39 0.24
C PHE F 345 25.26 35.78 0.91
N THR F 346 25.48 35.13 2.03
CA THR F 346 24.40 34.56 2.82
C THR F 346 24.35 35.25 4.18
N ASP F 347 23.14 35.58 4.61
CA ASP F 347 22.98 36.31 5.87
C ASP F 347 22.84 35.25 6.95
N SER F 348 23.92 35.06 7.70
CA SER F 348 23.93 34.11 8.80
C SER F 348 23.71 34.77 10.14
N ASP F 349 23.66 36.09 10.18
CA ASP F 349 23.23 36.81 11.37
C ASP F 349 21.77 37.21 11.30
N TYR F 350 21.13 36.99 10.16
CA TYR F 350 19.69 37.23 9.99
C TYR F 350 19.34 38.69 10.24
N GLN F 351 20.15 39.59 9.68
CA GLN F 351 19.93 41.02 9.82
C GLN F 351 19.05 41.61 8.74
N LEU F 352 18.80 40.87 7.69
CA LEU F 352 17.84 41.23 6.65
C LEU F 352 16.46 40.69 6.99
N PRO F 353 15.42 41.28 6.41
CA PRO F 353 14.10 40.62 6.44
C PRO F 353 14.17 39.25 5.79
N TYR F 354 13.30 38.36 6.23
CA TYR F 354 13.38 36.95 5.86
C TYR F 354 12.14 36.61 5.02
N VAL F 355 12.33 36.43 3.72
CA VAL F 355 11.23 36.20 2.80
C VAL F 355 11.05 34.73 2.45
N LEU F 356 11.88 33.84 2.97
CA LEU F 356 11.79 32.43 2.61
C LEU F 356 10.61 31.73 3.25
N GLY F 357 9.97 32.32 4.24
CA GLY F 357 9.04 31.56 5.04
C GLY F 357 7.57 31.75 4.75
N SER F 358 7.23 32.49 3.69
CA SER F 358 5.84 32.78 3.38
C SER F 358 5.24 31.85 2.33
N ALA F 359 5.96 30.82 1.92
CA ALA F 359 5.51 29.90 0.88
C ALA F 359 5.44 30.58 -0.48
N HIS F 360 6.41 31.43 -0.78
CA HIS F 360 6.50 32.10 -2.07
C HIS F 360 6.94 31.15 -3.17
N GLU F 361 6.69 31.59 -4.40
CA GLU F 361 7.06 30.84 -5.59
C GLU F 361 8.57 30.93 -5.79
N GLY F 362 9.07 30.25 -6.82
CA GLY F 362 10.45 30.38 -7.20
C GLY F 362 11.38 29.35 -6.59
N CYS F 363 10.85 28.37 -5.87
CA CYS F 363 11.66 27.33 -5.28
C CYS F 363 12.27 26.46 -6.38
N LEU F 364 13.31 25.72 -6.01
CA LEU F 364 13.90 24.77 -6.94
C LEU F 364 12.80 23.86 -7.49
N PRO F 365 12.84 23.52 -8.78
CA PRO F 365 11.71 22.81 -9.38
C PRO F 365 11.72 21.36 -8.96
N PRO F 366 10.55 20.70 -8.98
CA PRO F 366 10.50 19.33 -8.45
C PRO F 366 11.28 18.34 -9.27
N PHE F 367 11.23 18.43 -10.56
CA PHE F 367 11.86 17.46 -11.42
C PHE F 367 13.28 17.89 -11.69
N PRO F 368 14.26 16.98 -11.69
CA PRO F 368 15.66 17.40 -11.70
C PRO F 368 16.12 18.01 -13.01
N ALA F 369 15.48 17.69 -14.13
CA ALA F 369 15.95 18.15 -15.42
C ALA F 369 15.51 19.56 -15.75
N ASP F 370 14.60 20.14 -14.99
CA ASP F 370 14.13 21.48 -15.29
C ASP F 370 15.23 22.50 -15.08
N VAL F 371 15.04 23.68 -15.68
CA VAL F 371 15.87 24.85 -15.40
C VAL F 371 14.97 25.93 -14.83
N PHE F 372 15.43 26.61 -13.79
CA PHE F 372 14.58 27.53 -13.07
C PHE F 372 15.23 28.89 -13.00
N MET F 373 14.44 29.88 -12.61
CA MET F 373 14.81 31.28 -12.64
C MET F 373 14.79 31.86 -11.24
N ILE F 374 15.90 32.45 -10.83
CA ILE F 374 16.04 32.94 -9.46
C ILE F 374 15.05 34.08 -9.25
N PRO F 375 14.23 34.04 -8.21
CA PRO F 375 13.26 35.11 -7.99
C PRO F 375 13.93 36.37 -7.44
N GLN F 376 13.37 37.50 -7.82
CA GLN F 376 13.89 38.79 -7.37
C GLN F 376 13.62 38.96 -5.88
N TYR F 377 14.55 39.62 -5.19
CA TYR F 377 14.43 39.84 -3.75
C TYR F 377 13.92 41.24 -3.47
N GLY F 378 12.87 41.33 -2.67
CA GLY F 378 12.35 42.60 -2.22
C GLY F 378 11.71 42.41 -0.87
N TYR F 379 11.57 43.51 -0.13
CA TYR F 379 11.05 43.40 1.21
C TYR F 379 10.08 44.54 1.48
N LEU F 380 9.36 44.41 2.59
CA LEU F 380 8.37 45.39 3.00
C LEU F 380 8.74 45.95 4.37
N THR F 381 8.13 47.07 4.72
CA THR F 381 8.35 47.67 6.02
C THR F 381 7.10 48.42 6.48
N LEU F 382 7.22 49.19 7.56
CA LEU F 382 6.05 49.84 8.15
C LEU F 382 5.41 50.80 7.17
N ASN F 383 4.08 50.88 7.22
CA ASN F 383 3.34 51.74 6.33
C ASN F 383 2.03 52.18 6.97
N ASP F 384 1.61 53.39 6.62
CA ASP F 384 0.26 53.87 6.84
C ASP F 384 -0.30 54.21 5.46
N GLY F 385 -1.26 53.42 5.00
CA GLY F 385 -1.62 53.52 3.59
C GLY F 385 -0.39 53.21 2.76
N SER F 386 -0.08 54.09 1.82
CA SER F 386 1.17 53.99 1.08
C SER F 386 2.31 54.80 1.68
N GLN F 387 2.02 55.65 2.66
CA GLN F 387 3.04 56.50 3.26
C GLN F 387 3.87 55.72 4.26
N ALA F 388 5.10 56.21 4.48
CA ALA F 388 6.02 55.60 5.42
C ALA F 388 5.84 56.22 6.80
N VAL F 389 6.60 55.71 7.76
CA VAL F 389 6.69 56.30 9.08
C VAL F 389 8.17 56.42 9.44
N GLY F 390 8.45 57.26 10.42
CA GLY F 390 9.83 57.55 10.80
C GLY F 390 10.63 56.32 11.17
N ARG F 391 9.96 55.22 11.52
CA ARG F 391 10.64 54.01 11.93
C ARG F 391 10.97 53.08 10.77
N SER F 392 10.38 53.32 9.60
CA SER F 392 10.60 52.42 8.46
C SER F 392 12.10 52.26 8.19
N SER F 393 12.53 51.01 8.08
CA SER F 393 13.93 50.70 7.89
C SER F 393 14.20 50.36 6.43
N PHE F 394 15.26 50.94 5.88
CA PHE F 394 15.72 50.69 4.52
C PHE F 394 17.05 49.96 4.57
N TYR F 395 17.07 48.72 4.13
CA TYR F 395 18.27 47.90 4.15
C TYR F 395 18.88 47.86 2.75
N CYS F 396 20.13 48.25 2.65
CA CYS F 396 20.88 48.15 1.41
C CYS F 396 21.80 46.94 1.49
N LEU F 397 21.52 45.94 0.67
CA LEU F 397 22.29 44.70 0.72
C LEU F 397 23.75 44.89 0.35
N GLU F 398 24.07 45.96 -0.40
CA GLU F 398 25.46 46.25 -0.74
C GLU F 398 26.31 46.56 0.48
N TYR F 399 25.68 46.78 1.64
CA TYR F 399 26.34 47.14 2.89
C TYR F 399 26.98 45.93 3.59
N PHE F 400 26.60 44.70 3.21
CA PHE F 400 27.08 43.42 3.69
C PHE F 400 28.30 42.96 2.89
N PRO F 401 29.27 42.31 3.53
CA PRO F 401 30.37 41.70 2.78
C PRO F 401 29.90 40.49 2.00
N SER F 402 30.34 40.40 0.75
CA SER F 402 29.90 39.36 -0.16
C SER F 402 31.10 38.77 -0.87
N GLN F 403 30.89 37.61 -1.49
CA GLN F 403 31.92 36.94 -2.26
C GLN F 403 31.62 37.05 -3.74
N MET F 404 32.67 37.15 -4.56
CA MET F 404 32.55 37.42 -5.98
C MET F 404 33.24 36.31 -6.76
N LEU F 405 32.54 35.79 -7.77
CA LEU F 405 32.91 34.54 -8.43
C LEU F 405 33.07 34.76 -9.92
N ARG F 406 34.21 34.34 -10.47
CA ARG F 406 34.34 34.22 -11.91
C ARG F 406 34.16 32.75 -12.31
N THR F 407 34.21 32.49 -13.63
CA THR F 407 33.80 31.19 -14.14
C THR F 407 34.58 30.02 -13.54
N GLY F 408 35.74 30.28 -12.94
CA GLY F 408 36.49 29.21 -12.32
C GLY F 408 36.26 29.04 -10.84
N ASN F 409 35.74 30.07 -10.19
CA ASN F 409 35.47 30.02 -8.76
C ASN F 409 34.14 29.34 -8.47
N ASN F 410 34.04 28.77 -7.26
CA ASN F 410 32.83 28.14 -6.78
C ASN F 410 32.57 28.56 -5.34
N PHE F 411 31.35 28.33 -4.87
CA PHE F 411 30.90 28.82 -3.58
C PHE F 411 30.21 27.70 -2.82
N GLN F 412 30.56 27.57 -1.55
CA GLN F 412 29.98 26.52 -0.72
C GLN F 412 29.90 27.00 0.73
N PHE F 413 28.83 26.60 1.40
CA PHE F 413 28.78 26.72 2.85
C PHE F 413 27.96 25.57 3.38
N SER F 414 28.09 25.32 4.68
CA SER F 414 27.39 24.24 5.35
C SER F 414 26.66 24.78 6.57
N TYR F 415 25.52 24.17 6.87
CA TYR F 415 24.66 24.64 7.93
C TYR F 415 24.32 23.47 8.85
N GLU F 416 23.90 23.81 10.07
CA GLU F 416 23.49 22.85 11.08
C GLU F 416 22.17 23.33 11.68
N PHE F 417 21.10 22.58 11.45
CA PHE F 417 19.79 22.99 11.92
C PHE F 417 19.74 23.03 13.44
N GLU F 418 19.04 24.01 13.98
CA GLU F 418 18.85 23.99 15.42
C GLU F 418 17.85 22.91 15.79
N ASN F 419 17.89 22.51 17.05
CA ASN F 419 17.05 21.42 17.51
C ASN F 419 15.58 21.72 17.29
N VAL F 420 14.90 20.82 16.59
CA VAL F 420 13.46 20.92 16.36
C VAL F 420 12.84 19.58 16.71
N PRO F 421 11.62 19.59 17.24
CA PRO F 421 10.96 18.32 17.52
C PRO F 421 10.62 17.61 16.23
N PHE F 422 10.55 16.28 16.32
CA PHE F 422 10.17 15.49 15.16
C PHE F 422 8.84 15.95 14.62
N HIS F 423 8.72 15.96 13.30
CA HIS F 423 7.40 16.08 12.72
C HIS F 423 6.73 14.73 12.76
N SER F 424 5.56 14.67 13.37
CA SER F 424 4.93 13.40 13.67
C SER F 424 4.06 13.00 12.50
N SER F 425 4.48 11.99 11.77
CA SER F 425 3.73 11.50 10.63
C SER F 425 3.06 10.20 11.07
N TYR F 426 1.77 10.31 11.35
CA TYR F 426 0.92 9.19 11.73
C TYR F 426 -0.46 9.71 12.08
N ALA F 427 -1.45 8.84 12.02
CA ALA F 427 -2.80 9.21 12.40
C ALA F 427 -3.25 8.29 13.51
N HIS F 428 -3.75 8.89 14.57
CA HIS F 428 -4.07 8.12 15.76
C HIS F 428 -5.12 7.06 15.45
N SER F 429 -4.96 5.89 16.05
CA SER F 429 -5.94 4.84 15.92
C SER F 429 -6.97 4.91 17.02
N GLN F 430 -6.92 5.92 17.87
CA GLN F 430 -7.93 6.15 18.89
C GLN F 430 -8.35 7.60 18.85
N SER F 431 -9.63 7.83 19.12
CA SER F 431 -10.15 9.19 19.19
C SER F 431 -10.13 9.65 20.63
N LEU F 432 -9.88 10.94 20.81
CA LEU F 432 -9.61 11.51 22.13
C LEU F 432 -10.66 11.11 23.15
N ASP F 433 -11.89 10.88 22.71
CA ASP F 433 -12.97 10.56 23.62
C ASP F 433 -13.17 9.07 23.84
N ARG F 434 -12.48 8.22 23.07
CA ARG F 434 -12.58 6.77 23.21
C ARG F 434 -11.47 6.14 24.03
N LEU F 435 -10.64 6.93 24.69
CA LEU F 435 -9.50 6.39 25.44
C LEU F 435 -9.89 5.33 26.45
N MET F 436 -11.15 5.25 26.85
CA MET F 436 -11.60 4.47 27.99
C MET F 436 -11.50 2.96 27.76
N ASN F 437 -11.59 2.23 28.86
CA ASN F 437 -11.82 0.79 28.84
C ASN F 437 -13.30 0.52 28.64
N PRO F 438 -13.70 -0.19 27.59
CA PRO F 438 -15.13 -0.36 27.30
C PRO F 438 -15.85 -1.29 28.25
N LEU F 439 -15.16 -2.11 29.03
CA LEU F 439 -15.83 -3.12 29.83
C LEU F 439 -16.08 -2.70 31.28
N ILE F 440 -15.53 -1.59 31.74
CA ILE F 440 -15.52 -1.27 33.16
C ILE F 440 -16.16 0.09 33.39
N ASP F 441 -17.04 0.14 34.38
CA ASP F 441 -17.67 1.40 34.77
C ASP F 441 -16.68 2.26 35.55
N GLN F 442 -16.82 3.57 35.41
CA GLN F 442 -16.07 4.46 36.26
C GLN F 442 -16.71 4.54 37.64
N TYR F 443 -15.90 4.93 38.62
CA TYR F 443 -16.45 5.18 39.94
C TYR F 443 -16.93 6.62 40.12
N LEU F 444 -16.83 7.45 39.10
CA LEU F 444 -17.43 8.77 39.16
C LEU F 444 -18.91 8.69 38.83
N TYR F 445 -19.66 9.68 39.30
CA TYR F 445 -21.08 9.79 39.05
C TYR F 445 -21.40 11.09 38.32
N TYR F 446 -22.48 11.07 37.54
CA TYR F 446 -22.95 12.24 36.84
C TYR F 446 -24.44 12.38 37.09
N LEU F 447 -24.99 13.53 36.72
CA LEU F 447 -26.38 13.86 37.04
C LEU F 447 -27.27 13.40 35.88
N SER F 448 -28.02 12.33 36.10
CA SER F 448 -28.81 11.75 35.02
C SER F 448 -30.15 12.44 34.79
N LYS F 449 -30.94 12.63 35.85
CA LYS F 449 -32.28 13.20 35.73
C LYS F 449 -32.39 14.41 36.64
N THR F 450 -32.94 15.48 36.12
CA THR F 450 -33.28 16.63 36.95
C THR F 450 -34.76 16.69 37.34
N ILE F 451 -35.60 15.80 36.83
CA ILE F 451 -36.98 15.69 37.27
C ILE F 451 -37.35 14.22 37.29
N ASN F 452 -38.21 13.85 38.24
CA ASN F 452 -38.78 12.51 38.23
C ASN F 452 -39.80 12.36 37.11
N GLY F 453 -40.78 13.25 37.06
CA GLY F 453 -41.84 13.14 36.07
C GLY F 453 -42.59 14.44 35.94
N SER F 454 -43.50 14.46 34.98
CA SER F 454 -44.25 15.67 34.65
C SER F 454 -45.06 16.15 35.84
N GLY F 455 -44.98 17.44 36.12
CA GLY F 455 -45.83 18.06 37.11
C GLY F 455 -45.13 19.25 37.74
N GLN F 456 -45.85 19.91 38.63
CA GLN F 456 -45.30 20.97 39.45
C GLN F 456 -44.49 20.37 40.59
N ASN F 457 -43.39 21.04 40.93
CA ASN F 457 -42.64 20.73 42.15
C ASN F 457 -42.01 19.34 42.09
N GLN F 458 -41.74 18.87 40.86
CA GLN F 458 -41.26 17.52 40.60
C GLN F 458 -39.75 17.42 40.46
N GLN F 459 -39.01 18.50 40.68
CA GLN F 459 -37.56 18.47 40.51
C GLN F 459 -36.93 17.40 41.39
N THR F 460 -35.84 16.81 40.90
CA THR F 460 -35.05 15.84 41.67
C THR F 460 -33.63 15.89 41.15
N LEU F 461 -32.71 15.36 41.94
CA LEU F 461 -31.32 15.18 41.50
C LEU F 461 -30.97 13.70 41.60
N LYS F 462 -30.80 13.07 40.45
CA LYS F 462 -30.52 11.64 40.36
C LYS F 462 -29.18 11.42 39.67
N PHE F 463 -28.33 10.63 40.30
CA PHE F 463 -26.99 10.38 39.81
C PHE F 463 -26.87 8.94 39.35
N SER F 464 -26.00 8.71 38.36
CA SER F 464 -25.80 7.38 37.82
C SER F 464 -24.31 7.11 37.66
N VAL F 465 -23.98 5.85 37.44
CA VAL F 465 -22.59 5.46 37.24
C VAL F 465 -22.23 5.65 35.78
N ALA F 466 -21.09 6.30 35.54
CA ALA F 466 -20.60 6.45 34.18
C ALA F 466 -20.12 5.10 33.66
N GLY F 467 -20.70 4.66 32.55
CA GLY F 467 -20.38 3.37 31.99
C GLY F 467 -20.66 3.29 30.51
N PRO F 468 -20.48 2.12 29.93
CA PRO F 468 -20.68 1.99 28.48
C PRO F 468 -22.08 2.34 28.01
N SER F 469 -23.11 2.12 28.84
CA SER F 469 -24.47 2.35 28.39
C SER F 469 -24.69 3.81 28.00
N ASN F 470 -24.28 4.74 28.88
CA ASN F 470 -24.12 6.14 28.51
C ASN F 470 -22.64 6.44 28.58
N MET F 471 -22.00 6.45 27.41
CA MET F 471 -20.55 6.55 27.37
C MET F 471 -20.06 7.99 27.39
N ALA F 472 -20.77 8.87 26.69
CA ALA F 472 -20.21 10.17 26.35
C ALA F 472 -20.10 11.07 27.58
N VAL F 473 -20.74 10.69 28.69
CA VAL F 473 -20.81 11.59 29.83
C VAL F 473 -19.72 11.28 30.84
N GLN F 474 -18.83 10.35 30.53
CA GLN F 474 -17.78 10.00 31.49
C GLN F 474 -16.87 11.18 31.75
N GLY F 475 -16.18 11.18 32.89
CA GLY F 475 -15.13 12.15 33.11
C GLY F 475 -13.87 11.76 32.36
N ARG F 476 -13.18 12.76 31.82
CA ARG F 476 -11.98 12.51 31.03
C ARG F 476 -10.84 13.40 31.48
N ASN F 477 -9.63 12.98 31.14
CA ASN F 477 -8.41 13.65 31.48
C ASN F 477 -8.09 14.85 30.60
N TYR F 478 -8.31 14.77 29.29
CA TYR F 478 -7.84 15.80 28.39
C TYR F 478 -8.92 16.14 27.36
N ILE F 479 -8.77 17.31 26.74
CA ILE F 479 -9.81 17.87 25.89
C ILE F 479 -9.20 18.26 24.55
N PRO F 480 -10.00 18.29 23.49
CA PRO F 480 -9.46 18.57 22.16
C PRO F 480 -8.84 19.95 22.05
N GLY F 481 -8.00 20.10 21.03
CA GLY F 481 -7.27 21.32 20.81
C GLY F 481 -8.13 22.49 20.39
N PRO F 482 -7.52 23.66 20.28
CA PRO F 482 -8.29 24.89 20.07
C PRO F 482 -8.97 24.90 18.72
N SER F 483 -9.94 25.80 18.59
CA SER F 483 -10.67 25.96 17.33
C SER F 483 -10.98 27.42 17.10
N TYR F 484 -10.85 27.84 15.85
CA TYR F 484 -11.28 29.16 15.40
C TYR F 484 -12.11 28.91 14.14
N ARG F 485 -13.42 29.08 14.21
CA ARG F 485 -14.29 28.44 13.22
C ARG F 485 -14.07 29.02 11.83
N GLN F 486 -14.13 28.16 10.82
CA GLN F 486 -14.12 28.54 9.42
C GLN F 486 -15.50 28.29 8.80
N GLN F 487 -15.84 29.07 7.79
CA GLN F 487 -17.04 28.78 7.02
C GLN F 487 -16.82 27.50 6.22
N ARG F 488 -17.90 26.84 5.82
CA ARG F 488 -17.78 25.61 5.03
C ARG F 488 -18.38 25.80 3.66
N VAL F 489 -17.67 25.32 2.65
CA VAL F 489 -18.05 25.47 1.25
C VAL F 489 -18.15 24.07 0.67
N SER F 490 -19.09 23.87 -0.24
CA SER F 490 -19.32 22.54 -0.79
C SER F 490 -18.72 22.42 -2.17
N THR F 491 -17.88 21.40 -2.36
CA THR F 491 -17.38 21.08 -3.69
C THR F 491 -18.52 21.00 -4.70
N THR F 492 -19.63 20.42 -4.29
CA THR F 492 -20.85 20.51 -5.08
C THR F 492 -21.37 21.93 -5.05
N VAL F 493 -21.61 22.51 -6.22
CA VAL F 493 -21.91 23.93 -6.28
C VAL F 493 -23.34 24.21 -5.86
N THR F 494 -24.26 23.30 -6.18
CA THR F 494 -25.68 23.60 -6.00
C THR F 494 -26.06 23.64 -4.52
N GLN F 495 -25.13 23.31 -3.62
CA GLN F 495 -25.46 23.29 -2.21
C GLN F 495 -25.13 24.62 -1.53
N ASN F 496 -24.78 25.62 -2.34
CA ASN F 496 -24.43 26.94 -1.81
C ASN F 496 -25.40 28.05 -2.26
N ASN F 497 -25.66 29.01 -1.37
CA ASN F 497 -26.57 30.11 -1.69
C ASN F 497 -25.96 31.04 -2.73
N ASN F 498 -26.81 31.74 -3.48
CA ASN F 498 -26.34 32.64 -4.53
C ASN F 498 -25.94 33.99 -3.99
N SER F 499 -24.80 34.03 -3.30
CA SER F 499 -24.30 35.27 -2.77
C SER F 499 -22.79 35.21 -2.81
N GLU F 500 -22.13 36.36 -2.84
CA GLU F 500 -20.68 36.35 -2.84
C GLU F 500 -20.33 36.36 -1.37
N PHE F 501 -19.63 35.32 -0.92
CA PHE F 501 -19.28 35.21 0.48
C PHE F 501 -17.82 34.85 0.71
N ALA F 502 -17.04 34.86 -0.37
CA ALA F 502 -15.63 34.56 -0.28
C ALA F 502 -14.93 35.51 0.68
N TRP F 503 -14.87 36.78 0.36
CA TRP F 503 -14.32 37.70 1.34
C TRP F 503 -15.24 37.93 2.54
N PRO F 504 -16.51 38.30 2.35
CA PRO F 504 -17.31 38.75 3.50
C PRO F 504 -17.49 37.70 4.58
N GLY F 505 -17.69 36.43 4.23
CA GLY F 505 -18.00 35.43 5.23
C GLY F 505 -16.81 34.65 5.72
N ALA F 506 -15.60 35.17 5.50
CA ALA F 506 -14.39 34.44 5.81
C ALA F 506 -13.84 34.84 7.17
N SER F 507 -13.40 33.83 7.93
CA SER F 507 -12.82 34.10 9.22
C SER F 507 -11.47 34.77 9.04
N SER F 508 -11.32 35.94 9.66
CA SER F 508 -10.14 36.75 9.44
C SER F 508 -9.76 37.44 10.73
N TRP F 509 -8.49 37.83 10.82
CA TRP F 509 -7.99 38.56 11.97
C TRP F 509 -7.61 39.97 11.54
N ALA F 510 -7.62 40.88 12.51
CA ALA F 510 -7.43 42.29 12.27
C ALA F 510 -6.17 42.77 12.95
N LEU F 511 -5.36 43.54 12.22
CA LEU F 511 -4.13 44.09 12.75
C LEU F 511 -3.97 45.52 12.30
N ASN F 512 -3.86 46.44 13.25
CA ASN F 512 -3.60 47.86 13.00
C ASN F 512 -4.48 48.40 11.88
N GLY F 513 -5.78 48.15 11.99
CA GLY F 513 -6.74 48.69 11.06
C GLY F 513 -6.88 47.94 9.75
N ARG F 514 -6.07 46.91 9.52
CA ARG F 514 -6.17 46.09 8.32
C ARG F 514 -6.73 44.72 8.66
N ASN F 515 -7.64 44.25 7.81
CA ASN F 515 -8.20 42.91 7.91
C ASN F 515 -7.35 41.94 7.11
N SER F 516 -6.81 40.93 7.78
CA SER F 516 -6.01 39.90 7.14
C SER F 516 -6.76 38.59 7.20
N LEU F 517 -6.95 37.97 6.04
CA LEU F 517 -7.63 36.68 6.00
C LEU F 517 -6.86 35.68 6.84
N MET F 518 -7.59 34.79 7.53
CA MET F 518 -6.97 33.77 8.37
C MET F 518 -6.74 32.56 7.48
N ASN F 519 -5.48 32.33 7.14
CA ASN F 519 -5.15 31.19 6.30
C ASN F 519 -3.84 30.56 6.71
N PRO F 520 -3.83 29.23 6.83
CA PRO F 520 -4.99 28.38 7.07
C PRO F 520 -5.52 28.48 8.50
N GLY F 521 -4.73 29.01 9.43
CA GLY F 521 -5.15 29.12 10.80
C GLY F 521 -4.67 27.95 11.62
N PRO F 522 -5.27 27.74 12.79
CA PRO F 522 -4.89 26.57 13.60
C PRO F 522 -5.18 25.29 12.86
N ALA F 523 -4.56 24.21 13.32
CA ALA F 523 -4.80 22.91 12.72
C ALA F 523 -6.11 22.35 13.22
N MET F 524 -7.05 22.14 12.31
CA MET F 524 -8.36 21.63 12.62
C MET F 524 -8.82 20.74 11.48
N ALA F 525 -9.45 19.63 11.81
CA ALA F 525 -9.93 18.72 10.80
C ALA F 525 -10.88 19.42 9.86
N SER F 526 -10.86 19.03 8.59
CA SER F 526 -11.60 19.79 7.58
C SER F 526 -13.08 19.45 7.61
N HIS F 527 -13.43 18.22 7.95
CA HIS F 527 -14.79 17.78 7.75
C HIS F 527 -15.11 16.63 8.70
N LYS F 528 -16.40 16.51 9.01
CA LYS F 528 -16.84 15.38 9.80
C LYS F 528 -16.71 14.10 9.00
N GLU F 529 -16.53 12.98 9.69
CA GLU F 529 -16.35 11.69 9.02
C GLU F 529 -17.50 11.43 8.05
N GLY F 530 -17.14 11.06 6.83
CA GLY F 530 -18.11 10.78 5.80
C GLY F 530 -18.32 11.88 4.78
N GLU F 531 -17.98 13.13 5.12
CA GLU F 531 -18.19 14.25 4.22
C GLU F 531 -16.86 14.60 3.57
N ASP F 532 -16.71 14.23 2.31
CA ASP F 532 -15.53 14.63 1.55
C ASP F 532 -15.74 16.01 0.94
N ARG F 533 -16.99 16.37 0.64
CA ARG F 533 -17.22 17.55 -0.19
C ARG F 533 -16.91 18.83 0.57
N PHE F 534 -17.41 18.98 1.79
CA PHE F 534 -17.23 20.23 2.51
C PHE F 534 -15.75 20.43 2.86
N PHE F 535 -15.28 21.65 2.70
CA PHE F 535 -13.93 22.01 3.11
C PHE F 535 -13.99 23.38 3.76
N PRO F 536 -13.17 23.64 4.75
CA PRO F 536 -13.17 24.98 5.35
C PRO F 536 -12.68 25.99 4.32
N LEU F 537 -13.29 27.17 4.35
CA LEU F 537 -13.10 28.16 3.31
C LEU F 537 -11.62 28.53 3.16
N SER F 538 -11.07 29.19 4.17
CA SER F 538 -9.67 29.60 4.17
C SER F 538 -8.76 28.65 4.93
N GLY F 539 -9.28 27.54 5.41
CA GLY F 539 -8.49 26.74 6.34
C GLY F 539 -7.84 25.50 5.78
N SER F 540 -7.68 25.39 4.46
CA SER F 540 -7.04 24.23 3.88
C SER F 540 -6.09 24.65 2.78
N LEU F 541 -4.84 24.23 2.91
CA LEU F 541 -3.84 24.53 1.89
C LEU F 541 -4.34 24.01 0.56
N ILE F 542 -4.38 24.89 -0.44
CA ILE F 542 -4.82 24.54 -1.78
C ILE F 542 -3.63 24.70 -2.72
N PHE F 543 -3.37 23.67 -3.51
CA PHE F 543 -2.27 23.68 -4.47
C PHE F 543 -2.83 23.65 -5.88
N GLY F 544 -2.05 24.17 -6.82
CA GLY F 544 -2.42 24.17 -8.23
C GLY F 544 -1.99 22.90 -8.93
N LYS F 545 -2.83 22.44 -9.86
CA LYS F 545 -2.41 21.39 -10.76
C LYS F 545 -1.50 21.96 -11.85
N GLN F 546 -0.79 21.06 -12.52
CA GLN F 546 0.15 21.47 -13.55
C GLN F 546 -0.56 22.20 -14.68
N GLY F 547 -0.07 23.40 -14.99
CA GLY F 547 -0.64 24.19 -16.05
C GLY F 547 -1.89 24.96 -15.69
N THR F 548 -2.05 25.34 -14.43
CA THR F 548 -3.25 26.07 -14.02
C THR F 548 -3.00 27.56 -14.05
N GLY F 549 -3.95 28.30 -14.61
CA GLY F 549 -3.80 29.74 -14.73
C GLY F 549 -3.75 30.42 -13.39
N ARG F 550 -3.46 31.73 -13.42
CA ARG F 550 -3.30 32.46 -12.17
C ARG F 550 -4.63 32.90 -11.59
N ASP F 551 -5.57 33.30 -12.43
CA ASP F 551 -6.75 34.04 -11.99
C ASP F 551 -8.03 33.29 -12.27
N ASN F 552 -8.83 33.07 -11.22
CA ASN F 552 -10.19 32.57 -11.34
C ASN F 552 -10.26 31.29 -12.16
N VAL F 553 -9.48 30.29 -11.76
CA VAL F 553 -9.59 28.97 -12.35
C VAL F 553 -10.66 28.17 -11.64
N ASP F 554 -11.32 27.28 -12.39
CA ASP F 554 -12.44 26.51 -11.87
C ASP F 554 -11.99 25.46 -10.86
N ALA F 555 -12.95 24.97 -10.09
CA ALA F 555 -12.64 24.25 -8.85
C ALA F 555 -11.92 22.94 -9.10
N ASP F 556 -11.94 22.42 -10.33
CA ASP F 556 -11.24 21.17 -10.58
C ASP F 556 -9.83 21.40 -11.12
N LYS F 557 -9.40 22.66 -11.19
CA LYS F 557 -8.04 22.95 -11.64
C LYS F 557 -7.06 23.01 -10.48
N VAL F 558 -7.56 22.97 -9.25
CA VAL F 558 -6.71 23.12 -8.07
C VAL F 558 -6.82 21.88 -7.21
N MET F 559 -5.81 21.66 -6.37
CA MET F 559 -5.81 20.53 -5.46
C MET F 559 -6.08 21.03 -4.05
N ILE F 560 -7.08 20.45 -3.40
CA ILE F 560 -7.41 20.84 -2.04
C ILE F 560 -6.91 19.75 -1.12
N THR F 561 -6.36 20.14 0.03
CA THR F 561 -5.85 19.16 0.97
C THR F 561 -6.78 19.11 2.17
N ASN F 562 -7.19 17.91 2.56
CA ASN F 562 -8.12 17.74 3.67
C ASN F 562 -7.44 17.13 4.89
N GLU F 563 -7.72 17.71 6.05
CA GLU F 563 -7.16 17.22 7.30
C GLU F 563 -7.98 16.08 7.90
N GLU F 564 -8.01 14.94 7.24
CA GLU F 564 -8.73 13.79 7.76
C GLU F 564 -8.12 13.19 9.03
N GLU F 565 -6.79 13.16 9.09
CA GLU F 565 -6.07 12.58 10.21
C GLU F 565 -6.24 13.27 11.56
N ILE F 566 -6.32 14.59 11.57
CA ILE F 566 -6.42 15.36 12.80
C ILE F 566 -7.76 15.33 13.54
N LYS F 567 -8.79 14.74 12.95
CA LYS F 567 -10.10 14.72 13.61
C LYS F 567 -10.08 14.04 14.97
N THR F 568 -9.31 12.97 15.14
CA THR F 568 -9.25 12.29 16.43
C THR F 568 -8.90 13.23 17.58
N THR F 569 -7.80 13.99 17.48
CA THR F 569 -7.45 14.92 18.54
C THR F 569 -7.81 16.36 18.26
N ASN F 570 -8.31 16.70 17.08
CA ASN F 570 -8.57 18.10 16.79
C ASN F 570 -10.01 18.32 16.37
N PRO F 571 -10.58 19.48 16.66
CA PRO F 571 -11.98 19.72 16.31
C PRO F 571 -12.14 19.95 14.82
N VAL F 572 -13.36 19.73 14.35
CA VAL F 572 -13.69 20.01 12.96
C VAL F 572 -13.72 21.52 12.75
N ALA F 573 -13.08 21.99 11.68
CA ALA F 573 -12.89 23.43 11.52
C ALA F 573 -14.18 24.14 11.20
N THR F 574 -15.17 23.45 10.65
CA THR F 574 -16.42 24.06 10.26
C THR F 574 -17.50 23.92 11.32
N GLU F 575 -17.16 23.36 12.48
CA GLU F 575 -18.10 23.06 13.54
C GLU F 575 -17.73 23.82 14.80
N SER F 576 -18.69 23.94 15.71
CA SER F 576 -18.44 24.65 16.95
C SER F 576 -17.41 23.90 17.79
N TYR F 577 -16.81 24.61 18.73
CA TYR F 577 -15.97 23.92 19.70
C TYR F 577 -16.82 23.16 20.70
N GLY F 578 -17.98 23.69 21.06
CA GLY F 578 -18.80 23.10 22.10
C GLY F 578 -19.89 24.05 22.53
N GLN F 579 -20.34 23.90 23.78
CA GLN F 579 -21.30 24.81 24.37
C GLN F 579 -20.88 25.16 25.78
N VAL F 580 -21.39 26.29 26.28
CA VAL F 580 -21.24 26.68 27.68
C VAL F 580 -22.55 27.28 28.15
N ALA F 581 -22.68 27.39 29.46
CA ALA F 581 -23.91 27.91 30.07
C ALA F 581 -23.91 29.43 30.03
N THR F 582 -25.00 30.01 29.57
CA THR F 582 -25.09 31.46 29.45
C THR F 582 -25.81 32.14 30.61
N ASN F 583 -26.30 31.38 31.59
CA ASN F 583 -27.01 31.99 32.70
C ASN F 583 -27.15 30.98 33.84
N HIS F 584 -27.73 31.44 34.94
CA HIS F 584 -28.00 30.60 36.10
C HIS F 584 -29.43 30.08 35.98
N GLN F 585 -29.62 28.79 36.18
CA GLN F 585 -30.96 28.25 36.22
C GLN F 585 -31.62 28.55 37.56
N SER F 586 -32.94 28.49 37.55
CA SER F 586 -33.76 28.55 38.76
C SER F 586 -35.17 28.19 38.35
N ALA F 587 -36.09 28.23 39.33
CA ALA F 587 -37.49 27.99 38.98
C ALA F 587 -37.99 29.01 37.97
N GLN F 588 -37.45 30.22 38.01
CA GLN F 588 -37.86 31.29 37.12
C GLN F 588 -37.01 31.37 35.85
N ALA F 589 -35.90 30.64 35.79
CA ALA F 589 -34.95 30.78 34.68
C ALA F 589 -34.48 29.42 34.20
N GLN F 590 -34.74 29.12 32.93
CA GLN F 590 -34.27 27.87 32.35
C GLN F 590 -32.76 27.90 32.16
N ALA F 591 -32.18 26.71 32.02
CA ALA F 591 -30.78 26.62 31.65
C ALA F 591 -30.61 27.02 30.18
N GLN F 592 -29.77 28.02 29.96
CA GLN F 592 -29.54 28.54 28.62
C GLN F 592 -28.07 28.42 28.26
N THR F 593 -27.81 27.80 27.12
CA THR F 593 -26.47 27.61 26.61
C THR F 593 -26.37 28.24 25.24
N GLY F 594 -25.13 28.54 24.84
CA GLY F 594 -24.87 29.11 23.54
C GLY F 594 -23.53 28.60 23.04
N TRP F 595 -23.38 28.65 21.73
CA TRP F 595 -22.30 27.93 21.07
C TRP F 595 -20.97 28.64 21.33
N VAL F 596 -19.89 27.90 21.15
CA VAL F 596 -18.54 28.44 21.30
C VAL F 596 -17.92 28.49 19.90
N GLN F 597 -17.77 29.70 19.37
CA GLN F 597 -17.24 29.81 18.02
C GLN F 597 -15.72 29.77 18.00
N ASN F 598 -15.08 30.08 19.11
CA ASN F 598 -13.63 30.08 19.20
C ASN F 598 -13.24 29.75 20.63
N GLN F 599 -12.17 28.99 20.81
CA GLN F 599 -11.73 28.62 22.14
C GLN F 599 -10.22 28.74 22.21
N GLY F 600 -9.74 29.61 23.08
CA GLY F 600 -8.32 29.71 23.31
C GLY F 600 -7.79 28.48 23.99
N ILE F 601 -6.48 28.45 24.18
CA ILE F 601 -5.90 27.33 24.90
C ILE F 601 -6.39 27.33 26.33
N LEU F 602 -6.82 26.17 26.81
CA LEU F 602 -7.11 25.89 28.20
C LEU F 602 -6.20 24.76 28.66
N PRO F 603 -5.76 24.75 29.91
CA PRO F 603 -4.79 23.73 30.34
C PRO F 603 -5.33 22.33 30.12
N GLY F 604 -4.48 21.47 29.57
CA GLY F 604 -4.86 20.11 29.30
C GLY F 604 -5.18 19.79 27.87
N MET F 605 -5.45 20.80 27.04
CA MET F 605 -5.70 20.57 25.63
C MET F 605 -4.54 19.84 24.97
N VAL F 606 -4.89 18.90 24.10
CA VAL F 606 -3.93 18.25 23.22
C VAL F 606 -4.38 18.52 21.80
N TRP F 607 -3.42 18.57 20.89
CA TRP F 607 -3.77 18.81 19.49
C TRP F 607 -2.67 18.29 18.59
N GLN F 608 -3.03 18.07 17.34
CA GLN F 608 -2.09 17.74 16.28
C GLN F 608 -1.82 18.98 15.43
N ASP F 609 -0.54 19.16 15.08
CA ASP F 609 -0.15 20.27 14.24
C ASP F 609 -0.62 20.01 12.82
N ARG F 610 -0.41 20.97 11.93
CA ARG F 610 -0.86 20.78 10.57
C ARG F 610 0.13 19.96 9.77
N ASP F 611 -0.39 19.13 8.89
CA ASP F 611 0.39 18.19 8.12
C ASP F 611 1.27 18.92 7.11
N VAL F 612 2.37 18.26 6.72
CA VAL F 612 3.25 18.75 5.67
C VAL F 612 3.08 17.87 4.45
N TYR F 613 3.20 18.47 3.27
CA TYR F 613 2.95 17.79 2.02
C TYR F 613 4.19 17.80 1.15
N LEU F 614 4.19 16.93 0.14
CA LEU F 614 5.29 16.90 -0.81
C LEU F 614 5.50 18.28 -1.42
N GLN F 615 4.41 18.96 -1.76
CA GLN F 615 4.48 20.27 -2.36
C GLN F 615 4.66 21.39 -1.35
N GLY F 616 4.45 21.12 -0.07
CA GLY F 616 4.39 22.15 0.94
C GLY F 616 5.75 22.59 1.42
N PRO F 617 5.77 23.61 2.27
CA PRO F 617 7.03 24.16 2.75
C PRO F 617 7.65 23.32 3.85
N ILE F 618 8.94 23.57 4.11
CA ILE F 618 9.64 22.85 5.16
C ILE F 618 9.69 23.67 6.44
N TRP F 619 10.33 24.83 6.40
CA TRP F 619 10.61 25.59 7.61
C TRP F 619 10.12 27.03 7.47
N ALA F 620 10.11 27.72 8.61
CA ALA F 620 9.86 29.14 8.67
C ALA F 620 10.78 29.74 9.71
N LYS F 621 10.87 31.07 9.73
CA LYS F 621 11.59 31.76 10.79
C LYS F 621 10.60 32.26 11.82
N ILE F 622 10.73 31.77 13.04
CA ILE F 622 9.92 32.30 14.14
C ILE F 622 10.10 33.81 14.20
N PRO F 623 9.04 34.60 14.21
CA PRO F 623 9.20 36.03 14.44
C PRO F 623 9.94 36.27 15.75
N HIS F 624 10.72 37.34 15.78
CA HIS F 624 11.56 37.62 16.94
C HIS F 624 10.74 38.50 17.89
N THR F 625 10.33 37.93 19.00
CA THR F 625 9.50 38.65 19.96
C THR F 625 9.92 38.26 21.37
N ASP F 626 9.15 38.72 22.35
CA ASP F 626 9.38 38.30 23.72
C ASP F 626 8.77 36.94 23.98
N GLY F 627 7.60 36.68 23.41
CA GLY F 627 6.94 35.41 23.66
C GLY F 627 6.10 34.96 22.49
N ASN F 628 5.86 33.65 22.48
CA ASN F 628 5.07 32.99 21.47
C ASN F 628 4.54 31.70 22.08
N PHE F 629 3.53 31.12 21.45
CA PHE F 629 3.05 29.82 21.91
C PHE F 629 3.06 28.84 20.76
N HIS F 630 3.83 27.77 20.93
CA HIS F 630 3.89 26.66 19.99
C HIS F 630 4.30 27.22 18.64
N PRO F 631 5.54 27.63 18.49
CA PRO F 631 5.97 28.37 17.30
C PRO F 631 5.80 27.64 15.98
N SER F 632 5.49 26.35 16.01
CA SER F 632 5.33 25.59 14.79
C SER F 632 4.41 26.33 13.82
N PRO F 633 4.86 26.64 12.61
CA PRO F 633 4.11 27.54 11.75
C PRO F 633 2.81 26.93 11.29
N LEU F 634 1.85 27.80 10.99
CA LEU F 634 0.50 27.33 10.74
C LEU F 634 0.35 26.73 9.36
N MET F 635 1.31 26.92 8.46
CA MET F 635 1.22 26.25 7.16
C MET F 635 1.95 24.92 7.13
N GLY F 636 2.49 24.47 8.25
CA GLY F 636 3.17 23.20 8.30
C GLY F 636 4.68 23.36 8.27
N GLY F 637 5.34 22.42 8.90
CA GLY F 637 6.79 22.41 8.92
C GLY F 637 7.36 22.82 10.26
N PHE F 638 8.66 23.05 10.24
CA PHE F 638 9.46 23.16 11.45
C PHE F 638 9.78 24.64 11.69
N GLY F 639 9.15 25.24 12.70
CA GLY F 639 9.46 26.60 13.06
C GLY F 639 10.79 26.68 13.80
N MET F 640 11.61 27.64 13.42
CA MET F 640 12.96 27.76 13.95
C MET F 640 13.26 29.23 14.18
N LYS F 641 14.09 29.53 15.16
CA LYS F 641 14.59 30.89 15.30
C LYS F 641 15.82 31.14 14.45
N HIS F 642 16.43 30.09 13.92
CA HIS F 642 17.64 30.18 13.10
C HIS F 642 17.52 29.19 11.96
N PRO F 643 16.68 29.46 10.97
CA PRO F 643 16.49 28.52 9.86
C PRO F 643 17.72 28.53 8.96
N PRO F 644 17.69 27.83 7.83
CA PRO F 644 18.76 28.00 6.86
C PRO F 644 18.83 29.43 6.38
N PRO F 645 20.03 30.02 6.38
CA PRO F 645 20.17 31.42 6.00
C PRO F 645 19.78 31.63 4.55
N GLN F 646 19.21 32.80 4.28
CA GLN F 646 18.95 33.18 2.90
C GLN F 646 20.25 33.20 2.12
N ILE F 647 20.16 32.92 0.82
CA ILE F 647 21.29 32.99 -0.07
C ILE F 647 20.96 34.02 -1.12
N LEU F 648 21.66 35.15 -1.11
CA LEU F 648 21.39 36.25 -2.01
C LEU F 648 22.48 36.29 -3.09
N ILE F 649 22.09 36.73 -4.28
CA ILE F 649 22.97 36.67 -5.44
C ILE F 649 22.61 37.79 -6.40
N LYS F 650 23.61 38.30 -7.12
CA LYS F 650 23.36 39.24 -8.21
C LYS F 650 24.54 39.20 -9.18
N ASN F 651 24.31 39.75 -10.37
CA ASN F 651 25.38 40.00 -11.32
C ASN F 651 26.08 41.29 -10.96
N THR F 652 27.37 41.37 -11.21
CA THR F 652 28.11 42.60 -10.91
C THR F 652 27.84 43.62 -12.00
N PRO F 653 27.43 44.84 -11.67
CA PRO F 653 27.14 45.84 -12.71
C PRO F 653 28.39 46.27 -13.45
N VAL F 654 28.29 46.27 -14.78
CA VAL F 654 29.43 46.60 -15.64
C VAL F 654 29.42 48.07 -16.06
N THR F 672 22.93 44.71 -20.45
CA THR F 672 22.21 43.44 -20.48
C THR F 672 23.16 42.28 -20.28
N GLN F 673 22.97 41.56 -19.17
CA GLN F 673 23.88 40.50 -18.78
C GLN F 673 23.10 39.50 -17.93
N TYR F 674 23.48 38.22 -18.04
CA TYR F 674 22.86 37.21 -17.20
C TYR F 674 23.86 36.09 -16.97
N SER F 675 23.67 35.37 -15.88
CA SER F 675 24.59 34.31 -15.47
C SER F 675 23.82 33.03 -15.16
N THR F 676 24.50 31.91 -15.33
CA THR F 676 23.93 30.60 -15.05
C THR F 676 24.98 29.74 -14.35
N GLY F 677 24.53 28.62 -13.81
CA GLY F 677 25.41 27.80 -13.00
C GLY F 677 24.69 26.55 -12.55
N GLN F 678 25.19 25.95 -11.48
CA GLN F 678 24.58 24.75 -10.91
C GLN F 678 24.41 24.92 -9.41
N VAL F 679 23.20 24.75 -8.93
CA VAL F 679 22.92 24.75 -7.50
C VAL F 679 22.92 23.32 -7.02
N SER F 680 23.57 23.06 -5.89
CA SER F 680 23.51 21.76 -5.26
C SER F 680 23.26 21.91 -3.77
N VAL F 681 22.12 21.43 -3.30
CA VAL F 681 21.75 21.48 -1.90
C VAL F 681 21.70 20.05 -1.37
N GLU F 682 22.21 19.85 -0.16
CA GLU F 682 22.25 18.54 0.47
C GLU F 682 21.78 18.68 1.91
N ILE F 683 20.71 17.98 2.26
CA ILE F 683 20.19 17.99 3.62
C ILE F 683 20.28 16.58 4.18
N GLU F 684 20.64 16.48 5.46
CA GLU F 684 20.66 15.21 6.17
C GLU F 684 19.50 15.16 7.15
N TRP F 685 18.68 14.12 7.03
CA TRP F 685 17.43 13.99 7.75
C TRP F 685 17.56 12.89 8.79
N GLU F 686 16.78 12.99 9.85
CA GLU F 686 16.72 11.95 10.88
C GLU F 686 15.34 11.31 10.86
N LEU F 687 15.27 10.03 11.23
CA LEU F 687 14.04 9.26 11.09
C LEU F 687 13.67 8.56 12.39
N GLN F 688 12.39 8.56 12.71
CA GLN F 688 11.90 7.85 13.89
C GLN F 688 11.17 6.60 13.44
N LYS F 689 11.75 5.44 13.69
CA LYS F 689 11.24 4.19 13.15
C LYS F 689 9.96 3.75 13.85
N GLU F 690 9.25 2.87 13.16
CA GLU F 690 7.88 2.50 13.52
C GLU F 690 7.88 1.21 14.32
N ASN F 691 7.47 1.28 15.58
CA ASN F 691 7.58 0.20 16.55
C ASN F 691 6.29 -0.59 16.77
N SER F 692 5.20 -0.21 16.09
CA SER F 692 3.87 -0.66 16.47
C SER F 692 3.72 -2.18 16.44
N LYS F 693 2.86 -2.68 17.33
CA LYS F 693 2.50 -4.10 17.41
C LYS F 693 1.20 -4.42 16.69
N ARG F 694 0.62 -3.46 15.98
CA ARG F 694 -0.66 -3.64 15.33
C ARG F 694 -0.69 -4.92 14.50
N TRP F 695 -1.74 -5.72 14.69
CA TRP F 695 -1.77 -7.04 14.07
C TRP F 695 -2.19 -6.99 12.61
N ASN F 696 -3.17 -6.16 12.28
CA ASN F 696 -3.69 -6.10 10.93
C ASN F 696 -2.96 -5.04 10.10
N PRO F 697 -2.93 -5.19 8.78
CA PRO F 697 -2.05 -4.35 7.97
C PRO F 697 -2.44 -2.88 7.98
N GLU F 698 -1.41 -2.04 7.92
CA GLU F 698 -1.56 -0.59 7.93
C GLU F 698 -2.21 -0.09 6.66
N ILE F 699 -2.65 1.16 6.69
CA ILE F 699 -2.91 1.91 5.47
C ILE F 699 -1.60 2.45 4.94
N GLN F 700 -1.33 2.18 3.67
CA GLN F 700 -0.08 2.61 3.04
C GLN F 700 -0.42 3.46 1.82
N TYR F 701 0.54 4.22 1.34
CA TYR F 701 0.30 5.02 0.14
C TYR F 701 0.73 4.22 -1.08
N THR F 702 -0.24 3.84 -1.89
CA THR F 702 -0.01 2.99 -3.04
C THR F 702 -0.32 3.76 -4.29
N SER F 703 0.29 3.35 -5.39
CA SER F 703 -0.01 3.91 -6.70
C SER F 703 -0.96 2.95 -7.39
N ASN F 704 -2.13 3.46 -7.80
CA ASN F 704 -3.16 2.62 -8.37
C ASN F 704 -2.62 1.86 -9.57
N TYR F 705 -3.04 0.60 -9.71
CA TYR F 705 -2.55 -0.22 -10.80
C TYR F 705 -3.26 0.02 -12.11
N TYR F 706 -4.47 0.57 -12.09
CA TYR F 706 -5.28 0.62 -13.30
C TYR F 706 -4.59 1.40 -14.39
N LYS F 707 -4.72 0.93 -15.62
CA LYS F 707 -3.99 1.51 -16.75
C LYS F 707 -4.50 2.92 -17.06
N SER F 708 -3.66 3.71 -17.71
CA SER F 708 -4.01 5.09 -18.02
C SER F 708 -3.05 5.63 -19.07
N ASN F 709 -3.30 6.86 -19.51
CA ASN F 709 -2.58 7.40 -20.66
C ASN F 709 -1.16 7.79 -20.32
N ASN F 710 -0.91 8.19 -19.08
CA ASN F 710 0.44 8.50 -18.66
C ASN F 710 0.59 8.25 -17.17
N VAL F 711 1.79 7.85 -16.78
CA VAL F 711 2.05 7.47 -15.41
C VAL F 711 1.94 8.68 -14.50
N GLU F 712 1.49 8.47 -13.27
CA GLU F 712 1.50 9.55 -12.30
C GLU F 712 2.93 9.94 -11.96
N PHE F 713 3.12 11.23 -11.72
CA PHE F 713 4.43 11.78 -11.34
C PHE F 713 5.46 11.56 -12.43
N ALA F 714 5.07 11.80 -13.67
CA ALA F 714 6.00 11.62 -14.77
C ALA F 714 5.57 12.49 -15.95
N VAL F 715 6.50 12.69 -16.87
CA VAL F 715 6.29 13.62 -17.98
C VAL F 715 5.23 13.10 -18.92
N ASN F 716 4.67 14.00 -19.73
CA ASN F 716 3.74 13.62 -20.79
C ASN F 716 4.35 13.88 -22.16
N THR F 717 3.58 13.56 -23.20
CA THR F 717 4.09 13.54 -24.57
C THR F 717 4.70 14.87 -24.98
N GLU F 718 4.26 15.96 -24.38
CA GLU F 718 4.89 17.25 -24.62
C GLU F 718 6.16 17.41 -23.82
N GLY F 719 6.29 16.70 -22.71
CA GLY F 719 7.42 16.85 -21.81
C GLY F 719 7.14 17.63 -20.55
N VAL F 720 5.87 17.92 -20.23
CA VAL F 720 5.59 18.77 -19.08
C VAL F 720 5.37 17.92 -17.84
N TYR F 721 6.27 18.05 -16.88
CA TYR F 721 6.25 17.27 -15.65
C TYR F 721 5.03 17.69 -14.83
N SER F 722 4.44 16.75 -14.12
CA SER F 722 3.19 17.01 -13.42
C SER F 722 3.10 16.17 -12.17
N GLU F 723 2.52 16.76 -11.12
CA GLU F 723 2.22 16.07 -9.88
C GLU F 723 0.71 15.99 -9.72
N PRO F 724 0.15 14.79 -9.92
CA PRO F 724 -1.30 14.57 -9.85
C PRO F 724 -1.99 15.04 -8.57
N ARG F 725 -1.64 14.48 -7.42
CA ARG F 725 -2.31 14.88 -6.19
C ARG F 725 -1.37 15.16 -5.04
N PRO F 726 -1.84 15.96 -4.07
CA PRO F 726 -1.05 16.32 -2.90
C PRO F 726 -0.86 15.08 -2.06
N ILE F 727 0.30 14.96 -1.42
CA ILE F 727 0.57 13.80 -0.60
C ILE F 727 0.80 14.19 0.85
N GLY F 728 0.02 13.63 1.76
CA GLY F 728 0.16 13.91 3.18
C GLY F 728 1.24 13.01 3.74
N THR F 729 1.69 13.32 4.95
CA THR F 729 2.74 12.53 5.55
C THR F 729 2.20 11.50 6.54
N ARG F 730 0.88 11.52 6.77
CA ARG F 730 0.43 10.66 7.85
C ARG F 730 -0.36 9.48 7.26
N TYR F 731 0.34 8.37 7.04
CA TYR F 731 -0.32 7.11 6.74
C TYR F 731 -0.21 6.02 7.79
N LEU F 732 0.57 6.20 8.84
CA LEU F 732 0.65 5.16 9.84
C LEU F 732 -0.27 5.48 11.00
N THR F 733 -0.13 4.70 12.07
CA THR F 733 -1.01 4.82 13.23
C THR F 733 -0.20 4.74 14.52
N ARG F 734 -0.75 5.38 15.55
CA ARG F 734 -0.25 5.24 16.90
C ARG F 734 -1.39 5.38 17.89
N ASN F 735 -1.27 4.64 18.99
CA ASN F 735 -2.18 4.79 20.10
C ASN F 735 -2.18 6.24 20.56
N LEU F 736 -3.34 6.72 20.99
CA LEU F 736 -3.43 8.11 21.41
C LEU F 736 -2.71 8.32 22.73
N GLN G 1 -26.15 -7.62 4.59
CA GLN G 1 -26.98 -6.85 3.67
C GLN G 1 -26.14 -5.85 2.90
N VAL G 2 -26.46 -5.66 1.62
CA VAL G 2 -25.66 -4.86 0.72
C VAL G 2 -26.50 -3.70 0.21
N GLN G 3 -26.13 -2.50 0.64
CA GLN G 3 -26.83 -1.29 0.21
C GLN G 3 -25.98 -0.59 -0.84
N LEU G 4 -26.62 -0.12 -1.89
CA LEU G 4 -25.95 0.42 -3.07
C LEU G 4 -26.50 1.80 -3.35
N GLN G 5 -25.62 2.79 -3.39
CA GLN G 5 -26.02 4.17 -3.62
C GLN G 5 -25.27 4.72 -4.82
N GLU G 6 -26.00 5.40 -5.71
CA GLU G 6 -25.41 6.04 -6.87
C GLU G 6 -25.38 7.53 -6.63
N SER G 7 -24.38 8.19 -7.19
CA SER G 7 -24.25 9.63 -7.08
C SER G 7 -23.47 10.16 -8.27
N GLY G 8 -23.62 11.45 -8.53
CA GLY G 8 -23.03 12.10 -9.67
C GLY G 8 -23.95 13.21 -10.13
N PRO G 9 -23.66 13.81 -11.28
CA PRO G 9 -24.55 14.85 -11.79
C PRO G 9 -25.90 14.26 -12.20
N GLY G 10 -26.93 15.10 -12.11
CA GLY G 10 -28.23 14.68 -12.61
C GLY G 10 -28.58 15.36 -13.92
N LEU G 11 -27.70 16.23 -14.41
CA LEU G 11 -27.85 16.90 -15.68
C LEU G 11 -26.49 17.01 -16.34
N VAL G 12 -26.41 16.64 -17.61
CA VAL G 12 -25.15 16.66 -18.34
C VAL G 12 -25.40 17.26 -19.72
N LYS G 13 -24.47 18.10 -20.17
CA LYS G 13 -24.58 18.69 -21.49
C LYS G 13 -24.29 17.64 -22.55
N SER G 14 -25.03 17.70 -23.65
CA SER G 14 -24.83 16.74 -24.72
C SER G 14 -23.38 16.76 -25.19
N SER G 15 -22.88 15.58 -25.57
CA SER G 15 -21.49 15.39 -25.98
C SER G 15 -20.50 15.75 -24.86
N GLU G 16 -20.98 15.73 -23.62
CA GLU G 16 -20.12 15.79 -22.45
C GLU G 16 -20.18 14.45 -21.74
N THR G 17 -19.03 14.03 -21.21
CA THR G 17 -18.98 12.71 -20.59
C THR G 17 -19.90 12.64 -19.39
N LEU G 18 -20.52 11.48 -19.21
CA LEU G 18 -21.43 11.21 -18.09
C LEU G 18 -20.67 10.39 -17.06
N SER G 19 -20.80 10.76 -15.79
CA SER G 19 -20.09 10.02 -14.76
C SER G 19 -20.99 9.81 -13.55
N LEU G 20 -21.19 8.55 -13.18
CA LEU G 20 -21.89 8.16 -11.97
C LEU G 20 -20.94 7.30 -11.16
N THR G 21 -21.25 7.11 -9.88
CA THR G 21 -20.46 6.27 -9.02
C THR G 21 -21.36 5.53 -8.04
N CYS G 22 -21.03 4.28 -7.78
CA CYS G 22 -21.81 3.42 -6.90
C CYS G 22 -20.95 3.01 -5.73
N THR G 23 -21.32 3.43 -4.52
CA THR G 23 -20.55 3.15 -3.33
C THR G 23 -21.26 2.07 -2.52
N VAL G 24 -20.68 0.87 -2.51
CA VAL G 24 -21.34 -0.28 -1.93
C VAL G 24 -21.04 -0.40 -0.45
N SER G 25 -22.09 -0.43 0.36
CA SER G 25 -21.97 -0.58 1.80
C SER G 25 -22.50 -1.95 2.20
N GLY G 26 -21.77 -2.62 3.08
CA GLY G 26 -22.14 -3.95 3.52
C GLY G 26 -21.27 -5.07 3.02
N GLU G 27 -20.42 -4.82 2.03
CA GLU G 27 -19.45 -5.81 1.61
C GLU G 27 -18.13 -5.14 1.30
N SER G 28 -17.16 -5.92 0.88
CA SER G 28 -15.87 -5.36 0.53
C SER G 28 -15.61 -5.84 -0.86
N ILE G 29 -15.51 -4.94 -1.82
CA ILE G 29 -15.36 -5.34 -3.21
C ILE G 29 -14.14 -6.22 -3.45
N SER G 30 -13.03 -5.89 -2.81
CA SER G 30 -11.81 -6.67 -2.94
C SER G 30 -11.92 -8.11 -2.45
N SER G 31 -12.64 -8.33 -1.36
CA SER G 31 -12.76 -9.68 -0.80
C SER G 31 -14.12 -10.37 -0.90
N SER G 32 -15.08 -9.77 -1.58
CA SER G 32 -16.41 -10.35 -1.71
C SER G 32 -16.43 -11.42 -2.80
N SER G 33 -15.64 -11.23 -3.85
CA SER G 33 -15.52 -12.17 -4.97
C SER G 33 -16.81 -12.24 -5.80
N HIS G 34 -17.45 -11.10 -6.01
CA HIS G 34 -18.68 -11.04 -6.82
C HIS G 34 -18.54 -10.03 -7.93
N TYR G 35 -19.37 -10.14 -8.97
CA TYR G 35 -19.33 -9.20 -10.09
C TYR G 35 -20.22 -8.01 -9.80
N TRP G 36 -19.83 -6.84 -10.27
CA TRP G 36 -20.60 -5.64 -10.06
C TRP G 36 -20.89 -5.04 -11.41
N GLY G 37 -22.14 -4.64 -11.65
CA GLY G 37 -22.57 -4.30 -12.98
C GLY G 37 -23.61 -3.20 -12.98
N TRP G 38 -23.77 -2.60 -14.15
CA TRP G 38 -24.67 -1.49 -14.39
C TRP G 38 -25.75 -1.90 -15.37
N ILE G 39 -26.93 -1.34 -15.24
CA ILE G 39 -27.91 -1.35 -16.33
C ILE G 39 -28.62 0.00 -16.34
N ARG G 40 -29.37 0.23 -17.40
CA ARG G 40 -29.96 1.52 -17.67
C ARG G 40 -31.40 1.33 -18.13
N GLN G 41 -32.28 2.24 -17.73
CA GLN G 41 -33.70 2.12 -18.05
C GLN G 41 -34.18 3.35 -18.79
N PRO G 42 -34.09 3.39 -20.11
CA PRO G 42 -34.66 4.51 -20.84
C PRO G 42 -36.15 4.60 -20.58
N PRO G 43 -36.69 5.81 -20.43
CA PRO G 43 -37.98 5.98 -19.76
C PRO G 43 -39.10 5.16 -20.39
N GLY G 44 -39.85 4.47 -19.53
CA GLY G 44 -40.98 3.67 -19.97
C GLY G 44 -40.60 2.49 -20.84
N LYS G 45 -39.32 2.13 -20.85
CA LYS G 45 -38.85 1.03 -21.67
C LYS G 45 -38.06 -0.03 -20.89
N GLY G 46 -37.79 -1.16 -21.55
CA GLY G 46 -37.06 -2.25 -20.95
C GLY G 46 -35.61 -1.93 -20.61
N LEU G 47 -35.16 -2.47 -19.49
CA LEU G 47 -33.79 -2.26 -19.03
C LEU G 47 -32.81 -2.92 -19.98
N GLU G 48 -31.67 -2.29 -20.21
CA GLU G 48 -30.65 -2.88 -21.06
C GLU G 48 -29.32 -2.89 -20.33
N PHE G 49 -28.66 -4.04 -20.34
CA PHE G 49 -27.38 -4.21 -19.66
C PHE G 49 -26.30 -3.29 -20.22
N LEU G 50 -25.45 -2.76 -19.36
CA LEU G 50 -24.38 -1.88 -19.80
C LEU G 50 -23.02 -2.56 -19.73
N GLY G 51 -22.79 -3.26 -18.63
CA GLY G 51 -21.57 -4.05 -18.45
C GLY G 51 -21.36 -4.34 -16.99
N ASN G 52 -20.36 -5.18 -16.71
CA ASN G 52 -20.03 -5.49 -15.34
C ASN G 52 -18.52 -5.52 -15.17
N VAL G 53 -18.07 -5.52 -13.92
CA VAL G 53 -16.66 -5.46 -13.58
C VAL G 53 -16.37 -6.46 -12.47
N TYR G 54 -15.51 -7.43 -12.75
CA TYR G 54 -15.17 -8.45 -11.76
C TYR G 54 -14.20 -7.86 -10.75
N TYR G 55 -14.21 -8.41 -9.54
CA TYR G 55 -13.57 -7.71 -8.43
C TYR G 55 -12.08 -7.48 -8.64
N LEU G 56 -11.44 -8.23 -9.52
CA LEU G 56 -10.04 -8.01 -9.83
C LEU G 56 -9.82 -6.96 -10.90
N GLY G 57 -10.88 -6.36 -11.44
CA GLY G 57 -10.73 -5.29 -12.40
C GLY G 57 -11.09 -5.64 -13.82
N SER G 58 -11.24 -6.93 -14.15
CA SER G 58 -11.69 -7.30 -15.48
C SER G 58 -13.07 -6.74 -15.75
N THR G 59 -13.38 -6.52 -17.02
CA THR G 59 -14.56 -5.76 -17.39
C THR G 59 -15.17 -6.31 -18.66
N TYR G 60 -16.50 -6.36 -18.71
CA TYR G 60 -17.24 -6.69 -19.92
C TYR G 60 -18.13 -5.52 -20.28
N TYR G 61 -18.16 -5.16 -21.56
CA TYR G 61 -18.99 -4.06 -22.04
C TYR G 61 -20.05 -4.56 -22.99
N ASN G 62 -21.12 -3.83 -23.08
CA ASN G 62 -22.18 -4.24 -23.98
C ASN G 62 -21.89 -3.71 -25.39
N PRO G 63 -21.82 -4.57 -26.39
CA PRO G 63 -21.48 -4.11 -27.73
C PRO G 63 -22.47 -3.12 -28.31
N SER G 64 -23.73 -3.14 -27.86
CA SER G 64 -24.71 -2.20 -28.37
C SER G 64 -24.23 -0.76 -28.16
N LEU G 65 -23.96 -0.40 -26.92
CA LEU G 65 -23.16 0.77 -26.64
C LEU G 65 -21.85 0.61 -27.39
N GLU G 66 -21.46 1.59 -28.19
CA GLU G 66 -20.28 1.40 -29.01
C GLU G 66 -19.10 2.09 -28.33
N SER G 67 -18.33 1.27 -27.61
CA SER G 67 -17.12 1.63 -26.91
C SER G 67 -17.20 2.97 -26.20
N ARG G 68 -18.39 3.39 -25.80
CA ARG G 68 -18.50 4.62 -25.03
C ARG G 68 -18.27 4.37 -23.55
N VAL G 69 -18.88 3.31 -23.01
CA VAL G 69 -18.92 3.09 -21.58
C VAL G 69 -17.56 2.63 -21.11
N THR G 70 -17.17 3.05 -19.91
CA THR G 70 -15.97 2.56 -19.27
C THR G 70 -16.26 2.46 -17.78
N ILE G 71 -16.04 1.28 -17.20
CA ILE G 71 -16.38 1.00 -15.82
C ILE G 71 -15.09 0.90 -15.02
N LEU G 72 -14.82 1.89 -14.19
CA LEU G 72 -13.62 1.95 -13.39
C LEU G 72 -13.92 1.40 -12.02
N LEU G 73 -13.00 0.66 -11.45
CA LEU G 73 -13.19 0.03 -10.15
C LEU G 73 -12.20 0.64 -9.16
N ASP G 74 -12.71 1.42 -8.22
CA ASP G 74 -11.87 1.97 -7.17
C ASP G 74 -12.09 1.11 -5.95
N THR G 75 -11.13 0.25 -5.65
CA THR G 75 -11.38 -0.77 -4.65
C THR G 75 -11.16 -0.24 -3.25
N SER G 76 -10.24 0.73 -3.09
CA SER G 76 -9.90 1.18 -1.75
C SER G 76 -11.04 1.97 -1.13
N LYS G 77 -11.67 2.86 -1.89
CA LYS G 77 -12.84 3.56 -1.39
C LYS G 77 -14.11 2.73 -1.51
N ASN G 78 -14.00 1.51 -2.03
CA ASN G 78 -15.10 0.55 -2.10
C ASN G 78 -16.24 1.08 -2.94
N GLN G 79 -15.92 1.54 -4.13
CA GLN G 79 -16.93 2.07 -5.04
C GLN G 79 -16.43 1.91 -6.46
N PHE G 80 -17.35 1.83 -7.41
CA PHE G 80 -16.97 1.76 -8.81
C PHE G 80 -17.80 2.72 -9.63
N SER G 81 -17.20 3.23 -10.70
CA SER G 81 -17.72 4.37 -11.41
C SER G 81 -18.04 4.02 -12.84
N LEU G 82 -19.20 4.47 -13.32
CA LEU G 82 -19.56 4.36 -14.73
C LEU G 82 -19.23 5.66 -15.43
N LYS G 83 -18.61 5.56 -16.60
CA LYS G 83 -18.35 6.71 -17.44
C LYS G 83 -18.72 6.36 -18.85
N VAL G 84 -19.66 7.11 -19.43
CA VAL G 84 -20.06 6.94 -20.82
C VAL G 84 -19.76 8.26 -21.54
N ASN G 85 -19.20 8.16 -22.73
CA ASN G 85 -18.60 9.28 -23.44
C ASN G 85 -19.51 9.73 -24.57
N SER G 86 -19.38 11.01 -24.92
CA SER G 86 -20.14 11.62 -26.00
C SER G 86 -21.62 11.31 -25.83
N VAL G 87 -22.18 11.80 -24.74
CA VAL G 87 -23.58 11.58 -24.43
C VAL G 87 -24.48 12.28 -25.43
N THR G 88 -25.64 11.69 -25.65
CA THR G 88 -26.62 12.21 -26.60
C THR G 88 -27.96 12.32 -25.90
N VAL G 89 -28.94 12.89 -26.58
CA VAL G 89 -30.29 13.01 -26.02
C VAL G 89 -30.91 11.63 -25.74
N ALA G 90 -30.64 10.68 -26.63
CA ALA G 90 -31.14 9.32 -26.50
C ALA G 90 -30.65 8.64 -25.23
N ASP G 91 -29.42 8.90 -24.82
CA ASP G 91 -28.87 8.26 -23.63
C ASP G 91 -29.26 8.93 -22.30
N THR G 92 -30.55 8.95 -22.00
CA THR G 92 -31.04 9.48 -20.74
C THR G 92 -32.04 8.51 -20.15
N ALA G 93 -31.77 8.06 -18.92
CA ALA G 93 -32.63 7.14 -18.18
C ALA G 93 -32.13 7.02 -16.76
N VAL G 94 -32.77 6.17 -15.98
CA VAL G 94 -32.36 5.93 -14.60
C VAL G 94 -31.32 4.81 -14.61
N TYR G 95 -30.13 5.06 -14.08
CA TYR G 95 -29.04 4.10 -14.07
C TYR G 95 -29.00 3.36 -12.75
N TYR G 96 -29.17 2.05 -12.80
CA TYR G 96 -29.16 1.22 -11.61
C TYR G 96 -27.78 0.58 -11.44
N CYS G 97 -27.33 0.53 -10.20
CA CYS G 97 -26.15 -0.22 -9.80
C CYS G 97 -26.63 -1.57 -9.33
N ALA G 98 -25.83 -2.60 -9.50
CA ALA G 98 -26.24 -3.91 -9.03
C ALA G 98 -25.08 -4.83 -8.74
N ARG G 99 -25.33 -5.83 -7.93
CA ARG G 99 -24.32 -6.81 -7.61
C ARG G 99 -24.70 -7.92 -8.56
N HIS G 100 -23.82 -8.20 -9.49
CA HIS G 100 -24.06 -9.19 -10.51
C HIS G 100 -24.06 -10.64 -10.07
N GLY G 101 -23.55 -10.92 -8.89
CA GLY G 101 -23.45 -12.30 -8.45
C GLY G 101 -23.92 -12.81 -7.11
N ALA G 102 -24.03 -14.13 -7.08
CA ALA G 102 -24.40 -14.95 -5.94
C ALA G 102 -23.60 -16.27 -6.05
N GLY G 103 -23.65 -17.10 -5.01
CA GLY G 103 -22.95 -18.38 -5.00
C GLY G 103 -23.05 -19.19 -6.29
N SER G 104 -24.26 -19.57 -6.66
CA SER G 104 -24.52 -20.32 -7.89
C SER G 104 -24.58 -19.49 -9.16
N TYR G 105 -25.16 -18.30 -9.06
CA TYR G 105 -25.37 -17.45 -10.23
C TYR G 105 -24.50 -16.20 -10.33
N SER G 106 -23.26 -16.26 -9.89
CA SER G 106 -22.38 -15.09 -9.94
C SER G 106 -22.24 -14.58 -11.36
N GLY G 107 -22.30 -13.26 -11.51
CA GLY G 107 -22.20 -12.63 -12.82
C GLY G 107 -23.29 -13.00 -13.78
N LEU G 108 -24.50 -13.21 -13.26
CA LEU G 108 -25.63 -13.59 -14.08
C LEU G 108 -26.89 -12.78 -13.79
N PHE G 109 -27.45 -12.95 -12.60
CA PHE G 109 -28.70 -12.35 -12.19
C PHE G 109 -28.42 -11.28 -11.15
N PHE G 110 -29.21 -10.22 -11.13
CA PHE G 110 -28.84 -9.09 -10.28
C PHE G 110 -29.66 -9.13 -9.02
N ASP G 111 -29.05 -9.55 -7.91
CA ASP G 111 -29.85 -9.77 -6.72
C ASP G 111 -30.05 -8.49 -5.92
N TYR G 112 -29.00 -7.68 -5.78
CA TYR G 112 -29.08 -6.46 -4.99
C TYR G 112 -28.90 -5.26 -5.90
N TRP G 113 -29.78 -4.29 -5.75
CA TRP G 113 -29.95 -3.21 -6.70
C TRP G 113 -29.72 -1.87 -6.05
N GLY G 114 -29.29 -0.93 -6.84
CA GLY G 114 -29.17 0.42 -6.36
C GLY G 114 -30.51 1.05 -6.14
N GLN G 115 -30.47 2.23 -5.53
CA GLN G 115 -31.69 3.01 -5.33
C GLN G 115 -32.16 3.61 -6.64
N GLY G 116 -31.25 3.77 -7.58
CA GLY G 116 -31.49 4.37 -8.88
C GLY G 116 -30.93 5.77 -8.93
N ALA G 117 -30.50 6.18 -10.11
CA ALA G 117 -29.96 7.52 -10.33
C ALA G 117 -30.51 8.06 -11.64
N ARG G 118 -31.24 9.17 -11.56
CA ARG G 118 -31.76 9.85 -12.73
C ARG G 118 -30.64 10.65 -13.38
N VAL G 119 -30.49 10.52 -14.69
CA VAL G 119 -29.61 11.38 -15.46
C VAL G 119 -30.36 11.84 -16.69
N ILE G 120 -30.43 13.15 -16.87
CA ILE G 120 -31.10 13.74 -18.02
C ILE G 120 -30.04 14.45 -18.85
N VAL G 121 -29.78 13.91 -20.04
CA VAL G 121 -28.87 14.53 -20.99
C VAL G 121 -29.65 15.60 -21.74
N SER G 122 -29.12 16.81 -21.76
CA SER G 122 -29.83 17.93 -22.32
C SER G 122 -28.82 19.00 -22.75
N SER G 123 -29.30 19.94 -23.54
CA SER G 123 -28.48 21.05 -23.99
C SER G 123 -28.81 22.33 -23.22
N ASP H 1 -27.31 -10.44 -30.36
CA ASP H 1 -28.15 -10.47 -29.16
C ASP H 1 -29.23 -11.53 -29.29
N ILE H 2 -29.87 -11.83 -28.16
CA ILE H 2 -31.01 -12.74 -28.14
C ILE H 2 -32.23 -11.95 -27.70
N GLN H 3 -33.28 -11.96 -28.53
CA GLN H 3 -34.50 -11.24 -28.19
C GLN H 3 -35.19 -11.92 -27.02
N MET H 4 -36.06 -11.18 -26.35
CA MET H 4 -36.94 -11.72 -25.33
C MET H 4 -38.31 -11.08 -25.51
N THR H 5 -39.34 -11.91 -25.62
CA THR H 5 -40.70 -11.42 -25.82
C THR H 5 -41.63 -12.04 -24.78
N GLN H 6 -42.20 -11.20 -23.93
CA GLN H 6 -43.21 -11.65 -22.99
C GLN H 6 -44.58 -11.58 -23.65
N SER H 7 -45.30 -12.70 -23.67
CA SER H 7 -46.47 -12.77 -24.53
C SER H 7 -47.55 -11.77 -24.11
N PRO H 8 -48.10 -11.81 -22.89
CA PRO H 8 -48.99 -10.71 -22.51
C PRO H 8 -48.16 -9.45 -22.32
N SER H 9 -48.54 -8.39 -23.03
CA SER H 9 -47.90 -7.11 -22.77
C SER H 9 -48.55 -6.40 -21.60
N PHE H 10 -49.88 -6.42 -21.53
CA PHE H 10 -50.64 -5.85 -20.42
C PHE H 10 -51.70 -6.86 -20.04
N VAL H 11 -51.59 -7.43 -18.85
CA VAL H 11 -52.55 -8.42 -18.38
C VAL H 11 -53.28 -7.80 -17.20
N SER H 12 -54.56 -7.51 -17.39
CA SER H 12 -55.35 -6.98 -16.29
C SER H 12 -56.05 -8.15 -15.61
N ALA H 13 -55.59 -8.48 -14.40
CA ALA H 13 -56.15 -9.56 -13.61
C ALA H 13 -56.15 -9.13 -12.16
N SER H 14 -57.32 -9.22 -11.52
CA SER H 14 -57.48 -8.61 -10.21
C SER H 14 -57.09 -9.58 -9.11
N VAL H 15 -57.43 -9.19 -7.87
CA VAL H 15 -56.92 -9.87 -6.70
C VAL H 15 -57.49 -11.28 -6.61
N GLY H 16 -56.66 -12.22 -6.16
CA GLY H 16 -57.09 -13.57 -5.90
C GLY H 16 -56.99 -14.48 -7.10
N ASP H 17 -57.01 -13.87 -8.29
CA ASP H 17 -57.02 -14.64 -9.52
C ASP H 17 -55.60 -15.02 -9.93
N ARG H 18 -55.42 -16.27 -10.31
CA ARG H 18 -54.11 -16.74 -10.71
C ARG H 18 -53.69 -16.11 -12.03
N VAL H 19 -52.43 -15.72 -12.11
CA VAL H 19 -51.88 -15.05 -13.29
C VAL H 19 -50.63 -15.82 -13.69
N ASN H 20 -50.37 -15.87 -14.99
CA ASN H 20 -49.15 -16.46 -15.51
C ASN H 20 -48.59 -15.61 -16.63
N ILE H 21 -47.32 -15.25 -16.50
CA ILE H 21 -46.63 -14.43 -17.49
C ILE H 21 -45.59 -15.28 -18.20
N THR H 22 -45.62 -15.30 -19.52
CA THR H 22 -44.67 -16.12 -20.27
C THR H 22 -43.80 -15.33 -21.22
N CYS H 23 -42.50 -15.60 -21.19
CA CYS H 23 -41.55 -14.92 -22.07
C CYS H 23 -40.68 -15.95 -22.77
N ARG H 24 -40.62 -15.89 -24.09
CA ARG H 24 -39.86 -16.86 -24.87
C ARG H 24 -38.58 -16.29 -25.44
N ALA H 25 -37.47 -16.96 -25.15
CA ALA H 25 -36.18 -16.53 -25.66
C ALA H 25 -36.13 -16.80 -27.15
N SER H 26 -35.39 -15.97 -27.88
CA SER H 26 -35.25 -16.13 -29.33
C SER H 26 -34.62 -17.46 -29.67
N GLN H 27 -33.60 -17.84 -28.91
CA GLN H 27 -32.89 -19.10 -29.07
C GLN H 27 -32.76 -19.76 -27.70
N GLY H 28 -32.59 -21.07 -27.67
CA GLY H 28 -32.46 -21.80 -26.43
C GLY H 28 -31.47 -21.20 -25.43
N ILE H 29 -31.92 -20.94 -24.21
CA ILE H 29 -31.09 -20.33 -23.19
C ILE H 29 -30.65 -21.33 -22.12
N ASN H 30 -30.94 -22.60 -22.35
CA ASN H 30 -30.61 -23.69 -21.44
C ASN H 30 -31.08 -23.46 -20.01
N SER H 31 -32.32 -23.02 -19.87
CA SER H 31 -32.98 -22.76 -18.59
C SER H 31 -32.32 -21.74 -17.68
N TRP H 32 -31.67 -20.73 -18.25
CA TRP H 32 -31.07 -19.67 -17.46
C TRP H 32 -32.03 -18.50 -17.58
N LEU H 33 -32.60 -18.09 -16.46
CA LEU H 33 -33.60 -17.04 -16.47
C LEU H 33 -33.52 -16.25 -15.17
N ALA H 34 -34.27 -15.15 -15.09
CA ALA H 34 -34.33 -14.32 -13.88
C ALA H 34 -35.52 -13.40 -13.96
N TRP H 35 -36.63 -13.75 -13.33
CA TRP H 35 -37.77 -12.86 -13.38
C TRP H 35 -37.56 -11.73 -12.37
N TYR H 36 -37.97 -10.53 -12.74
CA TYR H 36 -37.81 -9.37 -11.89
C TYR H 36 -39.17 -8.72 -11.67
N GLN H 37 -39.23 -7.84 -10.67
CA GLN H 37 -40.46 -7.13 -10.34
C GLN H 37 -40.12 -5.67 -10.11
N GLN H 38 -40.76 -4.77 -10.84
CA GLN H 38 -40.53 -3.35 -10.65
C GLN H 38 -41.83 -2.66 -10.28
N LYS H 39 -41.93 -2.20 -9.04
CA LYS H 39 -42.98 -1.27 -8.69
C LYS H 39 -42.60 0.11 -9.18
N PRO H 40 -43.59 0.96 -9.51
CA PRO H 40 -43.28 2.15 -10.29
C PRO H 40 -42.27 3.06 -9.61
N GLY H 41 -41.21 3.37 -10.35
CA GLY H 41 -40.21 4.35 -9.96
C GLY H 41 -39.08 3.80 -9.11
N LYS H 42 -39.32 2.73 -8.38
CA LYS H 42 -38.26 2.06 -7.64
C LYS H 42 -37.52 1.07 -8.53
N ALA H 43 -36.29 0.77 -8.15
CA ALA H 43 -35.49 -0.20 -8.89
C ALA H 43 -36.12 -1.59 -8.81
N PRO H 44 -35.95 -2.42 -9.83
CA PRO H 44 -36.50 -3.76 -9.78
C PRO H 44 -35.85 -4.60 -8.70
N LYS H 45 -36.50 -5.72 -8.38
CA LYS H 45 -35.97 -6.66 -7.41
C LYS H 45 -36.18 -8.08 -7.91
N LEU H 46 -35.17 -8.91 -7.72
CA LEU H 46 -35.17 -10.26 -8.29
C LEU H 46 -36.25 -11.10 -7.63
N LEU H 47 -36.76 -12.09 -8.36
CA LEU H 47 -37.82 -12.95 -7.83
C LEU H 47 -37.47 -14.41 -7.97
N ILE H 48 -37.21 -14.83 -9.19
CA ILE H 48 -36.83 -16.20 -9.44
C ILE H 48 -35.52 -16.23 -10.19
N TYR H 49 -34.56 -16.99 -9.67
CA TYR H 49 -33.27 -17.12 -10.35
C TYR H 49 -33.21 -18.49 -10.99
N SER H 50 -32.33 -18.64 -11.97
CA SER H 50 -32.18 -19.87 -12.74
C SER H 50 -33.54 -20.17 -13.36
N ALA H 51 -34.04 -21.38 -13.23
CA ALA H 51 -35.35 -21.63 -13.84
C ALA H 51 -36.51 -21.58 -12.87
N SER H 52 -36.42 -22.31 -11.77
CA SER H 52 -37.51 -22.36 -10.80
C SER H 52 -37.13 -22.02 -9.36
N SER H 53 -35.85 -21.85 -9.08
CA SER H 53 -35.40 -21.56 -7.72
C SER H 53 -35.78 -20.18 -7.18
N LEU H 54 -36.62 -20.15 -6.15
CA LEU H 54 -37.08 -18.90 -5.51
C LEU H 54 -36.02 -18.19 -4.69
N GLN H 55 -36.07 -16.86 -4.70
CA GLN H 55 -35.17 -16.04 -3.89
C GLN H 55 -35.57 -16.10 -2.43
N SER H 56 -34.63 -15.86 -1.53
CA SER H 56 -34.92 -15.92 -0.10
C SER H 56 -35.97 -14.90 0.34
N GLY H 57 -35.84 -13.67 -0.13
CA GLY H 57 -36.77 -12.62 0.24
C GLY H 57 -38.20 -12.78 -0.23
N VAL H 58 -38.39 -13.22 -1.46
CA VAL H 58 -39.70 -13.36 -2.07
C VAL H 58 -40.61 -14.40 -1.44
N PRO H 59 -41.92 -14.11 -1.40
CA PRO H 59 -43.00 -14.93 -0.87
C PRO H 59 -43.23 -16.18 -1.71
N SER H 60 -43.60 -17.27 -1.07
CA SER H 60 -43.83 -18.55 -1.73
C SER H 60 -44.73 -18.52 -2.98
N ARG H 61 -45.68 -17.60 -3.02
CA ARG H 61 -46.59 -17.53 -4.17
C ARG H 61 -45.95 -17.50 -5.57
N PHE H 62 -44.84 -16.79 -5.75
CA PHE H 62 -44.20 -16.76 -7.06
C PHE H 62 -43.56 -18.09 -7.42
N SER H 63 -43.76 -18.54 -8.65
CA SER H 63 -43.19 -19.80 -9.12
C SER H 63 -43.10 -19.84 -10.65
N GLY H 64 -42.28 -20.74 -11.18
CA GLY H 64 -42.14 -20.85 -12.62
C GLY H 64 -41.16 -21.93 -13.05
N SER H 65 -41.51 -22.69 -14.08
CA SER H 65 -40.63 -23.75 -14.54
C SER H 65 -40.43 -23.63 -16.04
N GLY H 66 -39.21 -23.34 -16.45
CA GLY H 66 -38.89 -23.27 -17.86
C GLY H 66 -38.45 -24.57 -18.48
N SER H 67 -38.84 -24.78 -19.73
CA SER H 67 -38.36 -25.93 -20.47
C SER H 67 -37.13 -25.58 -21.29
N GLY H 68 -36.72 -24.32 -21.24
CA GLY H 68 -35.53 -23.82 -21.89
C GLY H 68 -35.75 -23.02 -23.16
N THR H 69 -36.83 -23.25 -23.89
CA THR H 69 -37.32 -22.27 -24.85
C THR H 69 -38.59 -21.57 -24.39
N ASP H 70 -39.20 -22.01 -23.29
CA ASP H 70 -40.48 -21.50 -22.83
C ASP H 70 -40.37 -21.27 -21.33
N PHE H 71 -40.95 -20.17 -20.84
CA PHE H 71 -40.82 -19.82 -19.44
C PHE H 71 -42.10 -19.14 -18.99
N THR H 72 -42.52 -19.42 -17.76
CA THR H 72 -43.74 -18.85 -17.21
C THR H 72 -43.52 -18.48 -15.77
N LEU H 73 -44.01 -17.31 -15.39
CA LEU H 73 -44.02 -16.86 -14.00
C LEU H 73 -45.46 -16.85 -13.52
N THR H 74 -45.82 -17.81 -12.68
CA THR H 74 -47.18 -17.94 -12.20
C THR H 74 -47.29 -17.28 -10.84
N ILE H 75 -48.03 -16.18 -10.78
CA ILE H 75 -48.32 -15.53 -9.51
C ILE H 75 -49.61 -16.12 -9.00
N SER H 76 -49.52 -16.93 -7.95
CA SER H 76 -50.65 -17.66 -7.43
C SER H 76 -51.23 -16.90 -6.25
N THR H 77 -52.56 -16.81 -6.21
CA THR H 77 -53.25 -16.08 -5.15
C THR H 77 -52.74 -14.64 -5.09
N LEU H 78 -52.87 -13.95 -6.21
CA LEU H 78 -52.31 -12.61 -6.33
C LEU H 78 -52.87 -11.69 -5.25
N GLN H 79 -51.99 -11.13 -4.44
CA GLN H 79 -52.40 -10.19 -3.43
C GLN H 79 -52.28 -8.76 -3.97
N PRO H 80 -53.02 -7.82 -3.39
CA PRO H 80 -52.96 -6.44 -3.90
C PRO H 80 -51.59 -5.81 -3.75
N GLU H 81 -50.71 -6.41 -2.95
CA GLU H 81 -49.44 -5.74 -2.64
C GLU H 81 -48.58 -5.57 -3.89
N ASP H 82 -48.69 -6.49 -4.84
CA ASP H 82 -47.90 -6.42 -6.07
C ASP H 82 -48.79 -6.25 -7.29
N PHE H 83 -48.81 -5.02 -7.81
CA PHE H 83 -49.17 -4.73 -9.19
C PHE H 83 -47.95 -4.05 -9.78
N ALA H 84 -47.24 -4.72 -10.67
CA ALA H 84 -45.97 -4.18 -11.13
C ALA H 84 -45.65 -4.81 -12.46
N THR H 85 -44.73 -4.18 -13.19
CA THR H 85 -44.24 -4.79 -14.41
C THR H 85 -43.37 -5.97 -14.04
N TYR H 86 -43.21 -6.91 -14.96
CA TYR H 86 -42.37 -8.07 -14.75
C TYR H 86 -41.47 -8.29 -15.96
N TYR H 87 -40.18 -8.41 -15.71
CA TYR H 87 -39.19 -8.58 -16.75
C TYR H 87 -38.59 -9.97 -16.62
N CYS H 88 -38.04 -10.50 -17.71
CA CYS H 88 -37.26 -11.72 -17.62
C CYS H 88 -35.87 -11.41 -18.17
N GLN H 89 -34.88 -12.17 -17.72
CA GLN H 89 -33.49 -12.02 -18.10
C GLN H 89 -32.91 -13.34 -18.53
N GLN H 90 -32.12 -13.32 -19.59
CA GLN H 90 -31.34 -14.48 -19.97
C GLN H 90 -29.97 -14.39 -19.31
N ALA H 91 -29.49 -15.52 -18.80
CA ALA H 91 -28.10 -15.60 -18.42
C ALA H 91 -27.24 -16.35 -19.40
N ASN H 92 -27.82 -16.89 -20.48
CA ASN H 92 -27.09 -17.88 -21.26
C ASN H 92 -25.88 -17.28 -21.94
N SER H 93 -26.07 -16.23 -22.73
CA SER H 93 -24.96 -15.71 -23.49
C SER H 93 -24.98 -14.20 -23.48
N PHE H 94 -23.79 -13.61 -23.37
CA PHE H 94 -23.63 -12.17 -23.48
C PHE H 94 -24.13 -11.66 -24.80
N PRO H 95 -24.71 -10.45 -24.82
CA PRO H 95 -25.12 -9.58 -23.72
C PRO H 95 -26.45 -9.99 -23.07
N TYR H 96 -26.56 -9.78 -21.76
CA TYR H 96 -27.79 -10.13 -21.06
C TYR H 96 -28.89 -9.17 -21.46
N THR H 97 -30.11 -9.68 -21.63
CA THR H 97 -31.16 -8.93 -22.27
C THR H 97 -32.47 -9.09 -21.53
N PHE H 98 -33.11 -7.97 -21.19
CA PHE H 98 -34.38 -8.02 -20.48
C PHE H 98 -35.52 -7.67 -21.43
N GLY H 99 -36.32 -8.67 -21.76
CA GLY H 99 -37.39 -8.41 -22.71
C GLY H 99 -38.53 -7.56 -22.19
N GLN H 100 -38.84 -6.48 -22.90
CA GLN H 100 -40.09 -5.75 -22.79
C GLN H 100 -40.51 -5.52 -21.35
N GLY H 101 -41.79 -5.74 -21.07
CA GLY H 101 -42.26 -5.83 -19.71
C GLY H 101 -43.71 -6.25 -19.71
N THR H 102 -44.11 -6.90 -18.63
CA THR H 102 -45.49 -7.36 -18.49
C THR H 102 -46.12 -6.59 -17.34
N LYS H 103 -46.98 -5.64 -17.67
CA LYS H 103 -47.65 -4.88 -16.65
C LYS H 103 -48.92 -5.61 -16.24
N VAL H 104 -49.08 -5.84 -14.95
CA VAL H 104 -50.20 -6.61 -14.43
C VAL H 104 -51.05 -5.67 -13.59
N ASP H 105 -52.34 -5.96 -13.49
CA ASP H 105 -53.29 -5.03 -12.89
C ASP H 105 -54.17 -5.71 -11.85
#